data_4QD2
#
_entry.id   4QD2
#
_cell.length_a   86.990
_cell.length_b   95.730
_cell.length_c   96.140
_cell.angle_alpha   116.89
_cell.angle_beta   96.34
_cell.angle_gamma   93.70
#
_symmetry.space_group_name_H-M   'P 1'
#
loop_
_entity.id
_entity.type
_entity.pdbx_description
1 polymer 'Hemagglutinin component HA33'
2 polymer 'Hemagglutinin component HA17'
3 polymer 'Hemagglutinin component HA70'
4 polymer Cadherin-1
5 non-polymer 'CALCIUM ION'
6 water water
#
loop_
_entity_poly.entity_id
_entity_poly.type
_entity_poly.pdbx_seq_one_letter_code
_entity_poly.pdbx_strand_id
1 'polypeptide(L)'
;EHYSVIQNSLNDKIVTISCKADTNLFFYQVAGNVSLFQQTRNYLERWRLIYDSNKAAYKIKSMDIHNTNLVLTWNAPTHN
ISTQQDSNADNQYWLLLKDIGNNSFIIASYKNPNLVLYADTVARNLKLSTLNNSNYIKFIIEDYIISDLNNFTCKISPIL
DLNKVVQQVDVTNLNVNLYTWDYGRNQKWTIRYNEEKAAYQFFNTILSNGVLTWIFSNGNTVRVSSSNDQNNDAQYWLIN
PVSDTDETYTITNLRDTTKALDLYGGQTANGTAIQVFNYHGDDNQKWNIRNPPGSA
;
D,C,I,H
2 'polypeptide(L)'
;GPSVERTFLPNGNYNIKSIFSGSLYLNPVSKSLTFSNESSANNQKWNVEYMAENRCFKISNVAEPNKYLSYDNFGFISLD
SLSNRCYWFPIKIAVNTYIMLSLNKVNELDYAWDIYDTNENILSQPLLLLPNFDIYNSNQMFKLEKI
;
B,G
3 'polypeptide(L)'
;GPLGSPSENIQEINTAISDNYTYNIPGIVNNNPFYILFTVNTTGIYKINAQNNLPSLKIYEAIGSGNRNFQSGNLCDDDI
KAINYITGFDSPNAKSYLVVLLNKDKNYYIRVPQTSSNIENQIQFKREEGDLRNLMNSSVNIIDNLNSTGAHYYTRQSPD
VHDYISYEFTIPGNFNNKDTSNIRLYTSYNQGIGTLFRVTETIDGYNLINIQQNLHLLNNTNSIRLLNGAIYILKVEVTE
LNNYNIRLHIDITN
;
A,F
4 'polypeptide(L)'
;DWVIPPISCPENEKGEFPKNLVQIKSNRDKETKVFYSITGQGADKPPVGVFIIERETGWLKVTQPLDREAIAKYILYSHA
VSSNGEAVEDPMEIVITVTDQNDNRPEFTQEVFEGSVAEGAVPGTSVMKVSATDADDDVNTYNAAIAYTIVSQDPELPHK
NMFTVNRDTGVISVLTSGLDRESYPTYTLVVQAADLQGEGLSTTAKAVITVKD
;
E,J
#
# COMPACT_ATOMS: atom_id res chain seq x y z
N ASN A 8 18.10 6.60 -1.27
CA ASN A 8 18.20 7.14 -2.62
C ASN A 8 18.74 6.13 -3.62
N SER A 9 20.06 5.93 -3.58
CA SER A 9 20.73 5.06 -4.55
C SER A 9 20.62 3.57 -4.19
N LEU A 10 20.04 3.27 -3.05
CA LEU A 10 19.88 1.87 -2.63
C LEU A 10 18.42 1.44 -2.59
N ASN A 11 17.54 2.25 -3.15
CA ASN A 11 16.12 1.94 -3.15
C ASN A 11 15.76 0.79 -4.08
N ASP A 12 15.05 -0.20 -3.53
CA ASP A 12 14.66 -1.41 -4.25
C ASP A 12 15.85 -2.24 -4.72
N LYS A 13 16.99 -2.06 -4.08
CA LYS A 13 18.16 -2.88 -4.35
C LYS A 13 18.09 -4.16 -3.53
N ILE A 14 18.23 -5.29 -4.21
CA ILE A 14 18.26 -6.58 -3.53
C ILE A 14 19.69 -6.90 -3.14
N VAL A 15 19.91 -7.11 -1.85
CA VAL A 15 21.26 -7.27 -1.31
C VAL A 15 21.31 -8.39 -0.29
N THR A 16 22.53 -8.85 0.02
CA THR A 16 22.74 -9.72 1.17
C THR A 16 23.43 -8.90 2.24
N ILE A 17 23.17 -9.24 3.51
CA ILE A 17 23.80 -8.54 4.61
C ILE A 17 24.60 -9.50 5.48
N SER A 18 25.90 -9.27 5.54
CA SER A 18 26.78 -10.15 6.32
C SER A 18 27.53 -9.39 7.41
N CYS A 19 28.16 -10.13 8.30
CA CYS A 19 28.76 -9.55 9.51
C CYS A 19 30.23 -9.24 9.33
N LYS A 20 30.65 -8.06 9.77
CA LYS A 20 32.05 -7.69 9.77
C LYS A 20 32.79 -8.51 10.82
N ALA A 21 32.09 -8.82 11.90
CA ALA A 21 32.66 -9.62 12.97
C ALA A 21 32.95 -11.05 12.52
N ASP A 22 32.27 -11.48 11.47
CA ASP A 22 32.50 -12.79 10.85
C ASP A 22 31.87 -12.83 9.46
N THR A 23 32.69 -12.62 8.43
CA THR A 23 32.21 -12.45 7.06
C THR A 23 31.56 -13.69 6.45
N ASN A 24 31.52 -14.78 7.21
CA ASN A 24 30.85 -16.00 6.75
C ASN A 24 29.38 -16.06 7.16
N LEU A 25 28.96 -15.13 8.02
CA LEU A 25 27.60 -15.14 8.55
C LEU A 25 26.70 -14.11 7.85
N PHE A 26 25.58 -14.57 7.32
CA PHE A 26 24.65 -13.72 6.57
C PHE A 26 23.31 -13.65 7.28
N PHE A 27 22.61 -12.53 7.09
CA PHE A 27 21.25 -12.38 7.59
C PHE A 27 20.37 -13.42 6.92
N TYR A 28 19.77 -14.32 7.71
CA TYR A 28 19.01 -15.43 7.16
C TYR A 28 17.62 -15.49 7.76
N GLN A 29 16.61 -15.55 6.90
CA GLN A 29 15.22 -15.53 7.34
C GLN A 29 14.57 -16.91 7.24
N VAL A 30 14.21 -17.48 8.39
CA VAL A 30 13.60 -18.80 8.43
C VAL A 30 12.44 -18.84 9.43
N ALA A 31 11.27 -19.22 8.94
CA ALA A 31 10.06 -19.32 9.75
C ALA A 31 9.75 -18.04 10.53
N GLY A 32 10.12 -16.90 9.94
CA GLY A 32 9.89 -15.61 10.57
C GLY A 32 11.04 -15.16 11.43
N ASN A 33 11.91 -16.10 11.82
CA ASN A 33 13.07 -15.77 12.63
C ASN A 33 14.18 -15.19 11.76
N VAL A 34 15.13 -14.52 12.40
CA VAL A 34 16.32 -14.05 11.71
C VAL A 34 17.57 -14.56 12.40
N SER A 35 18.36 -15.35 11.69
CA SER A 35 19.60 -15.85 12.26
C SER A 35 20.81 -15.49 11.40
N LEU A 36 21.99 -15.57 12.01
CA LEU A 36 23.24 -15.41 11.27
C LEU A 36 23.67 -16.80 10.80
N PHE A 37 23.63 -17.01 9.49
CA PHE A 37 23.86 -18.34 8.92
C PHE A 37 24.93 -18.31 7.83
N GLN A 38 25.47 -19.48 7.50
CA GLN A 38 26.46 -19.63 6.44
C GLN A 38 25.89 -19.17 5.09
N GLN A 39 26.78 -18.78 4.18
CA GLN A 39 26.38 -18.33 2.85
C GLN A 39 25.64 -19.42 2.07
N THR A 40 24.40 -19.13 1.70
CA THR A 40 23.56 -20.11 1.00
C THR A 40 23.37 -19.78 -0.48
N ARG A 41 23.57 -18.52 -0.83
CA ARG A 41 23.42 -18.05 -2.22
C ARG A 41 22.01 -18.26 -2.76
N ASN A 42 21.02 -18.19 -1.87
CA ASN A 42 19.62 -18.28 -2.27
C ASN A 42 18.84 -17.06 -1.76
N TYR A 43 17.54 -17.01 -2.04
CA TYR A 43 16.75 -15.82 -1.75
C TYR A 43 16.45 -15.59 -0.27
N LEU A 44 16.67 -16.60 0.56
CA LEU A 44 16.41 -16.48 2.00
C LEU A 44 17.46 -15.64 2.71
N GLU A 45 18.52 -15.28 1.98
CA GLU A 45 19.55 -14.37 2.49
C GLU A 45 19.57 -13.08 1.68
N ARG A 46 18.56 -12.91 0.84
CA ARG A 46 18.42 -11.70 0.05
C ARG A 46 17.37 -10.79 0.64
N TRP A 47 17.67 -9.49 0.66
CA TRP A 47 16.78 -8.51 1.24
C TRP A 47 16.63 -7.31 0.32
N ARG A 48 15.40 -6.84 0.16
CA ARG A 48 15.15 -5.64 -0.64
C ARG A 48 15.10 -4.41 0.26
N LEU A 49 15.87 -3.39 -0.10
CA LEU A 49 15.90 -2.14 0.64
C LEU A 49 14.83 -1.20 0.08
N ILE A 50 13.85 -0.87 0.92
CA ILE A 50 12.75 -0.02 0.50
C ILE A 50 12.84 1.34 1.18
N TYR A 51 13.11 2.37 0.40
CA TYR A 51 13.37 3.70 0.93
C TYR A 51 12.10 4.49 1.20
N ASP A 52 12.11 5.29 2.25
CA ASP A 52 11.04 6.25 2.51
C ASP A 52 11.63 7.66 2.50
N SER A 53 11.17 8.48 1.56
CA SER A 53 11.70 9.83 1.38
C SER A 53 11.45 10.74 2.59
N ASN A 54 10.35 10.50 3.29
CA ASN A 54 9.98 11.32 4.44
C ASN A 54 10.79 10.95 5.68
N LYS A 55 10.98 9.66 5.89
CA LYS A 55 11.73 9.16 7.05
C LYS A 55 13.23 9.21 6.81
N ALA A 56 13.60 9.25 5.53
CA ALA A 56 15.00 9.12 5.12
C ALA A 56 15.58 7.84 5.72
N ALA A 57 14.77 6.79 5.71
CA ALA A 57 15.14 5.51 6.30
C ALA A 57 14.64 4.36 5.42
N TYR A 58 15.09 3.14 5.75
CA TYR A 58 14.84 1.99 4.89
C TYR A 58 14.12 0.86 5.62
N LYS A 59 13.20 0.20 4.91
CA LYS A 59 12.69 -1.08 5.35
C LYS A 59 13.55 -2.18 4.72
N ILE A 60 13.79 -3.25 5.48
CA ILE A 60 14.58 -4.37 5.00
C ILE A 60 13.69 -5.60 4.83
N LYS A 61 13.22 -5.82 3.61
CA LYS A 61 12.21 -6.83 3.33
C LYS A 61 12.82 -8.12 2.79
N SER A 62 12.38 -9.25 3.33
CA SER A 62 12.88 -10.55 2.90
C SER A 62 12.33 -10.95 1.54
N MET A 63 13.17 -11.59 0.73
CA MET A 63 12.78 -12.01 -0.61
C MET A 63 12.28 -13.45 -0.64
N ASP A 64 11.80 -13.93 0.51
CA ASP A 64 11.14 -15.23 0.60
C ASP A 64 9.94 -15.21 -0.34
N ILE A 65 9.85 -16.22 -1.20
CA ILE A 65 8.82 -16.27 -2.23
C ILE A 65 7.46 -16.73 -1.71
N HIS A 66 7.46 -17.39 -0.55
CA HIS A 66 6.22 -17.89 0.04
C HIS A 66 5.68 -16.93 1.10
N ASN A 67 6.54 -16.02 1.53
CA ASN A 67 6.18 -15.02 2.53
C ASN A 67 6.69 -13.65 2.11
N THR A 68 5.91 -12.97 1.27
CA THR A 68 6.40 -11.79 0.54
C THR A 68 6.29 -10.47 1.30
N ASN A 69 5.79 -10.51 2.53
CA ASN A 69 5.68 -9.28 3.32
C ASN A 69 6.28 -9.37 4.71
N LEU A 70 7.50 -9.89 4.79
CA LEU A 70 8.23 -9.96 6.04
C LEU A 70 9.38 -8.96 6.05
N VAL A 71 9.43 -8.10 7.06
CA VAL A 71 10.48 -7.09 7.15
C VAL A 71 11.22 -7.17 8.49
N LEU A 72 12.50 -6.79 8.45
CA LEU A 72 13.32 -6.77 9.66
C LEU A 72 12.69 -5.88 10.73
N THR A 73 12.37 -6.47 11.88
CA THR A 73 11.63 -5.76 12.91
C THR A 73 12.27 -5.85 14.30
N TRP A 74 12.29 -4.72 15.00
CA TRP A 74 12.74 -4.65 16.39
C TRP A 74 11.56 -4.92 17.32
N ASN A 75 11.66 -5.98 18.13
CA ASN A 75 10.58 -6.36 19.03
C ASN A 75 10.64 -5.65 20.37
N ALA A 76 10.49 -4.33 20.35
CA ALA A 76 10.45 -3.54 21.58
C ALA A 76 9.30 -4.01 22.47
N PRO A 77 9.47 -3.93 23.79
CA PRO A 77 10.62 -3.34 24.50
C PRO A 77 11.80 -4.30 24.73
N THR A 78 11.76 -5.50 24.18
CA THR A 78 12.93 -6.38 24.26
C THR A 78 13.98 -5.89 23.28
N HIS A 79 15.19 -6.43 23.35
CA HIS A 79 16.25 -6.04 22.43
C HIS A 79 16.42 -7.03 21.28
N ASN A 80 15.37 -7.79 21.00
CA ASN A 80 15.43 -8.83 19.98
C ASN A 80 15.06 -8.34 18.59
N ILE A 81 15.56 -9.06 17.58
CA ILE A 81 15.29 -8.75 16.19
C ILE A 81 14.71 -9.96 15.49
N SER A 82 13.65 -9.74 14.72
CA SER A 82 13.04 -10.79 13.92
C SER A 82 12.40 -10.20 12.68
N THR A 83 11.46 -10.93 12.09
CA THR A 83 10.63 -10.37 11.01
C THR A 83 9.16 -10.44 11.38
N GLN A 84 8.45 -9.36 11.09
CA GLN A 84 7.01 -9.34 11.27
C GLN A 84 6.38 -8.92 9.94
N GLN A 85 5.06 -9.02 9.86
CA GLN A 85 4.34 -8.53 8.70
C GLN A 85 4.59 -7.03 8.53
N ASP A 86 4.77 -6.59 7.29
CA ASP A 86 5.01 -5.19 7.00
C ASP A 86 3.78 -4.34 7.31
N SER A 87 3.88 -3.52 8.34
CA SER A 87 2.83 -2.55 8.66
C SER A 87 3.39 -1.13 8.62
N ASN A 88 4.55 -0.99 8.00
CA ASN A 88 5.19 0.31 7.79
C ASN A 88 5.42 1.09 9.08
N ALA A 89 5.70 0.36 10.16
CA ALA A 89 5.90 0.99 11.46
C ALA A 89 7.33 1.44 11.68
N ASP A 90 7.51 2.38 12.61
CA ASP A 90 8.82 2.98 12.85
C ASP A 90 9.86 1.99 13.33
N ASN A 91 9.41 0.92 14.00
CA ASN A 91 10.32 -0.11 14.47
C ASN A 91 10.66 -1.11 13.35
N GLN A 92 10.22 -0.77 12.14
CA GLN A 92 10.53 -1.57 10.97
C GLN A 92 11.29 -0.73 9.94
N TYR A 93 11.78 0.43 10.38
CA TYR A 93 12.59 1.30 9.53
C TYR A 93 14.00 1.45 10.09
N TRP A 94 14.97 1.68 9.19
CA TRP A 94 16.37 1.64 9.57
C TRP A 94 17.21 2.71 8.87
N LEU A 95 18.20 3.23 9.58
CA LEU A 95 19.14 4.18 9.02
C LEU A 95 20.40 3.46 8.60
N LEU A 96 20.69 3.47 7.30
CA LEU A 96 21.89 2.83 6.78
C LEU A 96 23.05 3.80 6.78
N LEU A 97 23.89 3.72 7.81
CA LEU A 97 25.02 4.61 7.97
C LEU A 97 26.30 3.94 7.49
N LYS A 98 26.88 4.45 6.42
CA LYS A 98 28.07 3.86 5.82
C LYS A 98 29.34 4.43 6.46
N ASP A 99 30.09 3.56 7.13
CA ASP A 99 31.40 3.95 7.63
C ASP A 99 32.40 3.95 6.48
N ILE A 100 32.65 5.13 5.91
CA ILE A 100 33.65 5.26 4.86
C ILE A 100 35.02 4.87 5.42
N GLY A 101 35.84 4.22 4.61
CA GLY A 101 37.09 3.67 5.09
C GLY A 101 36.97 2.16 5.26
N ASN A 102 36.02 1.74 6.09
CA ASN A 102 35.70 0.33 6.24
C ASN A 102 34.78 -0.14 5.12
N ASN A 103 34.02 0.81 4.59
CA ASN A 103 32.94 0.53 3.64
C ASN A 103 31.85 -0.36 4.26
N SER A 104 31.83 -0.41 5.59
CA SER A 104 30.81 -1.17 6.30
C SER A 104 29.68 -0.27 6.74
N PHE A 105 28.56 -0.88 7.12
CA PHE A 105 27.40 -0.12 7.56
C PHE A 105 27.09 -0.32 9.04
N ILE A 106 26.68 0.76 9.69
CA ILE A 106 26.03 0.68 10.98
C ILE A 106 24.54 0.83 10.70
N ILE A 107 23.75 -0.14 11.14
CA ILE A 107 22.32 -0.12 10.89
C ILE A 107 21.58 0.29 12.16
N ALA A 108 21.14 1.55 12.18
CA ALA A 108 20.49 2.12 13.36
C ALA A 108 18.97 2.11 13.25
N SER A 109 18.32 1.89 14.38
CA SER A 109 16.85 1.93 14.45
C SER A 109 16.33 3.34 14.18
N TYR A 110 15.35 3.45 13.30
CA TYR A 110 14.71 4.73 13.03
C TYR A 110 13.85 5.15 14.21
N LYS A 111 13.20 4.18 14.83
CA LYS A 111 12.39 4.41 16.02
C LYS A 111 13.25 5.01 17.14
N ASN A 112 14.48 4.55 17.24
CA ASN A 112 15.40 5.00 18.28
C ASN A 112 16.86 4.80 17.86
N PRO A 113 17.44 5.83 17.21
CA PRO A 113 18.82 5.81 16.71
C PRO A 113 19.89 5.62 17.79
N ASN A 114 19.51 5.67 19.06
CA ASN A 114 20.43 5.34 20.14
C ASN A 114 20.85 3.88 20.04
N LEU A 115 20.03 3.09 19.37
CA LEU A 115 20.23 1.65 19.27
C LEU A 115 20.56 1.26 17.84
N VAL A 116 21.50 0.33 17.69
CA VAL A 116 21.91 -0.15 16.37
C VAL A 116 21.95 -1.67 16.36
N LEU A 117 22.03 -2.24 15.16
CA LEU A 117 22.10 -3.68 15.02
C LEU A 117 23.41 -4.23 15.58
N TYR A 118 23.30 -5.35 16.30
CA TYR A 118 24.45 -5.97 16.95
C TYR A 118 24.44 -7.47 16.65
N ALA A 119 25.56 -7.96 16.13
CA ALA A 119 25.68 -9.36 15.75
C ALA A 119 26.07 -10.26 16.92
N ASP A 120 25.15 -11.12 17.34
CA ASP A 120 25.45 -12.10 18.39
C ASP A 120 25.96 -13.38 17.73
N THR A 121 27.28 -13.54 17.70
CA THR A 121 27.89 -14.64 16.98
C THR A 121 27.77 -15.98 17.70
N VAL A 122 27.43 -15.93 18.99
CA VAL A 122 27.25 -17.14 19.77
C VAL A 122 25.84 -17.70 19.59
N ALA A 123 24.84 -16.83 19.74
CA ALA A 123 23.45 -17.23 19.58
C ALA A 123 23.06 -17.27 18.10
N ARG A 124 23.94 -16.72 17.26
CA ARG A 124 23.72 -16.65 15.82
C ARG A 124 22.45 -15.90 15.47
N ASN A 125 22.25 -14.75 16.13
CA ASN A 125 21.12 -13.86 15.82
C ASN A 125 21.50 -12.39 15.96
N LEU A 126 20.49 -11.52 15.87
CA LEU A 126 20.72 -10.08 15.98
C LEU A 126 20.02 -9.49 17.20
N LYS A 127 20.67 -8.53 17.82
CA LYS A 127 20.05 -7.75 18.90
C LYS A 127 20.38 -6.28 18.73
N LEU A 128 19.65 -5.43 19.46
CA LEU A 128 19.96 -4.01 19.47
C LEU A 128 20.95 -3.68 20.56
N SER A 129 21.84 -2.73 20.27
CA SER A 129 22.82 -2.30 21.25
C SER A 129 23.09 -0.81 21.09
N THR A 130 23.61 -0.20 22.15
CA THR A 130 24.15 1.15 22.06
C THR A 130 25.48 1.04 21.31
N LEU A 131 26.01 2.18 20.86
CA LEU A 131 27.18 2.16 19.99
C LEU A 131 28.50 1.85 20.71
N ASN A 132 29.44 1.32 19.93
CA ASN A 132 30.80 1.06 20.40
C ASN A 132 31.74 1.11 19.21
N ASN A 133 32.99 0.70 19.41
CA ASN A 133 33.97 0.70 18.33
C ASN A 133 34.24 -0.68 17.73
N SER A 134 33.45 -1.67 18.14
CA SER A 134 33.67 -3.05 17.73
C SER A 134 33.04 -3.37 16.38
N ASN A 135 33.37 -4.54 15.84
CA ASN A 135 32.83 -4.95 14.54
C ASN A 135 31.53 -5.73 14.63
N TYR A 136 31.00 -5.85 15.84
CA TYR A 136 29.73 -6.54 16.03
C TYR A 136 28.55 -5.69 15.58
N ILE A 137 28.78 -4.39 15.40
CA ILE A 137 27.73 -3.50 14.92
C ILE A 137 28.02 -3.00 13.51
N LYS A 138 29.06 -3.56 12.89
CA LYS A 138 29.41 -3.22 11.51
C LYS A 138 28.93 -4.32 10.58
N PHE A 139 28.36 -3.95 9.44
CA PHE A 139 27.82 -4.94 8.52
C PHE A 139 28.19 -4.66 7.07
N ILE A 140 28.21 -5.72 6.27
CA ILE A 140 28.55 -5.61 4.86
C ILE A 140 27.30 -5.78 4.01
N ILE A 141 26.97 -4.74 3.26
CA ILE A 141 25.81 -4.76 2.38
C ILE A 141 26.26 -4.82 0.93
N GLU A 142 25.97 -5.94 0.27
CA GLU A 142 26.44 -6.16 -1.08
C GLU A 142 25.30 -6.61 -2.00
N ASP A 143 25.31 -6.10 -3.22
CA ASP A 143 24.41 -6.57 -4.27
C ASP A 143 24.50 -8.08 -4.38
N TYR A 144 23.35 -8.76 -4.32
CA TYR A 144 23.32 -10.21 -4.14
C TYR A 144 24.06 -10.99 -5.22
N ILE A 145 24.05 -10.48 -6.45
CA ILE A 145 24.76 -11.12 -7.54
C ILE A 145 26.27 -11.11 -7.26
N ILE A 146 26.77 -9.97 -6.81
CA ILE A 146 28.19 -9.86 -6.48
C ILE A 146 28.58 -10.78 -5.32
N SER A 147 27.80 -10.75 -4.24
CA SER A 147 28.13 -11.56 -3.07
C SER A 147 28.06 -13.06 -3.38
N ASP A 148 27.10 -13.45 -4.21
CA ASP A 148 26.97 -14.83 -4.62
C ASP A 148 28.13 -15.30 -5.51
N LEU A 149 28.64 -14.40 -6.34
CA LEU A 149 29.65 -14.78 -7.33
C LEU A 149 31.09 -14.55 -6.86
N ASN A 150 31.28 -13.59 -5.97
CA ASN A 150 32.63 -13.24 -5.52
C ASN A 150 33.25 -14.33 -4.67
N ASN A 151 34.47 -14.74 -5.05
CA ASN A 151 35.18 -15.82 -4.37
C ASN A 151 34.41 -17.14 -4.39
N PHE A 152 33.61 -17.31 -5.44
CA PHE A 152 32.80 -18.50 -5.61
C PHE A 152 33.50 -19.50 -6.53
N THR A 153 34.12 -20.52 -5.94
CA THR A 153 34.69 -21.60 -6.72
C THR A 153 33.54 -22.44 -7.28
N CYS A 154 33.38 -22.39 -8.60
CA CYS A 154 32.20 -22.97 -9.24
C CYS A 154 32.55 -23.84 -10.44
N LYS A 155 31.54 -24.53 -10.95
CA LYS A 155 31.64 -25.22 -12.23
C LYS A 155 30.64 -24.61 -13.20
N ILE A 156 31.06 -24.42 -14.44
CA ILE A 156 30.24 -23.71 -15.42
C ILE A 156 29.70 -24.65 -16.50
N SER A 157 28.39 -24.89 -16.46
CA SER A 157 27.74 -25.73 -17.44
C SER A 157 26.86 -24.90 -18.37
N PRO A 158 26.92 -25.19 -19.68
CA PRO A 158 25.92 -24.59 -20.58
C PRO A 158 24.56 -25.22 -20.31
N ILE A 159 23.51 -24.41 -20.29
CA ILE A 159 22.17 -24.89 -19.93
C ILE A 159 21.66 -25.98 -20.87
N LEU A 160 22.29 -26.10 -22.04
CA LEU A 160 21.91 -27.13 -23.00
C LEU A 160 22.19 -28.54 -22.47
N ASP A 161 23.33 -28.69 -21.80
CA ASP A 161 23.69 -29.97 -21.20
C ASP A 161 24.27 -29.77 -19.81
N LEU A 162 23.54 -30.25 -18.80
CA LEU A 162 23.90 -30.01 -17.39
C LEU A 162 24.90 -31.02 -16.85
N ASN A 163 25.20 -32.06 -17.63
CA ASN A 163 26.17 -33.07 -17.22
C ASN A 163 27.56 -32.74 -17.74
N LYS A 164 27.63 -31.72 -18.59
CA LYS A 164 28.90 -31.30 -19.17
C LYS A 164 29.32 -29.94 -18.63
N VAL A 165 30.60 -29.61 -18.75
CA VAL A 165 31.17 -28.44 -18.08
C VAL A 165 32.26 -27.73 -18.90
N VAL A 166 32.26 -26.40 -18.84
CA VAL A 166 33.33 -25.60 -19.43
C VAL A 166 34.62 -25.84 -18.65
N GLN A 167 35.67 -26.28 -19.34
CA GLN A 167 36.90 -26.65 -18.66
C GLN A 167 38.15 -26.32 -19.46
N GLN A 168 39.29 -26.40 -18.78
CA GLN A 168 40.60 -26.36 -19.41
C GLN A 168 40.94 -27.81 -19.74
N VAL A 169 41.72 -28.03 -20.80
CA VAL A 169 42.12 -29.39 -21.17
C VAL A 169 42.94 -30.01 -20.05
N ASP A 170 44.11 -29.44 -19.81
CA ASP A 170 44.91 -29.73 -18.63
C ASP A 170 45.93 -28.62 -18.41
N VAL A 171 46.82 -28.80 -17.44
CA VAL A 171 47.76 -27.77 -17.05
C VAL A 171 48.75 -27.42 -18.18
N THR A 172 48.92 -28.33 -19.13
CA THR A 172 49.88 -28.13 -20.21
C THR A 172 49.21 -27.64 -21.50
N ASN A 173 47.89 -27.63 -21.51
CA ASN A 173 47.13 -27.11 -22.65
C ASN A 173 46.05 -26.15 -22.16
N LEU A 174 46.32 -24.86 -22.28
CA LEU A 174 45.48 -23.83 -21.70
C LEU A 174 44.21 -23.56 -22.50
N ASN A 175 44.00 -24.32 -23.57
CA ASN A 175 42.79 -24.20 -24.37
C ASN A 175 41.53 -24.50 -23.54
N VAL A 176 40.42 -23.87 -23.92
CA VAL A 176 39.17 -24.07 -23.21
C VAL A 176 38.16 -24.84 -24.07
N ASN A 177 37.66 -25.96 -23.53
CA ASN A 177 36.74 -26.81 -24.26
C ASN A 177 35.55 -27.27 -23.42
N LEU A 178 34.58 -27.88 -24.09
CA LEU A 178 33.40 -28.43 -23.43
C LEU A 178 33.62 -29.92 -23.20
N TYR A 179 33.25 -30.42 -22.03
CA TYR A 179 33.56 -31.81 -21.66
C TYR A 179 32.67 -32.31 -20.52
N THR A 180 32.66 -33.62 -20.33
CA THR A 180 31.90 -34.23 -19.24
C THR A 180 32.54 -33.89 -17.90
N TRP A 181 31.71 -33.81 -16.86
CA TRP A 181 32.16 -33.40 -15.54
C TRP A 181 32.61 -34.57 -14.67
N ASP A 182 33.80 -34.47 -14.09
CA ASP A 182 34.35 -35.54 -13.27
C ASP A 182 35.31 -35.01 -12.19
N TYR A 183 34.85 -34.01 -11.45
CA TYR A 183 35.59 -33.45 -10.31
C TYR A 183 37.02 -33.00 -10.66
N GLY A 184 37.19 -32.44 -11.85
CA GLY A 184 38.52 -32.02 -12.28
C GLY A 184 38.89 -30.63 -11.81
N ARG A 185 40.16 -30.44 -11.48
CA ARG A 185 40.67 -29.12 -11.11
C ARG A 185 40.65 -28.18 -12.31
N ASN A 186 40.67 -28.76 -13.51
CA ASN A 186 40.57 -27.98 -14.73
C ASN A 186 39.13 -27.70 -15.09
N GLN A 187 38.21 -28.38 -14.41
CA GLN A 187 36.78 -28.25 -14.67
C GLN A 187 36.13 -27.22 -13.76
N LYS A 188 36.84 -26.81 -12.72
CA LYS A 188 36.30 -25.88 -11.74
C LYS A 188 36.94 -24.50 -11.85
N TRP A 189 36.14 -23.47 -11.62
CA TRP A 189 36.61 -22.09 -11.75
C TRP A 189 36.29 -21.30 -10.48
N THR A 190 37.21 -20.41 -10.10
CA THR A 190 36.97 -19.51 -8.97
C THR A 190 36.74 -18.09 -9.47
N ILE A 191 35.49 -17.63 -9.35
CA ILE A 191 35.13 -16.28 -9.77
C ILE A 191 35.58 -15.27 -8.72
N ARG A 192 36.26 -14.21 -9.18
CA ARG A 192 36.67 -13.13 -8.28
C ARG A 192 36.31 -11.77 -8.85
N TYR A 193 35.95 -10.84 -7.97
CA TYR A 193 35.43 -9.54 -8.38
C TYR A 193 36.38 -8.40 -8.02
N ASN A 194 36.76 -7.63 -9.02
CA ASN A 194 37.61 -6.46 -8.81
C ASN A 194 36.77 -5.19 -8.66
N GLU A 195 36.88 -4.56 -7.50
CA GLU A 195 36.04 -3.41 -7.15
C GLU A 195 36.28 -2.20 -8.04
N GLU A 196 37.55 -1.88 -8.29
CA GLU A 196 37.91 -0.70 -9.05
C GLU A 196 37.50 -0.83 -10.53
N LYS A 197 37.52 -2.06 -11.04
CA LYS A 197 37.16 -2.29 -12.44
C LYS A 197 35.70 -2.69 -12.61
N ALA A 198 35.04 -3.04 -11.51
CA ALA A 198 33.65 -3.49 -11.52
C ALA A 198 33.44 -4.63 -12.52
N ALA A 199 34.36 -5.59 -12.49
CA ALA A 199 34.31 -6.73 -13.41
C ALA A 199 34.80 -8.00 -12.72
N TYR A 200 34.62 -9.14 -13.39
CA TYR A 200 34.95 -10.42 -12.80
C TYR A 200 36.13 -11.11 -13.50
N GLN A 201 36.76 -12.04 -12.79
CA GLN A 201 37.81 -12.88 -13.37
C GLN A 201 37.52 -14.35 -13.07
N PHE A 202 37.78 -15.21 -14.04
CA PHE A 202 37.58 -16.64 -13.85
C PHE A 202 38.92 -17.37 -13.70
N PHE A 203 39.38 -17.53 -12.47
CA PHE A 203 40.60 -18.27 -12.20
C PHE A 203 40.36 -19.77 -12.31
N ASN A 204 41.11 -20.42 -13.18
CA ASN A 204 41.05 -21.87 -13.27
C ASN A 204 41.85 -22.49 -12.12
N THR A 205 41.22 -23.40 -11.38
CA THR A 205 41.79 -23.90 -10.13
C THR A 205 43.05 -24.76 -10.28
N ILE A 206 43.37 -25.16 -11.51
CA ILE A 206 44.56 -25.97 -11.75
C ILE A 206 45.81 -25.09 -11.87
N LEU A 207 45.60 -23.79 -11.92
CA LEU A 207 46.71 -22.83 -11.97
C LEU A 207 46.63 -21.86 -10.79
N SER A 208 47.79 -21.43 -10.30
CA SER A 208 47.83 -20.51 -9.17
C SER A 208 47.30 -19.13 -9.53
N ASN A 209 47.51 -18.73 -10.77
CA ASN A 209 47.04 -17.42 -11.25
C ASN A 209 46.75 -17.40 -12.75
N GLY A 210 46.03 -18.42 -13.22
CA GLY A 210 45.62 -18.48 -14.61
C GLY A 210 44.21 -17.96 -14.78
N VAL A 211 44.01 -17.07 -15.75
CA VAL A 211 42.74 -16.38 -15.91
C VAL A 211 42.11 -16.61 -17.28
N LEU A 212 40.81 -16.87 -17.28
CA LEU A 212 40.03 -17.00 -18.51
C LEU A 212 40.18 -15.73 -19.35
N THR A 213 40.64 -15.89 -20.58
CA THR A 213 40.98 -14.74 -21.41
C THR A 213 40.53 -14.91 -22.85
N TRP A 214 39.97 -13.84 -23.42
CA TRP A 214 39.78 -13.75 -24.85
C TRP A 214 41.03 -13.12 -25.45
N ILE A 215 41.89 -13.94 -26.05
CA ILE A 215 43.05 -13.44 -26.75
C ILE A 215 42.58 -12.69 -27.98
N PHE A 216 43.05 -11.45 -28.15
CA PHE A 216 42.63 -10.63 -29.27
C PHE A 216 43.68 -10.55 -30.38
N SER A 217 44.89 -11.02 -30.10
CA SER A 217 45.91 -11.13 -31.13
C SER A 217 45.46 -12.20 -32.11
N ASN A 218 44.87 -13.26 -31.57
CA ASN A 218 44.06 -14.19 -32.35
C ASN A 218 42.65 -13.62 -32.45
N GLY A 219 41.99 -13.83 -33.58
CA GLY A 219 40.65 -13.30 -33.81
C GLY A 219 39.60 -13.71 -32.80
N ASN A 220 39.17 -14.96 -32.87
CA ASN A 220 38.27 -15.52 -31.88
C ASN A 220 38.96 -16.69 -31.18
N THR A 221 39.34 -16.49 -29.93
CA THR A 221 40.05 -17.52 -29.19
C THR A 221 39.92 -17.35 -27.68
N VAL A 222 39.47 -18.42 -27.02
CA VAL A 222 39.39 -18.41 -25.57
C VAL A 222 40.43 -19.35 -24.95
N ARG A 223 41.44 -18.76 -24.33
CA ARG A 223 42.48 -19.51 -23.62
C ARG A 223 42.72 -18.90 -22.25
N VAL A 224 43.09 -19.73 -21.28
CA VAL A 224 43.47 -19.20 -19.98
C VAL A 224 44.90 -18.64 -20.07
N SER A 225 45.14 -17.53 -19.38
CA SER A 225 46.43 -16.87 -19.45
C SER A 225 46.82 -16.30 -18.10
N SER A 226 48.13 -16.16 -17.89
CA SER A 226 48.67 -15.69 -16.61
C SER A 226 48.12 -14.31 -16.23
N SER A 227 48.03 -14.04 -14.94
CA SER A 227 47.44 -12.80 -14.46
C SER A 227 48.40 -11.62 -14.47
N ASN A 228 48.43 -10.89 -15.57
CA ASN A 228 49.13 -9.59 -15.61
C ASN A 228 48.24 -8.50 -15.02
N ASP A 229 48.58 -8.02 -13.81
CA ASP A 229 47.71 -7.09 -13.11
C ASP A 229 47.63 -5.69 -13.72
N GLN A 230 46.40 -5.15 -13.77
CA GLN A 230 46.16 -3.81 -14.30
C GLN A 230 46.67 -3.66 -15.73
N ASN A 231 46.61 -4.77 -16.46
CA ASN A 231 47.16 -4.83 -17.81
C ASN A 231 46.05 -4.99 -18.83
N ASN A 232 45.63 -6.23 -19.03
CA ASN A 232 44.61 -6.57 -20.02
C ASN A 232 43.19 -6.55 -19.44
N ASP A 233 42.25 -5.98 -20.20
CA ASP A 233 40.85 -5.99 -19.81
C ASP A 233 40.08 -7.13 -20.47
N ALA A 234 40.77 -7.89 -21.30
CA ALA A 234 40.19 -9.09 -21.88
C ALA A 234 40.26 -10.25 -20.89
N GLN A 235 40.96 -10.01 -19.78
CA GLN A 235 41.02 -10.99 -18.70
C GLN A 235 39.92 -10.74 -17.67
N TYR A 236 39.17 -9.68 -17.88
CA TYR A 236 38.05 -9.34 -17.00
C TYR A 236 36.72 -9.51 -17.72
N TRP A 237 35.69 -9.87 -16.95
CA TRP A 237 34.38 -10.16 -17.53
C TRP A 237 33.25 -9.51 -16.73
N LEU A 238 32.07 -9.44 -17.35
CA LEU A 238 30.87 -8.94 -16.70
C LEU A 238 29.80 -10.02 -16.72
N ILE A 239 29.34 -10.43 -15.55
CA ILE A 239 28.34 -11.49 -15.45
C ILE A 239 26.96 -10.91 -15.22
N ASN A 240 26.00 -11.31 -16.07
CA ASN A 240 24.63 -10.83 -15.96
C ASN A 240 23.63 -11.98 -15.92
N PRO A 241 22.71 -11.94 -14.94
CA PRO A 241 21.77 -13.03 -14.67
C PRO A 241 20.65 -13.15 -15.70
N VAL A 242 19.99 -14.30 -15.72
CA VAL A 242 18.86 -14.54 -16.60
C VAL A 242 17.57 -14.59 -15.77
N SER A 243 16.53 -13.94 -16.28
CA SER A 243 15.27 -13.80 -15.54
C SER A 243 14.51 -15.11 -15.35
N ASP A 244 13.85 -15.22 -14.20
CA ASP A 244 13.06 -16.40 -13.82
C ASP A 244 13.89 -17.69 -13.86
N THR A 245 15.14 -17.58 -13.42
CA THR A 245 16.03 -18.73 -13.33
C THR A 245 16.96 -18.54 -12.13
N ASP A 246 17.06 -19.57 -11.29
CA ASP A 246 17.89 -19.51 -10.09
C ASP A 246 19.35 -19.19 -10.41
N GLU A 247 20.05 -20.16 -10.96
CA GLU A 247 21.45 -19.98 -11.31
C GLU A 247 21.71 -20.11 -12.81
N THR A 248 21.38 -19.05 -13.55
CA THR A 248 21.63 -19.00 -14.99
C THR A 248 22.05 -17.59 -15.38
N TYR A 249 23.20 -17.46 -16.04
CA TYR A 249 23.79 -16.15 -16.32
C TYR A 249 24.23 -15.98 -17.77
N THR A 250 24.60 -14.76 -18.11
CA THR A 250 25.25 -14.47 -19.39
C THR A 250 26.59 -13.81 -19.10
N ILE A 251 27.62 -14.15 -19.87
CA ILE A 251 28.96 -13.65 -19.62
C ILE A 251 29.49 -12.79 -20.77
N THR A 252 29.75 -11.52 -20.49
CA THR A 252 30.29 -10.60 -21.48
C THR A 252 31.72 -10.20 -21.12
N ASN A 253 32.50 -9.78 -22.12
CA ASN A 253 33.87 -9.36 -21.89
C ASN A 253 33.95 -7.87 -21.51
N LEU A 254 35.06 -7.46 -20.91
CA LEU A 254 35.22 -6.07 -20.48
C LEU A 254 35.86 -5.19 -21.56
N ARG A 255 36.83 -5.75 -22.28
CA ARG A 255 37.47 -5.05 -23.39
C ARG A 255 36.43 -4.61 -24.41
N ASP A 256 35.71 -5.58 -24.95
CA ASP A 256 34.58 -5.30 -25.83
C ASP A 256 33.34 -6.01 -25.30
N THR A 257 32.40 -5.23 -24.77
CA THR A 257 31.25 -5.80 -24.08
C THR A 257 30.22 -6.42 -25.02
N THR A 258 30.51 -6.39 -26.32
CA THR A 258 29.58 -6.94 -27.31
C THR A 258 29.84 -8.43 -27.55
N LYS A 259 30.95 -8.92 -26.99
CA LYS A 259 31.34 -10.32 -27.18
C LYS A 259 31.05 -11.14 -25.92
N ALA A 260 30.44 -12.30 -26.11
CA ALA A 260 30.01 -13.12 -24.99
C ALA A 260 30.54 -14.55 -25.07
N LEU A 261 30.61 -15.20 -23.92
CA LEU A 261 31.04 -16.59 -23.84
C LEU A 261 30.03 -17.48 -24.55
N ASP A 262 30.51 -18.35 -25.42
CA ASP A 262 29.64 -19.10 -26.31
C ASP A 262 30.12 -20.52 -26.61
N LEU A 263 29.22 -21.48 -26.45
CA LEU A 263 29.45 -22.83 -26.95
C LEU A 263 29.08 -22.82 -28.43
N TYR A 264 29.87 -23.51 -29.25
CA TYR A 264 29.72 -23.44 -30.70
C TYR A 264 28.30 -23.75 -31.16
N GLY A 265 27.60 -22.72 -31.63
CA GLY A 265 26.20 -22.82 -31.97
C GLY A 265 25.90 -23.73 -33.13
N GLY A 266 25.13 -24.79 -32.88
CA GLY A 266 24.65 -25.10 -31.54
C GLY A 266 25.08 -26.49 -31.16
N GLN A 267 26.39 -26.73 -31.16
CA GLN A 267 26.93 -28.07 -31.01
C GLN A 267 27.05 -28.52 -29.57
N THR A 268 26.21 -29.47 -29.21
CA THR A 268 26.25 -30.10 -27.90
C THR A 268 27.10 -31.38 -27.96
N ALA A 269 28.41 -31.19 -28.13
CA ALA A 269 29.34 -32.30 -28.23
C ALA A 269 30.31 -32.30 -27.05
N ASN A 270 31.09 -33.36 -26.94
CA ASN A 270 31.99 -33.53 -25.79
C ASN A 270 33.41 -33.03 -26.06
N GLY A 271 33.60 -32.35 -27.18
CA GLY A 271 34.92 -31.87 -27.55
C GLY A 271 34.90 -30.52 -28.23
N THR A 272 33.72 -29.91 -28.29
CA THR A 272 33.57 -28.62 -28.95
C THR A 272 34.30 -27.52 -28.19
N ALA A 273 34.64 -26.45 -28.91
CA ALA A 273 35.41 -25.36 -28.34
C ALA A 273 34.54 -24.37 -27.57
N ILE A 274 35.18 -23.53 -26.76
CA ILE A 274 34.52 -22.40 -26.12
C ILE A 274 35.09 -21.13 -26.71
N GLN A 275 34.23 -20.28 -27.25
CA GLN A 275 34.67 -19.09 -27.97
C GLN A 275 33.84 -17.87 -27.60
N VAL A 276 34.43 -16.69 -27.79
CA VAL A 276 33.68 -15.45 -27.70
C VAL A 276 32.87 -15.32 -28.99
N PHE A 277 31.70 -14.71 -28.91
CA PHE A 277 30.84 -14.58 -30.08
C PHE A 277 29.88 -13.43 -29.89
N ASN A 278 29.42 -12.84 -30.99
CA ASN A 278 28.53 -11.68 -30.87
C ASN A 278 27.25 -12.04 -30.10
N TYR A 279 26.94 -11.21 -29.11
CA TYR A 279 25.81 -11.43 -28.20
C TYR A 279 24.42 -11.48 -28.86
N HIS A 280 23.81 -12.67 -28.88
CA HIS A 280 22.39 -12.83 -29.25
C HIS A 280 21.45 -13.34 -28.13
N GLY A 281 21.86 -14.39 -27.43
CA GLY A 281 21.07 -14.94 -26.33
C GLY A 281 20.29 -16.25 -26.44
N ASP A 282 20.62 -17.10 -27.40
CA ASP A 282 20.02 -18.44 -27.48
C ASP A 282 20.55 -19.35 -26.36
N ASP A 283 20.00 -20.56 -26.27
CA ASP A 283 20.34 -21.46 -25.18
C ASP A 283 21.84 -21.83 -25.10
N ASN A 284 22.59 -21.51 -26.14
CA ASN A 284 24.03 -21.78 -26.18
C ASN A 284 24.94 -20.71 -25.56
N GLN A 285 24.40 -19.50 -25.39
CA GLN A 285 25.18 -18.42 -24.78
C GLN A 285 24.82 -18.16 -23.31
N LYS A 286 24.10 -19.08 -22.70
CA LYS A 286 23.73 -18.94 -21.29
C LYS A 286 24.34 -20.07 -20.47
N TRP A 287 24.64 -19.79 -19.20
CA TRP A 287 25.44 -20.72 -18.41
C TRP A 287 24.87 -21.05 -17.03
N ASN A 288 24.90 -22.34 -16.70
CA ASN A 288 24.49 -22.83 -15.40
C ASN A 288 25.66 -22.82 -14.42
N ILE A 289 25.80 -21.72 -13.68
CA ILE A 289 26.90 -21.58 -12.73
C ILE A 289 26.53 -22.20 -11.37
N ARG A 290 26.88 -23.47 -11.21
CA ARG A 290 26.52 -24.23 -10.01
C ARG A 290 27.69 -24.37 -9.05
N ASN A 291 27.40 -24.86 -7.85
CA ASN A 291 28.43 -25.18 -6.88
C ASN A 291 28.89 -26.63 -7.08
N PRO A 292 30.21 -26.86 -7.07
CA PRO A 292 30.76 -28.20 -7.27
C PRO A 292 30.36 -29.16 -6.16
N PRO A 293 29.56 -30.18 -6.48
CA PRO A 293 29.07 -31.15 -5.48
C PRO A 293 30.13 -32.20 -5.16
N GLU B 5 11.59 3.22 58.94
CA GLU B 5 11.60 1.88 58.35
C GLU B 5 11.75 1.95 56.82
N ARG B 6 12.94 1.61 56.35
CA ARG B 6 13.23 1.40 54.93
C ARG B 6 14.66 0.90 54.77
N THR B 7 14.80 -0.36 54.39
CA THR B 7 16.12 -0.95 54.22
C THR B 7 16.65 -0.71 52.81
N PHE B 8 15.74 -0.38 51.90
CA PHE B 8 16.11 -0.14 50.51
C PHE B 8 16.58 1.29 50.27
N LEU B 9 17.90 1.45 50.17
CA LEU B 9 18.53 2.74 49.88
C LEU B 9 18.06 3.86 50.81
N PRO B 10 18.44 3.78 52.10
CA PRO B 10 18.00 4.76 53.09
C PRO B 10 18.54 6.16 52.78
N ASN B 11 17.87 7.19 53.28
CA ASN B 11 18.29 8.57 53.04
C ASN B 11 19.66 8.88 53.64
N GLY B 12 20.40 9.75 52.98
CA GLY B 12 21.70 10.17 53.48
C GLY B 12 22.69 10.46 52.36
N ASN B 13 23.94 10.72 52.74
CA ASN B 13 24.98 11.01 51.77
C ASN B 13 25.69 9.75 51.27
N TYR B 14 25.92 9.69 49.97
CA TYR B 14 26.58 8.54 49.36
C TYR B 14 27.71 9.00 48.44
N ASN B 15 28.67 8.11 48.23
CA ASN B 15 29.62 8.26 47.14
C ASN B 15 29.11 7.42 45.98
N ILE B 16 29.24 7.92 44.76
CA ILE B 16 28.79 7.18 43.59
C ILE B 16 29.96 6.74 42.70
N LYS B 17 30.10 5.43 42.54
CA LYS B 17 31.18 4.87 41.74
C LYS B 17 30.62 4.03 40.60
N SER B 18 31.38 3.94 39.51
CA SER B 18 31.04 3.01 38.44
C SER B 18 31.55 1.63 38.83
N ILE B 19 31.00 0.59 38.21
CA ILE B 19 31.41 -0.77 38.50
C ILE B 19 32.80 -1.06 37.94
N PHE B 20 33.27 -0.20 37.04
CA PHE B 20 34.57 -0.39 36.40
C PHE B 20 35.75 -0.02 37.30
N SER B 21 35.54 0.89 38.24
CA SER B 21 36.61 1.33 39.12
C SER B 21 36.14 1.56 40.56
N GLY B 22 37.04 1.37 41.51
CA GLY B 22 36.73 1.61 42.90
C GLY B 22 37.40 2.85 43.42
N SER B 23 38.09 3.57 42.53
CA SER B 23 38.85 4.74 42.92
C SER B 23 38.38 6.01 42.20
N LEU B 24 37.43 5.86 41.28
CA LEU B 24 36.89 7.00 40.56
C LEU B 24 35.51 7.39 41.11
N TYR B 25 35.36 8.65 41.48
CA TYR B 25 34.15 9.14 42.14
C TYR B 25 33.39 10.13 41.27
N LEU B 26 32.06 10.02 41.27
CA LEU B 26 31.22 10.88 40.44
C LEU B 26 31.22 12.33 40.93
N ASN B 27 31.43 13.26 40.00
CA ASN B 27 31.42 14.68 40.31
C ASN B 27 31.16 15.54 39.08
N PRO B 28 30.56 16.73 39.27
CA PRO B 28 30.31 17.62 38.13
C PRO B 28 31.57 18.31 37.62
N VAL B 29 31.89 18.07 36.35
CA VAL B 29 32.95 18.81 35.67
C VAL B 29 32.32 19.64 34.57
N SER B 30 32.46 20.96 34.68
CA SER B 30 31.69 21.91 33.89
C SER B 30 30.20 21.63 34.06
N LYS B 31 29.51 21.39 32.95
CA LYS B 31 28.09 21.06 33.02
C LYS B 31 27.84 19.57 32.76
N SER B 32 28.89 18.76 32.94
CA SER B 32 28.78 17.33 32.74
C SER B 32 29.09 16.57 34.02
N LEU B 33 28.82 15.27 34.02
CA LEU B 33 29.17 14.42 35.14
C LEU B 33 30.13 13.33 34.71
N THR B 34 31.19 13.15 35.50
CA THR B 34 32.27 12.23 35.16
C THR B 34 32.83 11.63 36.44
N PHE B 35 33.59 10.55 36.29
CA PHE B 35 34.21 9.90 37.43
C PHE B 35 35.69 10.27 37.55
N SER B 36 36.05 10.88 38.68
CA SER B 36 37.40 11.39 38.86
C SER B 36 38.04 10.83 40.13
N ASN B 37 39.33 11.08 40.30
CA ASN B 37 40.06 10.68 41.50
C ASN B 37 39.42 11.27 42.75
N GLU B 38 39.60 10.58 43.88
CA GLU B 38 39.05 11.05 45.15
C GLU B 38 39.59 12.43 45.49
N SER B 39 38.71 13.33 45.91
CA SER B 39 39.10 14.70 46.20
C SER B 39 38.75 15.08 47.64
N SER B 40 37.87 14.30 48.26
CA SER B 40 37.37 14.58 49.61
C SER B 40 36.66 15.94 49.67
N ALA B 41 36.11 16.36 48.54
CA ALA B 41 35.34 17.60 48.47
C ALA B 41 33.85 17.30 48.43
N ASN B 42 33.04 18.29 48.76
CA ASN B 42 31.59 18.10 48.86
C ASN B 42 30.93 17.71 47.53
N ASN B 43 31.59 18.03 46.42
CA ASN B 43 31.03 17.76 45.11
C ASN B 43 31.06 16.28 44.72
N GLN B 44 31.86 15.50 45.44
CA GLN B 44 31.89 14.04 45.22
C GLN B 44 30.96 13.33 46.20
N LYS B 45 30.17 14.11 46.94
CA LYS B 45 29.18 13.57 47.85
C LYS B 45 27.78 13.84 47.32
N TRP B 46 26.88 12.86 47.49
CA TRP B 46 25.54 12.97 46.93
C TRP B 46 24.48 12.60 47.95
N ASN B 47 23.56 13.52 48.20
CA ASN B 47 22.45 13.29 49.13
C ASN B 47 21.30 12.56 48.44
N VAL B 48 21.01 11.35 48.90
CA VAL B 48 19.95 10.55 48.31
C VAL B 48 18.69 10.62 49.17
N GLU B 49 17.62 11.16 48.61
CA GLU B 49 16.37 11.27 49.34
C GLU B 49 15.23 10.55 48.64
N TYR B 50 14.44 9.82 49.42
CA TYR B 50 13.29 9.12 48.91
C TYR B 50 12.09 10.06 48.82
N MET B 51 11.40 10.03 47.68
CA MET B 51 10.17 10.78 47.53
C MET B 51 8.99 9.82 47.63
N ALA B 52 8.30 9.85 48.77
CA ALA B 52 7.22 8.90 49.04
C ALA B 52 6.02 9.06 48.12
N GLU B 53 5.70 10.30 47.78
CA GLU B 53 4.50 10.61 47.00
C GLU B 53 4.63 10.19 45.54
N ASN B 54 5.84 10.23 45.00
CA ASN B 54 6.07 9.87 43.61
C ASN B 54 6.82 8.53 43.48
N ARG B 55 7.09 7.91 44.62
CA ARG B 55 7.76 6.61 44.69
C ARG B 55 9.02 6.53 43.85
N CYS B 56 10.00 7.37 44.18
CA CYS B 56 11.27 7.39 43.49
C CYS B 56 12.30 8.05 44.39
N PHE B 57 13.50 8.25 43.86
CA PHE B 57 14.53 8.93 44.62
C PHE B 57 15.01 10.17 43.87
N LYS B 58 15.38 11.20 44.63
CA LYS B 58 16.05 12.34 44.04
C LYS B 58 17.43 12.42 44.66
N ILE B 59 18.42 12.81 43.87
CA ILE B 59 19.80 12.83 44.34
C ILE B 59 20.42 14.20 44.08
N SER B 60 20.84 14.85 45.16
CA SER B 60 21.39 16.19 45.04
C SER B 60 22.87 16.21 45.42
N ASN B 61 23.59 17.21 44.90
CA ASN B 61 24.99 17.36 45.20
C ASN B 61 25.16 18.11 46.52
N VAL B 62 26.09 17.68 47.36
CA VAL B 62 26.27 18.30 48.66
C VAL B 62 26.86 19.71 48.54
N ALA B 63 27.75 19.90 47.58
CA ALA B 63 28.34 21.22 47.33
C ALA B 63 27.28 22.21 46.86
N GLU B 64 26.30 21.72 46.10
CA GLU B 64 25.18 22.54 45.64
C GLU B 64 23.88 21.81 45.90
N PRO B 65 23.37 21.88 47.13
CA PRO B 65 22.22 21.08 47.59
C PRO B 65 20.89 21.41 46.92
N ASN B 66 20.90 22.38 46.01
CA ASN B 66 19.69 22.74 45.29
C ASN B 66 19.70 22.20 43.86
N LYS B 67 20.78 21.51 43.51
CA LYS B 67 20.91 20.93 42.18
C LYS B 67 20.83 19.41 42.25
N TYR B 68 20.03 18.83 41.36
CA TYR B 68 19.80 17.39 41.37
C TYR B 68 20.31 16.73 40.09
N LEU B 69 20.67 15.46 40.18
CA LEU B 69 21.02 14.68 38.99
C LEU B 69 19.81 14.59 38.08
N SER B 70 19.96 15.09 36.86
CA SER B 70 18.88 15.17 35.89
C SER B 70 19.44 14.77 34.54
N TYR B 71 18.76 15.16 33.46
CA TYR B 71 19.27 14.91 32.12
C TYR B 71 18.78 15.96 31.13
N ASP B 72 19.62 16.32 30.17
CA ASP B 72 19.26 17.31 29.16
C ASP B 72 18.67 16.66 27.91
N ASN B 73 18.46 17.47 26.88
CA ASN B 73 17.90 17.00 25.62
C ASN B 73 18.94 16.45 24.66
N PHE B 74 20.13 16.15 25.18
CA PHE B 74 21.22 15.68 24.34
C PHE B 74 21.77 14.34 24.79
N GLY B 75 21.11 13.74 25.79
CA GLY B 75 21.48 12.42 26.26
C GLY B 75 22.50 12.42 27.38
N PHE B 76 22.82 13.61 27.88
CA PHE B 76 23.77 13.74 28.98
C PHE B 76 23.03 13.80 30.32
N ILE B 77 23.64 13.23 31.36
CA ILE B 77 23.18 13.47 32.71
C ILE B 77 23.64 14.88 33.10
N SER B 78 22.80 15.61 33.80
CA SER B 78 23.13 16.99 34.18
C SER B 78 22.86 17.25 35.66
N LEU B 79 23.27 18.43 36.10
CA LEU B 79 22.99 18.92 37.45
C LEU B 79 22.14 20.18 37.35
N ASP B 80 20.85 20.06 37.63
CA ASP B 80 19.95 21.22 37.51
C ASP B 80 18.88 21.25 38.59
N SER B 81 18.02 22.27 38.54
CA SER B 81 16.94 22.41 39.51
C SER B 81 15.97 21.24 39.42
N LEU B 82 15.23 21.00 40.50
CA LEU B 82 14.34 19.85 40.62
C LEU B 82 13.23 19.82 39.58
N SER B 83 13.09 18.67 38.92
CA SER B 83 12.01 18.43 37.98
C SER B 83 11.78 16.94 37.91
N ASN B 84 10.79 16.52 37.12
CA ASN B 84 10.50 15.09 36.99
C ASN B 84 11.63 14.30 36.30
N ARG B 85 12.57 15.02 35.69
CA ARG B 85 13.74 14.40 35.09
C ARG B 85 14.78 14.04 36.16
N CYS B 86 14.50 14.44 37.40
CA CYS B 86 15.38 14.14 38.52
C CYS B 86 14.88 12.93 39.29
N TYR B 87 13.84 12.28 38.77
CA TYR B 87 13.19 11.16 39.46
C TYR B 87 13.75 9.81 39.01
N TRP B 88 14.42 9.12 39.93
CA TRP B 88 15.09 7.87 39.60
C TRP B 88 14.46 6.67 40.31
N PHE B 89 14.36 5.56 39.57
CA PHE B 89 13.82 4.31 40.10
C PHE B 89 14.95 3.29 40.09
N PRO B 90 15.64 3.15 41.23
CA PRO B 90 16.84 2.30 41.32
C PRO B 90 16.50 0.83 41.40
N ILE B 91 17.28 0.00 40.73
CA ILE B 91 17.15 -1.45 40.82
C ILE B 91 18.40 -2.04 41.44
N LYS B 92 18.27 -2.57 42.65
CA LYS B 92 19.39 -3.15 43.37
C LYS B 92 19.67 -4.57 42.88
N ILE B 93 20.81 -4.75 42.22
CA ILE B 93 21.15 -6.06 41.63
C ILE B 93 22.22 -6.79 42.42
N ALA B 94 22.78 -6.10 43.41
CA ALA B 94 23.78 -6.68 44.30
C ALA B 94 23.97 -5.76 45.50
N VAL B 95 24.90 -6.11 46.38
CA VAL B 95 25.21 -5.26 47.53
C VAL B 95 25.69 -3.88 47.09
N ASN B 96 24.88 -2.87 47.39
CA ASN B 96 25.18 -1.48 47.03
C ASN B 96 25.34 -1.21 45.53
N THR B 97 24.90 -2.16 44.71
CA THR B 97 25.01 -2.02 43.27
C THR B 97 23.64 -1.81 42.63
N TYR B 98 23.49 -0.70 41.91
CA TYR B 98 22.19 -0.33 41.38
C TYR B 98 22.19 -0.05 39.88
N ILE B 99 21.03 -0.23 39.27
CA ILE B 99 20.75 0.30 37.95
C ILE B 99 19.82 1.49 38.16
N MET B 100 20.16 2.63 37.55
CA MET B 100 19.42 3.87 37.80
C MET B 100 18.50 4.26 36.64
N LEU B 101 17.25 3.79 36.69
CA LEU B 101 16.27 4.10 35.66
C LEU B 101 15.60 5.44 35.90
N SER B 102 15.33 6.15 34.80
CA SER B 102 14.47 7.33 34.87
C SER B 102 13.06 6.85 35.18
N LEU B 103 12.39 7.54 36.10
CA LEU B 103 11.05 7.12 36.53
C LEU B 103 10.07 7.11 35.35
N ASN B 104 10.18 8.10 34.47
CA ASN B 104 9.28 8.19 33.34
C ASN B 104 9.91 7.60 32.09
N LYS B 105 9.08 7.00 31.24
CA LYS B 105 9.54 6.50 29.95
C LYS B 105 10.20 7.60 29.15
N VAL B 106 11.39 7.32 28.65
CA VAL B 106 12.08 8.22 27.73
C VAL B 106 12.09 7.59 26.35
N ASN B 107 11.55 8.30 25.37
CA ASN B 107 11.39 7.77 24.02
C ASN B 107 10.67 6.43 24.03
N GLU B 108 9.65 6.33 24.89
CA GLU B 108 8.84 5.12 25.02
C GLU B 108 9.63 3.89 25.47
N LEU B 109 10.71 4.11 26.21
CA LEU B 109 11.52 3.02 26.75
C LEU B 109 12.08 3.35 28.12
N ASP B 110 12.51 2.32 28.84
CA ASP B 110 13.26 2.49 30.07
C ASP B 110 14.66 2.98 29.73
N TYR B 111 15.04 4.12 30.31
CA TYR B 111 16.38 4.67 30.12
C TYR B 111 17.13 4.67 31.44
N ALA B 112 18.45 4.53 31.37
CA ALA B 112 19.26 4.40 32.58
C ALA B 112 20.55 5.20 32.47
N TRP B 113 21.20 5.43 33.61
CA TRP B 113 22.52 6.02 33.60
C TRP B 113 23.43 5.08 32.84
N ASP B 114 24.36 5.64 32.07
CA ASP B 114 25.24 4.82 31.25
C ASP B 114 26.60 5.48 31.12
N ILE B 115 27.64 4.78 31.54
CA ILE B 115 29.00 5.26 31.37
C ILE B 115 29.77 4.36 30.38
N TYR B 116 30.31 4.97 29.34
CA TYR B 116 31.02 4.24 28.29
C TYR B 116 32.41 3.87 28.79
N ASP B 117 32.92 2.74 28.30
CA ASP B 117 34.25 2.30 28.72
C ASP B 117 35.12 1.88 27.55
N THR B 118 36.42 2.09 27.70
CA THR B 118 37.40 1.61 26.75
C THR B 118 38.28 0.59 27.46
N ASN B 119 37.91 -0.69 27.35
CA ASN B 119 38.55 -1.75 28.13
C ASN B 119 38.51 -1.45 29.62
N GLU B 120 37.31 -1.18 30.11
CA GLU B 120 37.06 -0.88 31.53
C GLU B 120 37.65 0.45 32.00
N ASN B 121 38.18 1.24 31.07
CA ASN B 121 38.62 2.59 31.39
C ASN B 121 37.50 3.59 31.12
N ILE B 122 37.21 4.44 32.11
CA ILE B 122 36.11 5.38 32.00
C ILE B 122 36.57 6.82 32.21
N LEU B 123 37.88 7.05 32.24
CA LEU B 123 38.42 8.38 32.45
C LEU B 123 37.95 9.36 31.37
N SER B 124 37.50 10.52 31.82
CA SER B 124 37.07 11.62 30.94
C SER B 124 35.75 11.35 30.21
N GLN B 125 35.08 10.26 30.54
CA GLN B 125 33.77 9.96 29.95
C GLN B 125 32.66 10.68 30.71
N PRO B 126 31.67 11.20 29.98
CA PRO B 126 30.51 11.82 30.62
C PRO B 126 29.43 10.79 30.88
N LEU B 127 28.71 10.93 32.00
CA LEU B 127 27.63 10.02 32.30
C LEU B 127 26.44 10.34 31.40
N LEU B 128 25.91 9.32 30.74
CA LEU B 128 24.84 9.52 29.76
C LEU B 128 23.54 8.85 30.17
N LEU B 129 22.50 9.07 29.37
CA LEU B 129 21.21 8.41 29.58
C LEU B 129 20.87 7.60 28.33
N LEU B 130 20.86 6.28 28.47
CA LEU B 130 20.71 5.40 27.32
C LEU B 130 19.69 4.29 27.62
N PRO B 131 19.11 3.70 26.57
CA PRO B 131 18.11 2.65 26.76
C PRO B 131 18.62 1.47 27.58
N ASN B 132 17.74 0.91 28.41
CA ASN B 132 18.09 -0.24 29.23
C ASN B 132 17.20 -1.43 28.90
N PHE B 133 17.79 -2.62 28.87
CA PHE B 133 17.03 -3.83 28.56
C PHE B 133 17.07 -4.85 29.69
N ASP B 134 18.17 -4.89 30.43
CA ASP B 134 18.35 -5.95 31.43
C ASP B 134 19.35 -5.59 32.52
N ILE B 135 19.70 -6.58 33.32
CA ILE B 135 20.59 -6.37 34.45
C ILE B 135 21.99 -6.90 34.21
N TYR B 136 22.39 -7.00 32.95
CA TYR B 136 23.69 -7.58 32.61
C TYR B 136 24.65 -6.60 31.93
N ASN B 137 24.17 -5.39 31.67
CA ASN B 137 24.99 -4.33 31.09
C ASN B 137 25.81 -3.61 32.15
N SER B 138 27.10 -3.92 32.21
CA SER B 138 28.01 -3.32 33.19
C SER B 138 28.05 -1.80 33.13
N ASN B 139 27.90 -1.26 31.91
CA ASN B 139 27.96 0.18 31.70
C ASN B 139 26.83 0.95 32.38
N GLN B 140 25.80 0.22 32.80
CA GLN B 140 24.66 0.82 33.47
C GLN B 140 24.59 0.39 34.93
N MET B 141 25.73 0.02 35.50
CA MET B 141 25.81 -0.44 36.88
C MET B 141 26.65 0.49 37.74
N PHE B 142 26.10 0.92 38.86
CA PHE B 142 26.78 1.89 39.72
C PHE B 142 26.67 1.53 41.21
N LYS B 143 27.76 1.76 41.93
CA LYS B 143 27.79 1.48 43.36
C LYS B 143 27.56 2.75 44.15
N LEU B 144 26.54 2.72 45.01
CA LEU B 144 26.25 3.83 45.90
C LEU B 144 26.64 3.45 47.32
N GLU B 145 27.64 4.12 47.87
CA GLU B 145 28.18 3.74 49.16
C GLU B 145 28.16 4.88 50.19
N LYS B 146 27.44 4.65 51.28
CA LYS B 146 27.41 5.56 52.42
C LYS B 146 28.79 5.52 53.09
N ILE B 147 29.24 6.63 53.67
CA ILE B 147 28.50 7.88 53.75
C ILE B 147 29.39 9.06 53.37
N ASN C 8 39.94 6.39 3.81
CA ASN C 8 40.29 5.64 2.61
C ASN C 8 40.11 6.46 1.34
N SER C 9 38.87 6.54 0.85
CA SER C 9 38.57 7.29 -0.36
C SER C 9 38.61 8.79 -0.11
N LEU C 10 38.62 9.18 1.17
CA LEU C 10 38.65 10.59 1.54
C LEU C 10 39.89 10.95 2.34
N ASN C 11 40.90 10.10 2.30
CA ASN C 11 42.16 10.36 3.01
C ASN C 11 42.93 11.54 2.41
N ASP C 12 43.31 12.47 3.28
CA ASP C 12 44.07 13.67 2.89
C ASP C 12 43.34 14.59 1.91
N LYS C 13 42.04 14.39 1.77
CA LYS C 13 41.24 15.31 0.97
C LYS C 13 40.96 16.57 1.77
N ILE C 14 41.08 17.72 1.13
CA ILE C 14 40.75 18.99 1.78
C ILE C 14 39.30 19.33 1.51
N VAL C 15 38.52 19.44 2.57
CA VAL C 15 37.08 19.63 2.42
C VAL C 15 36.57 20.86 3.18
N THR C 16 35.35 21.25 2.86
CA THR C 16 34.57 22.15 3.72
C THR C 16 33.46 21.34 4.36
N ILE C 17 33.02 21.77 5.55
CA ILE C 17 31.98 21.05 6.29
C ILE C 17 30.83 21.98 6.68
N SER C 18 29.68 21.78 6.06
CA SER C 18 28.52 22.65 6.32
C SER C 18 27.36 21.87 6.94
N CYS C 19 26.39 22.61 7.48
CA CYS C 19 25.29 22.00 8.24
C CYS C 19 24.09 21.70 7.35
N LYS C 20 23.45 20.55 7.58
CA LYS C 20 22.25 20.21 6.83
C LYS C 20 21.09 21.08 7.31
N ALA C 21 21.09 21.38 8.61
CA ALA C 21 20.07 22.25 9.20
C ALA C 21 20.14 23.66 8.59
N ASP C 22 21.36 24.18 8.46
CA ASP C 22 21.58 25.46 7.79
C ASP C 22 22.76 25.34 6.85
N THR C 23 22.47 25.23 5.55
CA THR C 23 23.51 25.05 4.54
C THR C 23 24.38 26.30 4.35
N ASN C 24 24.06 27.38 5.05
CA ASN C 24 24.85 28.60 4.99
C ASN C 24 25.94 28.64 6.04
N LEU C 25 25.91 27.69 6.98
CA LEU C 25 26.88 27.67 8.08
C LEU C 25 27.95 26.60 7.87
N PHE C 26 29.21 27.01 8.01
CA PHE C 26 30.36 26.14 7.77
C PHE C 26 31.23 26.02 9.01
N PHE C 27 31.99 24.93 9.12
CA PHE C 27 32.96 24.80 10.20
C PHE C 27 34.06 25.83 9.99
N TYR C 28 34.24 26.69 10.99
CA TYR C 28 35.15 27.83 10.88
C TYR C 28 36.12 27.79 12.05
N GLN C 29 37.40 28.06 11.77
CA GLN C 29 38.42 27.94 12.80
C GLN C 29 39.35 29.15 12.85
N VAL C 30 39.63 29.60 14.06
CA VAL C 30 40.63 30.64 14.30
C VAL C 30 41.08 30.62 15.75
N ALA C 31 42.40 30.56 15.95
CA ALA C 31 43.01 30.62 17.28
C ALA C 31 42.46 29.55 18.24
N GLY C 32 42.30 28.34 17.73
CA GLY C 32 41.89 27.22 18.56
C GLY C 32 40.39 27.07 18.75
N ASN C 33 39.64 28.07 18.31
CA ASN C 33 38.19 28.06 18.48
C ASN C 33 37.46 27.61 17.21
N VAL C 34 36.46 26.76 17.41
CA VAL C 34 35.65 26.28 16.29
C VAL C 34 34.25 26.87 16.40
N SER C 35 33.75 27.38 15.29
CA SER C 35 32.42 27.97 15.25
C SER C 35 31.72 27.71 13.93
N LEU C 36 30.47 28.17 13.82
CA LEU C 36 29.73 28.09 12.57
C LEU C 36 29.63 29.48 11.95
N PHE C 37 29.99 29.59 10.67
CA PHE C 37 30.03 30.89 10.00
C PHE C 37 29.63 30.74 8.53
N GLN C 38 29.33 31.86 7.88
CA GLN C 38 28.93 31.83 6.48
C GLN C 38 30.08 31.41 5.56
N GLN C 39 29.76 31.04 4.33
CA GLN C 39 30.77 30.60 3.37
C GLN C 39 31.83 31.68 3.12
N THR C 40 33.10 31.32 3.33
CA THR C 40 34.20 32.27 3.18
C THR C 40 35.11 31.98 1.99
N ARG C 41 35.05 30.76 1.48
CA ARG C 41 35.90 30.33 0.36
C ARG C 41 37.38 30.53 0.61
N ASN C 42 37.81 30.30 1.85
CA ASN C 42 39.24 30.36 2.18
C ASN C 42 39.65 29.28 3.18
N TYR C 43 40.92 29.30 3.59
CA TYR C 43 41.48 28.22 4.42
C TYR C 43 40.82 28.13 5.81
N LEU C 44 40.18 29.21 6.23
CA LEU C 44 39.54 29.28 7.54
C LEU C 44 38.40 28.28 7.66
N GLU C 45 37.89 27.81 6.52
CA GLU C 45 36.84 26.81 6.53
C GLU C 45 37.22 25.55 5.74
N ARG C 46 38.53 25.28 5.69
CA ARG C 46 39.04 24.09 5.02
C ARG C 46 39.65 23.11 6.00
N TRP C 47 39.31 21.84 5.82
CA TRP C 47 39.75 20.80 6.74
C TRP C 47 40.32 19.62 5.97
N ARG C 48 41.44 19.08 6.47
CA ARG C 48 42.00 17.86 5.88
C ARG C 48 41.59 16.65 6.70
N LEU C 49 40.96 15.69 6.04
CA LEU C 49 40.58 14.43 6.67
C LEU C 49 41.76 13.47 6.64
N ILE C 50 42.23 13.07 7.82
CA ILE C 50 43.37 12.16 7.91
C ILE C 50 42.97 10.81 8.51
N TYR C 51 43.08 9.76 7.69
CA TYR C 51 42.60 8.44 8.07
C TYR C 51 43.65 7.60 8.78
N ASP C 52 43.27 7.01 9.90
CA ASP C 52 44.13 6.05 10.60
C ASP C 52 43.61 4.64 10.36
N SER C 53 44.43 3.81 9.72
CA SER C 53 44.01 2.49 9.27
C SER C 53 43.56 1.58 10.42
N ASN C 54 44.32 1.60 11.51
CA ASN C 54 44.05 0.74 12.65
C ASN C 54 42.84 1.17 13.47
N LYS C 55 42.68 2.49 13.64
CA LYS C 55 41.55 3.02 14.39
C LYS C 55 40.27 3.01 13.58
N ALA C 56 40.41 2.97 12.26
CA ALA C 56 39.28 3.05 11.33
C ALA C 56 38.49 4.33 11.57
N ALA C 57 39.19 5.39 11.95
CA ALA C 57 38.59 6.68 12.24
C ALA C 57 39.43 7.79 11.62
N TYR C 58 38.88 9.00 11.60
CA TYR C 58 39.55 10.14 10.96
C TYR C 58 39.89 11.25 11.94
N LYS C 59 40.98 11.95 11.66
CA LYS C 59 41.26 13.24 12.30
C LYS C 59 40.85 14.33 11.34
N ILE C 60 40.28 15.41 11.88
CA ILE C 60 39.85 16.53 11.07
C ILE C 60 40.75 17.74 11.36
N LYS C 61 41.71 17.98 10.48
CA LYS C 61 42.73 18.99 10.72
C LYS C 61 42.50 20.30 9.97
N SER C 62 42.55 21.41 10.70
CA SER C 62 42.36 22.73 10.13
C SER C 62 43.51 23.12 9.19
N MET C 63 43.16 23.77 8.08
CA MET C 63 44.14 24.20 7.11
C MET C 63 44.68 25.62 7.39
N ASP C 64 44.71 25.99 8.67
CA ASP C 64 45.24 27.28 9.07
C ASP C 64 46.71 27.41 8.65
N ILE C 65 47.06 28.55 8.06
CA ILE C 65 48.39 28.75 7.50
C ILE C 65 49.40 29.30 8.51
N HIS C 66 48.94 29.50 9.75
CA HIS C 66 49.80 30.04 10.80
C HIS C 66 50.05 28.99 11.88
N ASN C 67 49.00 28.27 12.26
CA ASN C 67 49.13 27.11 13.14
C ASN C 67 48.66 25.88 12.37
N THR C 68 49.61 25.04 11.96
CA THR C 68 49.30 23.96 11.03
C THR C 68 48.98 22.60 11.65
N ASN C 69 49.04 22.52 12.99
CA ASN C 69 48.81 21.25 13.66
C ASN C 69 47.60 21.23 14.58
N LEU C 70 46.54 21.91 14.17
CA LEU C 70 45.31 21.95 14.96
C LEU C 70 44.24 21.05 14.38
N VAL C 71 43.71 20.14 15.21
CA VAL C 71 42.69 19.21 14.78
C VAL C 71 41.44 19.35 15.65
N LEU C 72 40.28 18.99 15.07
CA LEU C 72 39.02 19.08 15.79
C LEU C 72 39.03 18.16 17.00
N THR C 73 38.72 18.71 18.17
CA THR C 73 38.87 17.97 19.41
C THR C 73 37.66 18.11 20.33
N TRP C 74 37.24 16.99 20.91
CA TRP C 74 36.21 17.00 21.95
C TRP C 74 36.90 17.15 23.30
N ASN C 75 36.55 18.20 24.02
CA ASN C 75 37.11 18.42 25.35
C ASN C 75 36.35 17.62 26.41
N ALA C 76 36.48 16.29 26.35
CA ALA C 76 35.79 15.38 27.25
C ALA C 76 36.13 15.65 28.71
N PRO C 77 35.15 15.50 29.62
CA PRO C 77 33.79 15.02 29.35
C PRO C 77 32.79 16.14 29.05
N THR C 78 33.28 17.36 28.84
CA THR C 78 32.39 18.50 28.63
C THR C 78 31.63 18.44 27.31
N HIS C 79 30.75 19.41 27.10
CA HIS C 79 29.98 19.52 25.86
C HIS C 79 30.73 20.30 24.78
N ASN C 80 31.96 20.71 25.09
CA ASN C 80 32.69 21.67 24.25
C ASN C 80 33.58 21.07 23.17
N ILE C 81 33.53 21.67 21.98
CA ILE C 81 34.35 21.25 20.86
C ILE C 81 35.31 22.38 20.48
N SER C 82 36.56 22.03 20.21
CA SER C 82 37.55 23.02 19.80
C SER C 82 38.64 22.38 18.94
N THR C 83 39.61 23.19 18.51
CA THR C 83 40.80 22.65 17.84
C THR C 83 42.02 22.76 18.75
N GLN C 84 42.67 21.63 18.97
CA GLN C 84 43.86 21.58 19.82
C GLN C 84 45.06 21.06 19.03
N GLN C 85 46.24 21.11 19.64
CA GLN C 85 47.43 20.52 19.04
C GLN C 85 47.25 19.02 18.88
N ASP C 86 47.63 18.51 17.72
CA ASP C 86 47.50 17.09 17.43
C ASP C 86 48.40 16.27 18.34
N SER C 87 47.80 15.33 19.07
CA SER C 87 48.55 14.39 19.89
C SER C 87 48.08 12.98 19.61
N ASN C 88 47.36 12.82 18.49
CA ASN C 88 46.78 11.53 18.10
C ASN C 88 45.89 10.92 19.18
N ALA C 89 45.21 11.79 19.94
CA ALA C 89 44.39 11.34 21.06
C ALA C 89 43.02 10.83 20.60
N ASP C 90 42.47 9.89 21.38
CA ASP C 90 41.18 9.28 21.08
C ASP C 90 40.07 10.32 20.92
N ASN C 91 40.16 11.40 21.69
CA ASN C 91 39.18 12.48 21.57
C ASN C 91 39.50 13.42 20.42
N GLN C 92 40.41 13.00 19.55
CA GLN C 92 40.72 13.78 18.35
C GLN C 92 40.45 12.96 17.09
N TYR C 93 39.85 11.78 17.27
CA TYR C 93 39.45 10.95 16.15
C TYR C 93 37.94 10.87 16.01
N TRP C 94 37.46 10.66 14.79
CA TRP C 94 36.03 10.71 14.52
C TRP C 94 35.59 9.68 13.49
N LEU C 95 34.45 9.06 13.73
CA LEU C 95 33.86 8.17 12.75
C LEU C 95 33.09 8.99 11.72
N LEU C 96 33.43 8.80 10.44
CA LEU C 96 32.71 9.48 9.37
C LEU C 96 31.64 8.57 8.78
N LEU C 97 30.40 8.79 9.20
CA LEU C 97 29.29 7.93 8.78
C LEU C 97 28.39 8.63 7.78
N LYS C 98 28.34 8.10 6.57
CA LYS C 98 27.53 8.68 5.51
C LYS C 98 26.12 8.10 5.55
N ASP C 99 25.14 8.96 5.83
CA ASP C 99 23.74 8.56 5.76
C ASP C 99 23.36 8.38 4.30
N ILE C 100 23.27 7.12 3.88
CA ILE C 100 22.96 6.82 2.49
C ILE C 100 21.55 7.29 2.13
N GLY C 101 20.68 7.34 3.14
CA GLY C 101 19.31 7.81 2.99
C GLY C 101 19.16 9.23 2.47
N ASN C 102 20.02 10.14 2.91
CA ASN C 102 19.94 11.53 2.46
C ASN C 102 21.29 12.18 2.16
N ASN C 103 22.29 11.35 1.84
CA ASN C 103 23.62 11.82 1.43
C ASN C 103 24.27 12.88 2.33
N SER C 104 24.15 12.71 3.64
CA SER C 104 24.80 13.60 4.60
C SER C 104 25.63 12.78 5.59
N PHE C 105 26.44 13.46 6.38
CA PHE C 105 27.36 12.77 7.29
C PHE C 105 27.03 12.96 8.76
N ILE C 106 27.12 11.86 9.50
CA ILE C 106 27.12 11.91 10.95
C ILE C 106 28.57 11.81 11.42
N ILE C 107 28.99 12.75 12.25
CA ILE C 107 30.36 12.74 12.75
C ILE C 107 30.38 12.33 14.21
N ALA C 108 30.76 11.07 14.45
CA ALA C 108 30.73 10.49 15.79
C ALA C 108 32.12 10.42 16.42
N SER C 109 32.19 10.65 17.73
CA SER C 109 33.46 10.58 18.45
C SER C 109 33.98 9.15 18.53
N TYR C 110 35.28 9.00 18.32
CA TYR C 110 35.93 7.70 18.42
C TYR C 110 36.08 7.31 19.89
N LYS C 111 36.15 8.30 20.78
CA LYS C 111 36.26 8.05 22.20
C LYS C 111 34.92 7.60 22.77
N ASN C 112 33.83 8.06 22.14
CA ASN C 112 32.49 7.67 22.55
C ASN C 112 31.52 7.72 21.38
N PRO C 113 31.44 6.61 20.63
CA PRO C 113 30.60 6.49 19.42
C PRO C 113 29.12 6.79 19.66
N ASN C 114 28.69 6.84 20.92
CA ASN C 114 27.34 7.26 21.25
C ASN C 114 27.15 8.76 21.05
N LEU C 115 28.23 9.51 21.15
CA LEU C 115 28.18 10.97 21.00
C LEU C 115 28.61 11.44 19.62
N VAL C 116 27.80 12.30 19.01
CA VAL C 116 28.09 12.86 17.70
C VAL C 116 28.02 14.37 17.74
N LEU C 117 28.63 15.02 16.74
CA LEU C 117 28.61 16.48 16.66
C LEU C 117 27.20 16.99 16.44
N TYR C 118 26.86 18.03 17.17
CA TYR C 118 25.54 18.65 17.08
C TYR C 118 25.72 20.12 16.74
N ALA C 119 25.02 20.59 15.72
CA ALA C 119 25.14 21.98 15.28
C ALA C 119 24.22 22.90 16.06
N ASP C 120 24.79 23.73 16.92
CA ASP C 120 24.04 24.76 17.62
C ASP C 120 23.98 26.01 16.74
N THR C 121 22.88 26.16 16.01
CA THR C 121 22.76 27.21 15.00
C THR C 121 22.44 28.59 15.58
N VAL C 122 22.17 28.64 16.88
CA VAL C 122 21.92 29.92 17.56
C VAL C 122 23.22 30.46 18.15
N ALA C 123 23.93 29.61 18.88
CA ALA C 123 25.21 29.98 19.48
C ALA C 123 26.32 30.00 18.43
N ARG C 124 26.01 29.46 17.25
CA ARG C 124 26.97 29.35 16.15
C ARG C 124 28.24 28.59 16.55
N ASN C 125 28.06 27.39 17.12
CA ASN C 125 29.18 26.52 17.41
C ASN C 125 28.78 25.04 17.49
N LEU C 126 29.69 24.20 17.97
CA LEU C 126 29.45 22.77 18.02
C LEU C 126 29.37 22.24 19.45
N LYS C 127 28.40 21.36 19.66
CA LYS C 127 28.30 20.59 20.89
C LYS C 127 28.09 19.13 20.52
N LEU C 128 27.68 18.31 21.49
CA LEU C 128 27.51 16.89 21.25
C LEU C 128 26.11 16.40 21.57
N SER C 129 25.79 15.21 21.09
CA SER C 129 24.45 14.65 21.27
C SER C 129 24.47 13.15 20.95
N THR C 130 23.62 12.40 21.62
CA THR C 130 23.41 11.00 21.25
C THR C 130 22.68 10.98 19.90
N LEU C 131 22.75 9.85 19.21
CA LEU C 131 22.13 9.72 17.90
C LEU C 131 20.63 9.96 17.92
N ASN C 132 20.15 10.73 16.96
CA ASN C 132 18.72 10.94 16.76
C ASN C 132 18.42 11.15 15.29
N ASN C 133 17.18 11.51 14.97
CA ASN C 133 16.77 11.72 13.59
C ASN C 133 16.80 13.19 13.17
N SER C 134 17.40 14.03 14.01
CA SER C 134 17.41 15.47 13.76
C SER C 134 18.47 15.88 12.74
N ASN C 135 18.19 16.93 11.98
CA ASN C 135 19.11 17.40 10.97
C ASN C 135 20.30 18.18 11.54
N TYR C 136 20.25 18.43 12.85
CA TYR C 136 21.31 19.16 13.53
C TYR C 136 22.58 18.33 13.72
N ILE C 137 22.47 17.02 13.53
CA ILE C 137 23.62 16.13 13.65
C ILE C 137 24.07 15.64 12.27
N LYS C 138 23.50 16.21 11.22
CA LYS C 138 23.85 15.85 9.85
C LYS C 138 24.70 16.94 9.20
N PHE C 139 25.75 16.53 8.50
CA PHE C 139 26.68 17.49 7.91
C PHE C 139 27.02 17.17 6.45
N ILE C 140 27.22 18.23 5.67
CA ILE C 140 27.58 18.08 4.27
C ILE C 140 29.09 18.26 4.11
N ILE C 141 29.76 17.19 3.73
CA ILE C 141 31.20 17.21 3.50
C ILE C 141 31.47 17.32 2.00
N GLU C 142 32.33 18.24 1.61
CA GLU C 142 32.56 18.47 0.19
C GLU C 142 33.97 19.00 -0.12
N ASP C 143 34.54 18.52 -1.22
CA ASP C 143 35.81 19.02 -1.74
C ASP C 143 35.77 20.54 -1.83
N TYR C 144 36.78 21.20 -1.26
CA TYR C 144 36.74 22.65 -1.11
C TYR C 144 36.68 23.42 -2.42
N ILE C 145 37.30 22.87 -3.47
CA ILE C 145 37.27 23.52 -4.78
C ILE C 145 35.85 23.51 -5.32
N ILE C 146 35.21 22.34 -5.30
CA ILE C 146 33.82 22.23 -5.72
C ILE C 146 32.93 23.10 -4.84
N SER C 147 33.19 23.08 -3.53
CA SER C 147 32.40 23.87 -2.59
C SER C 147 32.55 25.37 -2.86
N ASP C 148 33.76 25.81 -3.16
CA ASP C 148 34.02 27.22 -3.43
C ASP C 148 33.41 27.67 -4.75
N LEU C 149 33.50 26.83 -5.77
CA LEU C 149 33.16 27.23 -7.12
C LEU C 149 31.73 26.95 -7.54
N ASN C 150 31.11 25.92 -6.98
CA ASN C 150 29.75 25.54 -7.36
C ASN C 150 28.75 26.60 -6.94
N ASN C 151 27.93 27.04 -7.89
CA ASN C 151 26.94 28.09 -7.67
C ASN C 151 27.55 29.43 -7.24
N PHE C 152 28.79 29.67 -7.69
CA PHE C 152 29.51 30.88 -7.35
C PHE C 152 29.33 31.94 -8.44
N THR C 153 28.48 32.93 -8.18
CA THR C 153 28.36 34.08 -9.05
C THR C 153 29.53 35.01 -8.77
N CYS C 154 30.42 35.16 -9.74
CA CYS C 154 31.72 35.77 -9.50
C CYS C 154 32.15 36.75 -10.59
N LYS C 155 33.33 37.32 -10.40
CA LYS C 155 33.99 38.11 -11.43
C LYS C 155 35.34 37.46 -11.73
N ILE C 156 35.77 37.54 -12.98
CA ILE C 156 37.02 36.90 -13.39
C ILE C 156 38.00 37.92 -13.96
N SER C 157 39.19 37.98 -13.37
CA SER C 157 40.17 38.98 -13.74
C SER C 157 41.53 38.38 -14.07
N PRO C 158 42.21 38.93 -15.08
CA PRO C 158 43.59 38.53 -15.40
C PRO C 158 44.53 39.00 -14.30
N ILE C 159 45.50 38.18 -13.92
CA ILE C 159 46.43 38.55 -12.85
C ILE C 159 47.38 39.66 -13.28
N LEU C 160 47.39 39.97 -14.58
CA LEU C 160 48.17 41.08 -15.09
C LEU C 160 47.56 42.42 -14.65
N ASP C 161 46.24 42.52 -14.75
CA ASP C 161 45.53 43.72 -14.31
C ASP C 161 44.27 43.33 -13.56
N LEU C 162 44.25 43.58 -12.25
CA LEU C 162 43.14 43.17 -11.40
C LEU C 162 42.00 44.20 -11.37
N ASN C 163 41.98 45.09 -12.34
CA ASN C 163 40.90 46.06 -12.49
C ASN C 163 40.05 45.73 -13.71
N LYS C 164 40.55 44.80 -14.52
CA LYS C 164 39.86 44.39 -15.74
C LYS C 164 39.10 43.09 -15.50
N VAL C 165 38.00 42.89 -16.22
CA VAL C 165 37.19 41.69 -16.03
C VAL C 165 36.85 41.02 -17.37
N VAL C 166 36.75 39.69 -17.34
CA VAL C 166 36.28 38.93 -18.50
C VAL C 166 34.78 39.15 -18.62
N GLN C 167 34.33 39.56 -19.80
CA GLN C 167 32.92 39.93 -19.98
C GLN C 167 32.37 39.61 -21.35
N GLN C 168 31.05 39.46 -21.41
CA GLN C 168 30.32 39.49 -22.67
C GLN C 168 30.11 40.96 -22.98
N VAL C 169 30.41 41.37 -24.22
CA VAL C 169 30.42 42.79 -24.59
C VAL C 169 29.13 43.51 -24.23
N ASP C 170 28.01 42.98 -24.72
CA ASP C 170 26.69 43.43 -24.29
C ASP C 170 25.67 42.30 -24.44
N VAL C 171 24.40 42.63 -24.26
CA VAL C 171 23.35 41.62 -24.25
C VAL C 171 23.16 40.96 -25.63
N THR C 172 23.40 41.72 -26.70
CA THR C 172 23.22 41.19 -28.05
C THR C 172 24.55 40.96 -28.78
N ASN C 173 25.66 41.22 -28.09
CA ASN C 173 26.98 40.90 -28.64
C ASN C 173 27.59 39.75 -27.86
N LEU C 174 27.56 38.57 -28.46
CA LEU C 174 27.94 37.34 -27.77
C LEU C 174 29.46 37.12 -27.74
N ASN C 175 30.20 38.09 -28.25
CA ASN C 175 31.66 38.06 -28.15
C ASN C 175 32.12 38.24 -26.71
N VAL C 176 33.34 37.78 -26.43
CA VAL C 176 33.90 37.91 -25.09
C VAL C 176 35.24 38.63 -25.14
N ASN C 177 35.30 39.81 -24.51
CA ASN C 177 36.55 40.54 -24.42
C ASN C 177 36.90 40.98 -23.00
N LEU C 178 37.84 41.90 -22.88
CA LEU C 178 38.29 42.40 -21.59
C LEU C 178 37.88 43.86 -21.40
N TYR C 179 37.47 44.21 -20.19
CA TYR C 179 37.06 45.57 -19.89
C TYR C 179 37.20 45.89 -18.40
N THR C 180 37.38 47.17 -18.10
CA THR C 180 37.42 47.64 -16.72
C THR C 180 36.14 47.25 -15.99
N TRP C 181 36.27 46.76 -14.77
CA TRP C 181 35.13 46.32 -13.98
C TRP C 181 34.17 47.47 -13.69
N ASP C 182 32.90 47.29 -14.06
CA ASP C 182 31.91 48.34 -13.87
C ASP C 182 30.52 47.81 -13.50
N TYR C 183 30.49 46.81 -12.64
CA TYR C 183 29.25 46.32 -12.03
C TYR C 183 28.20 45.80 -13.02
N GLY C 184 28.62 45.51 -14.24
CA GLY C 184 27.71 45.04 -15.26
C GLY C 184 27.29 43.59 -15.07
N ARG C 185 26.04 43.27 -15.42
CA ARG C 185 25.55 41.90 -15.37
C ARG C 185 26.26 41.06 -16.42
N ASN C 186 26.82 41.72 -17.42
CA ASN C 186 27.58 41.04 -18.47
C ASN C 186 29.01 40.79 -18.03
N GLN C 187 29.38 41.36 -16.89
CA GLN C 187 30.73 41.23 -16.36
C GLN C 187 30.80 40.19 -15.24
N LYS C 188 29.68 39.54 -14.97
CA LYS C 188 29.61 38.51 -13.93
C LYS C 188 29.26 37.15 -14.50
N TRP C 189 29.73 36.09 -13.83
CA TRP C 189 29.51 34.73 -14.29
C TRP C 189 29.08 33.83 -13.14
N THR C 190 28.11 32.97 -13.39
CA THR C 190 27.69 31.99 -12.40
C THR C 190 28.33 30.64 -12.74
N ILE C 191 29.25 30.21 -11.90
CA ILE C 191 29.93 28.94 -12.09
C ILE C 191 29.07 27.78 -11.58
N ARG C 192 28.74 26.85 -12.46
CA ARG C 192 27.97 25.68 -12.07
C ARG C 192 28.74 24.39 -12.37
N TYR C 193 28.78 23.50 -11.39
CA TYR C 193 29.54 22.27 -11.52
C TYR C 193 28.69 21.11 -12.00
N ASN C 194 29.19 20.40 -13.01
CA ASN C 194 28.55 19.19 -13.52
C ASN C 194 29.25 17.94 -12.98
N GLU C 195 28.53 17.17 -12.18
CA GLU C 195 29.10 15.97 -11.55
C GLU C 195 29.47 14.89 -12.58
N GLU C 196 28.58 14.65 -13.53
CA GLU C 196 28.79 13.59 -14.52
C GLU C 196 29.99 13.85 -15.43
N LYS C 197 30.15 15.10 -15.86
CA LYS C 197 31.25 15.46 -16.74
C LYS C 197 32.48 15.91 -15.96
N ALA C 198 32.32 16.03 -14.64
CA ALA C 198 33.37 16.55 -13.76
C ALA C 198 33.93 17.88 -14.28
N ALA C 199 33.04 18.75 -14.73
CA ALA C 199 33.44 20.01 -15.35
C ALA C 199 32.59 21.19 -14.87
N TYR C 200 32.97 22.39 -15.30
CA TYR C 200 32.28 23.61 -14.89
C TYR C 200 31.77 24.37 -16.11
N GLN C 201 30.70 25.15 -15.91
CA GLN C 201 30.23 26.07 -16.94
C GLN C 201 30.14 27.49 -16.38
N PHE C 202 30.33 28.48 -17.26
CA PHE C 202 30.27 29.88 -16.85
C PHE C 202 29.04 30.56 -17.45
N PHE C 203 27.97 30.63 -16.67
CA PHE C 203 26.74 31.28 -17.12
C PHE C 203 26.82 32.78 -16.91
N ASN C 204 26.79 33.53 -18.01
CA ASN C 204 26.78 34.99 -17.94
C ASN C 204 25.41 35.48 -17.46
N THR C 205 25.42 36.50 -16.60
CA THR C 205 24.19 36.90 -15.91
C THR C 205 23.29 37.86 -16.69
N ILE C 206 23.47 37.95 -18.00
CA ILE C 206 22.55 38.74 -18.82
C ILE C 206 21.56 37.86 -19.58
N LEU C 207 21.69 36.54 -19.42
CA LEU C 207 20.71 35.61 -19.93
C LEU C 207 20.58 34.40 -19.00
N SER C 208 20.07 33.29 -19.53
CA SER C 208 19.79 32.12 -18.71
C SER C 208 20.25 30.82 -19.36
N ASN C 209 20.94 30.94 -20.49
CA ASN C 209 21.45 29.76 -21.19
C ASN C 209 22.80 30.01 -21.84
N GLY C 210 23.26 31.26 -21.80
CA GLY C 210 24.53 31.61 -22.39
C GLY C 210 25.72 31.22 -21.53
N VAL C 211 26.45 30.20 -21.97
CA VAL C 211 27.63 29.74 -21.25
C VAL C 211 28.91 30.13 -21.99
N LEU C 212 30.02 30.16 -21.26
CA LEU C 212 31.33 30.40 -21.86
C LEU C 212 31.73 29.19 -22.68
N THR C 213 32.03 29.41 -23.96
CA THR C 213 32.32 28.30 -24.87
C THR C 213 33.42 28.59 -25.88
N TRP C 214 34.13 27.53 -26.26
CA TRP C 214 35.17 27.59 -27.27
C TRP C 214 34.57 27.29 -28.64
N ILE C 215 34.56 28.28 -29.51
CA ILE C 215 34.09 28.10 -30.88
C ILE C 215 35.19 27.45 -31.72
N PHE C 216 35.28 26.13 -31.63
CA PHE C 216 36.31 25.37 -32.33
C PHE C 216 36.11 25.35 -33.84
N SER C 217 34.95 25.85 -34.29
CA SER C 217 34.67 25.96 -35.70
C SER C 217 35.51 27.07 -36.33
N ASN C 218 36.01 27.97 -35.49
CA ASN C 218 36.81 29.09 -35.97
C ASN C 218 38.02 29.39 -35.08
N GLY C 219 39.00 28.49 -35.12
CA GLY C 219 40.27 28.71 -34.46
C GLY C 219 40.23 28.81 -32.94
N ASN C 220 40.70 29.93 -32.43
CA ASN C 220 40.81 30.14 -30.98
C ASN C 220 39.69 31.00 -30.40
N THR C 221 38.67 31.25 -31.20
CA THR C 221 37.56 32.13 -30.80
C THR C 221 36.83 31.63 -29.56
N VAL C 222 36.70 32.50 -28.56
CA VAL C 222 35.91 32.22 -27.37
C VAL C 222 34.73 33.17 -27.31
N ARG C 223 33.52 32.61 -27.23
CA ARG C 223 32.31 33.42 -27.15
C ARG C 223 31.32 32.84 -26.13
N VAL C 224 30.14 33.46 -26.07
CA VAL C 224 29.04 32.98 -25.25
C VAL C 224 27.97 32.40 -26.18
N SER C 225 27.51 31.19 -25.89
CA SER C 225 26.47 30.57 -26.71
C SER C 225 25.43 29.87 -25.86
N SER C 226 24.31 29.52 -26.49
CA SER C 226 23.20 28.86 -25.80
C SER C 226 23.58 27.45 -25.36
N SER C 227 23.06 27.03 -24.21
CA SER C 227 23.31 25.71 -23.70
C SER C 227 22.04 24.87 -23.76
N ASN C 228 21.56 24.65 -24.97
CA ASN C 228 20.43 23.75 -25.19
C ASN C 228 20.93 22.37 -25.61
N ASP C 229 22.18 22.32 -26.04
CA ASP C 229 22.89 21.06 -26.22
C ASP C 229 23.64 20.79 -24.92
N GLN C 230 23.27 19.71 -24.22
CA GLN C 230 23.92 19.42 -22.96
C GLN C 230 25.36 18.97 -23.25
N ASN C 231 25.50 18.14 -24.28
CA ASN C 231 26.74 17.42 -24.51
C ASN C 231 27.64 18.00 -25.60
N ASN C 232 27.77 19.32 -25.61
CA ASN C 232 28.81 19.97 -26.38
C ASN C 232 29.95 20.30 -25.44
N ASP C 233 30.97 19.43 -25.43
CA ASP C 233 32.05 19.52 -24.43
C ASP C 233 32.84 20.81 -24.49
N ALA C 234 32.65 21.59 -25.55
CA ALA C 234 33.30 22.88 -25.69
C ALA C 234 32.65 23.92 -24.78
N GLN C 235 31.47 23.60 -24.27
CA GLN C 235 30.76 24.46 -23.33
C GLN C 235 31.33 24.32 -21.92
N TYR C 236 32.03 23.22 -21.68
CA TYR C 236 32.50 22.90 -20.33
C TYR C 236 33.97 23.22 -20.13
N TRP C 237 34.38 23.36 -18.87
CA TRP C 237 35.72 23.78 -18.54
C TRP C 237 36.24 23.09 -17.27
N LEU C 238 37.56 23.15 -17.09
CA LEU C 238 38.18 22.63 -15.88
C LEU C 238 38.89 23.77 -15.14
N ILE C 239 38.52 23.97 -13.88
CA ILE C 239 39.11 25.04 -13.08
C ILE C 239 40.09 24.51 -12.05
N ASN C 240 41.38 24.60 -12.36
CA ASN C 240 42.41 24.08 -11.47
C ASN C 240 43.21 25.19 -10.78
N PRO C 241 43.38 25.06 -9.45
CA PRO C 241 44.07 26.05 -8.61
C PRO C 241 45.57 26.10 -8.89
N VAL C 242 46.12 27.31 -8.90
CA VAL C 242 47.56 27.48 -9.03
C VAL C 242 48.20 27.33 -7.66
N SER C 243 49.31 26.59 -7.59
CA SER C 243 50.00 26.32 -6.34
C SER C 243 50.42 27.60 -5.62
N ASP C 244 50.21 27.62 -4.31
CA ASP C 244 50.57 28.76 -3.46
C ASP C 244 49.89 30.06 -3.86
N THR C 245 48.64 29.96 -4.30
CA THR C 245 47.83 31.13 -4.60
C THR C 245 46.51 31.07 -3.83
N ASP C 246 45.87 32.21 -3.65
CA ASP C 246 44.63 32.27 -2.87
C ASP C 246 43.38 32.09 -3.73
N GLU C 247 43.27 32.86 -4.81
CA GLU C 247 42.08 32.82 -5.66
C GLU C 247 42.40 32.64 -7.15
N THR C 248 43.63 32.21 -7.45
CA THR C 248 44.07 32.11 -8.83
C THR C 248 43.89 30.71 -9.42
N TYR C 249 43.36 30.65 -10.64
CA TYR C 249 43.10 29.38 -11.31
C TYR C 249 43.52 29.41 -12.78
N THR C 250 43.78 28.23 -13.32
CA THR C 250 43.87 28.04 -14.77
C THR C 250 42.56 27.41 -15.24
N ILE C 251 42.09 27.83 -16.41
CA ILE C 251 40.81 27.35 -16.93
C ILE C 251 41.00 26.66 -18.28
N THR C 252 40.78 25.35 -18.32
CA THR C 252 40.99 24.57 -19.53
C THR C 252 39.72 23.94 -20.07
N ASN C 253 39.62 23.87 -21.39
CA ASN C 253 38.44 23.35 -22.06
C ASN C 253 38.36 21.83 -21.99
N LEU C 254 37.15 21.28 -22.06
CA LEU C 254 36.95 19.85 -21.93
C LEU C 254 37.07 19.11 -23.27
N ARG C 255 36.72 19.78 -24.35
CA ARG C 255 36.86 19.19 -25.68
C ARG C 255 38.33 18.97 -26.01
N ASP C 256 39.17 19.86 -25.52
CA ASP C 256 40.62 19.71 -25.62
C ASP C 256 41.29 20.39 -24.44
N THR C 257 41.86 19.59 -23.55
CA THR C 257 42.41 20.08 -22.29
C THR C 257 43.74 20.81 -22.44
N THR C 258 44.30 20.80 -23.65
CA THR C 258 45.54 21.52 -23.92
C THR C 258 45.24 22.98 -24.28
N LYS C 259 43.96 23.34 -24.22
CA LYS C 259 43.55 24.71 -24.52
C LYS C 259 43.11 25.43 -23.25
N ALA C 260 43.93 26.39 -22.82
CA ALA C 260 43.62 27.18 -21.63
C ALA C 260 43.04 28.54 -22.02
N LEU C 261 42.18 29.07 -21.17
CA LEU C 261 41.60 30.40 -21.39
C LEU C 261 42.73 31.42 -21.44
N ASP C 262 42.77 32.21 -22.50
CA ASP C 262 43.93 33.03 -22.82
C ASP C 262 43.59 34.49 -23.13
N LEU C 263 44.28 35.41 -22.47
CA LEU C 263 44.17 36.82 -22.78
C LEU C 263 45.19 37.19 -23.86
N TYR C 264 44.69 37.61 -25.03
CA TYR C 264 45.54 37.92 -26.18
C TYR C 264 46.72 38.81 -25.79
N GLY C 265 47.93 38.32 -26.05
CA GLY C 265 49.13 38.91 -25.49
C GLY C 265 49.42 38.24 -24.15
N GLY C 266 49.90 39.01 -23.17
CA GLY C 266 50.28 40.39 -23.38
C GLY C 266 49.33 41.44 -22.85
N GLN C 267 48.54 42.01 -23.77
CA GLN C 267 47.81 43.27 -23.55
C GLN C 267 46.86 43.30 -22.36
N THR C 268 47.01 44.34 -21.53
CA THR C 268 46.08 44.62 -20.45
C THR C 268 45.20 45.79 -20.86
N ALA C 269 44.92 45.88 -22.16
CA ALA C 269 44.13 46.98 -22.71
C ALA C 269 42.64 46.77 -22.50
N ASN C 270 41.86 47.83 -22.70
CA ASN C 270 40.45 47.82 -22.33
C ASN C 270 39.52 47.22 -23.38
N GLY C 271 40.07 46.42 -24.28
CA GLY C 271 39.26 45.78 -25.31
C GLY C 271 39.89 44.52 -25.86
N THR C 272 40.93 44.05 -25.17
CA THR C 272 41.68 42.87 -25.58
C THR C 272 40.77 41.64 -25.68
N ALA C 273 41.09 40.76 -26.61
CA ALA C 273 40.29 39.56 -26.85
C ALA C 273 40.54 38.45 -25.83
N ILE C 274 39.47 37.77 -25.45
CA ILE C 274 39.58 36.55 -24.66
C ILE C 274 39.51 35.38 -25.62
N GLN C 275 40.41 34.41 -25.45
CA GLN C 275 40.50 33.28 -26.38
C GLN C 275 41.02 32.04 -25.67
N VAL C 276 41.06 30.92 -26.39
CA VAL C 276 41.80 29.76 -25.93
C VAL C 276 43.15 29.76 -26.62
N PHE C 277 44.13 29.11 -26.00
CA PHE C 277 45.45 28.98 -26.60
C PHE C 277 46.13 27.78 -25.96
N ASN C 278 47.13 27.24 -26.65
CA ASN C 278 47.87 26.10 -26.13
C ASN C 278 48.51 26.40 -24.78
N TYR C 279 48.18 25.58 -23.79
CA TYR C 279 48.62 25.80 -22.42
C TYR C 279 50.14 25.83 -22.27
N HIS C 280 50.64 26.96 -21.76
CA HIS C 280 52.06 27.11 -21.46
C HIS C 280 52.26 27.51 -20.00
N GLY C 281 51.26 28.17 -19.43
CA GLY C 281 51.25 28.46 -18.00
C GLY C 281 51.67 29.86 -17.60
N ASP C 282 51.91 30.73 -18.58
CA ASP C 282 52.30 32.11 -18.29
C ASP C 282 51.17 32.90 -17.64
N ASP C 283 51.47 34.14 -17.26
CA ASP C 283 50.53 34.98 -16.52
C ASP C 283 49.25 35.31 -17.29
N ASN C 284 49.30 35.17 -18.61
CA ASN C 284 48.13 35.44 -19.44
C ASN C 284 47.18 34.26 -19.49
N GLN C 285 47.48 33.22 -18.71
CA GLN C 285 46.63 32.04 -18.63
C GLN C 285 46.23 31.76 -17.18
N LYS C 286 46.57 32.68 -16.29
CA LYS C 286 46.16 32.60 -14.89
C LYS C 286 45.03 33.58 -14.65
N TRP C 287 44.04 33.17 -13.86
CA TRP C 287 42.85 33.98 -13.65
C TRP C 287 42.43 34.07 -12.19
N ASN C 288 42.06 35.27 -11.76
CA ASN C 288 41.54 35.49 -10.42
C ASN C 288 40.01 35.44 -10.40
N ILE C 289 39.46 34.41 -9.77
CA ILE C 289 38.03 34.30 -9.58
C ILE C 289 37.66 34.90 -8.23
N ARG C 290 36.95 36.02 -8.25
CA ARG C 290 36.64 36.75 -7.01
C ARG C 290 35.16 37.02 -6.82
N ASN C 291 34.77 37.22 -5.57
CA ASN C 291 33.43 37.64 -5.23
C ASN C 291 33.25 39.12 -5.58
N PRO C 292 32.31 39.42 -6.50
CA PRO C 292 32.15 40.77 -7.03
C PRO C 292 31.42 41.72 -6.08
N PRO C 293 32.00 42.90 -5.84
CA PRO C 293 31.38 43.94 -4.99
C PRO C 293 30.12 44.50 -5.64
N GLU D 8 -0.87 -23.37 75.72
CA GLU D 8 -1.57 -22.42 74.86
C GLU D 8 -1.84 -21.08 75.55
N ASN D 9 -1.24 -20.02 75.02
CA ASN D 9 -1.56 -18.67 75.45
C ASN D 9 -1.78 -17.79 74.23
N ILE D 10 -2.92 -18.00 73.58
CA ILE D 10 -3.24 -17.32 72.34
C ILE D 10 -3.41 -15.82 72.50
N GLN D 11 -2.50 -15.06 71.88
CA GLN D 11 -2.69 -13.62 71.76
C GLN D 11 -3.39 -13.32 70.45
N GLU D 12 -4.15 -12.23 70.41
CA GLU D 12 -5.05 -11.97 69.29
C GLU D 12 -4.87 -10.58 68.67
N ILE D 13 -4.72 -10.56 67.34
CA ILE D 13 -4.66 -9.30 66.61
C ILE D 13 -6.06 -8.74 66.47
N ASN D 14 -6.27 -7.55 67.01
CA ASN D 14 -7.59 -6.92 67.10
C ASN D 14 -8.40 -6.88 65.80
N THR D 15 -7.86 -6.21 64.78
CA THR D 15 -8.56 -6.04 63.51
C THR D 15 -7.83 -6.70 62.34
N ALA D 16 -8.54 -6.92 61.24
CA ALA D 16 -7.97 -7.55 60.05
C ALA D 16 -6.80 -6.77 59.48
N ILE D 17 -5.67 -7.47 59.28
CA ILE D 17 -4.43 -6.88 58.77
C ILE D 17 -4.68 -6.37 57.35
N SER D 18 -4.11 -5.22 57.05
CA SER D 18 -4.30 -4.60 55.74
C SER D 18 -3.38 -4.99 54.59
N ASP D 19 -2.24 -4.32 54.50
CA ASP D 19 -1.16 -4.74 53.64
C ASP D 19 0.08 -4.81 54.49
N ASN D 20 0.22 -3.86 55.41
CA ASN D 20 1.36 -3.81 56.29
C ASN D 20 0.93 -3.82 57.75
N TYR D 21 1.67 -4.51 58.61
CA TYR D 21 1.40 -4.52 60.04
C TYR D 21 2.62 -4.94 60.85
N THR D 22 2.70 -4.41 62.07
CA THR D 22 3.80 -4.72 62.96
C THR D 22 3.24 -5.03 64.33
N TYR D 23 3.43 -6.28 64.78
CA TYR D 23 2.89 -6.70 66.06
C TYR D 23 4.01 -6.94 67.06
N ASN D 24 4.06 -6.11 68.10
CA ASN D 24 5.05 -6.25 69.15
C ASN D 24 4.72 -7.38 70.11
N ILE D 25 5.75 -8.00 70.67
CA ILE D 25 5.58 -9.13 71.57
C ILE D 25 6.01 -8.81 73.00
N ASN D 31 10.20 -16.89 76.30
CA ASN D 31 10.78 -18.14 76.79
C ASN D 31 9.79 -19.30 76.75
N ASN D 32 8.73 -19.16 75.98
CA ASN D 32 7.71 -20.20 75.87
C ASN D 32 6.88 -20.07 74.59
N PRO D 33 6.62 -21.19 73.91
CA PRO D 33 5.87 -21.20 72.64
C PRO D 33 4.43 -20.72 72.81
N PHE D 34 4.07 -19.67 72.08
CA PHE D 34 2.70 -19.15 72.09
C PHE D 34 2.21 -18.89 70.67
N TYR D 35 0.91 -18.65 70.53
CA TYR D 35 0.30 -18.51 69.21
C TYR D 35 -0.34 -17.15 69.00
N ILE D 36 -0.26 -16.65 67.76
CA ILE D 36 -0.85 -15.36 67.41
C ILE D 36 -1.97 -15.53 66.38
N LEU D 37 -3.17 -15.13 66.75
CA LEU D 37 -4.34 -15.26 65.87
C LEU D 37 -4.57 -13.99 65.07
N PHE D 38 -4.84 -14.15 63.78
CA PHE D 38 -5.07 -13.00 62.92
C PHE D 38 -5.81 -13.36 61.64
N THR D 39 -6.42 -12.37 61.03
CA THR D 39 -7.00 -12.51 59.70
C THR D 39 -6.44 -11.40 58.81
N VAL D 40 -6.60 -11.53 57.50
CA VAL D 40 -6.18 -10.49 56.57
C VAL D 40 -7.38 -9.88 55.87
N ASN D 41 -7.27 -8.60 55.51
CA ASN D 41 -8.37 -7.91 54.86
C ASN D 41 -8.50 -8.33 53.41
N THR D 42 -7.37 -8.46 52.74
CA THR D 42 -7.34 -8.83 51.33
C THR D 42 -6.66 -10.18 51.15
N THR D 43 -7.32 -11.09 50.45
CA THR D 43 -6.72 -12.36 50.09
C THR D 43 -5.51 -12.13 49.20
N GLY D 44 -4.38 -12.73 49.56
CA GLY D 44 -3.17 -12.62 48.75
C GLY D 44 -1.91 -13.20 49.37
N ILE D 45 -0.81 -13.04 48.66
CA ILE D 45 0.50 -13.51 49.13
C ILE D 45 1.04 -12.61 50.21
N TYR D 46 1.47 -13.18 51.33
CA TYR D 46 2.02 -12.41 52.42
C TYR D 46 3.41 -12.87 52.83
N LYS D 47 4.30 -11.91 53.08
CA LYS D 47 5.58 -12.21 53.68
C LYS D 47 5.49 -11.97 55.18
N ILE D 48 5.78 -13.01 55.96
CA ILE D 48 5.73 -12.91 57.41
C ILE D 48 7.08 -13.27 58.02
N ASN D 49 7.57 -12.41 58.91
CA ASN D 49 8.88 -12.60 59.50
C ASN D 49 9.04 -11.89 60.84
N ALA D 50 10.09 -12.26 61.57
CA ALA D 50 10.46 -11.56 62.78
C ALA D 50 11.65 -10.65 62.50
N GLN D 51 12.25 -10.09 63.56
CA GLN D 51 13.38 -9.19 63.40
C GLN D 51 14.64 -9.74 64.07
N ASN D 52 15.69 -9.98 63.28
CA ASN D 52 15.61 -9.89 61.83
C ASN D 52 15.59 -11.31 61.25
N ASN D 53 14.38 -11.79 61.00
CA ASN D 53 14.13 -13.18 60.63
C ASN D 53 14.50 -14.16 61.76
N LEU D 54 14.62 -13.63 62.97
CA LEU D 54 14.85 -14.43 64.16
C LEU D 54 13.71 -14.22 65.16
N PRO D 55 13.06 -15.31 65.58
CA PRO D 55 13.36 -16.68 65.16
C PRO D 55 12.48 -17.11 63.98
N SER D 56 12.65 -18.35 63.53
CA SER D 56 11.82 -18.92 62.48
C SER D 56 10.42 -19.19 63.00
N LEU D 57 9.42 -18.85 62.19
CA LEU D 57 8.03 -19.00 62.59
C LEU D 57 7.35 -20.16 61.87
N LYS D 58 6.23 -20.61 62.43
CA LYS D 58 5.37 -21.57 61.76
C LYS D 58 3.99 -20.95 61.63
N ILE D 59 3.27 -21.27 60.56
CA ILE D 59 1.94 -20.73 60.36
C ILE D 59 0.90 -21.81 60.11
N TYR D 60 -0.27 -21.64 60.71
CA TYR D 60 -1.34 -22.63 60.62
C TYR D 60 -2.64 -22.01 60.13
N GLU D 61 -3.52 -22.85 59.61
CA GLU D 61 -4.86 -22.43 59.21
C GLU D 61 -5.89 -23.07 60.13
N ALA D 62 -6.85 -22.27 60.59
CA ALA D 62 -7.89 -22.76 61.50
C ALA D 62 -9.01 -23.45 60.73
N ILE D 63 -8.98 -24.77 60.69
CA ILE D 63 -9.94 -25.55 59.92
C ILE D 63 -11.37 -25.40 60.45
N GLY D 64 -12.28 -25.00 59.56
CA GLY D 64 -13.67 -24.80 59.93
C GLY D 64 -14.46 -24.11 58.83
N ILE D 83 -6.89 -27.40 63.53
CA ILE D 83 -5.86 -26.53 62.98
C ILE D 83 -4.88 -27.28 62.08
N ASN D 84 -4.69 -26.78 60.86
CA ASN D 84 -3.82 -27.42 59.88
C ASN D 84 -2.50 -26.67 59.68
N TYR D 85 -1.42 -27.44 59.52
CA TYR D 85 -0.11 -26.87 59.25
C TYR D 85 -0.02 -26.36 57.81
N ILE D 86 0.72 -25.27 57.62
CA ILE D 86 0.91 -24.72 56.28
C ILE D 86 2.37 -24.81 55.83
N THR D 87 3.22 -24.05 56.51
CA THR D 87 4.64 -24.02 56.17
C THR D 87 5.45 -23.48 57.33
N GLY D 88 6.77 -23.57 57.22
CA GLY D 88 7.65 -23.10 58.28
C GLY D 88 8.15 -24.24 59.13
N PHE D 89 9.28 -24.02 59.80
CA PHE D 89 9.92 -25.04 60.61
C PHE D 89 10.25 -24.48 61.99
N ASP D 90 10.55 -25.38 62.93
CA ASP D 90 11.02 -24.97 64.25
C ASP D 90 12.47 -25.40 64.43
N SER D 91 13.39 -24.58 63.96
CA SER D 91 14.81 -24.86 64.08
C SER D 91 15.52 -23.70 64.78
N PRO D 92 16.20 -23.99 65.89
CA PRO D 92 16.83 -22.96 66.73
C PRO D 92 17.91 -22.17 66.01
N ASN D 93 17.97 -20.86 66.28
CA ASN D 93 18.99 -19.98 65.73
C ASN D 93 18.99 -19.90 64.20
N ALA D 94 17.91 -20.33 63.57
CA ALA D 94 17.85 -20.35 62.11
C ALA D 94 17.01 -19.20 61.54
N LYS D 95 17.66 -18.33 60.78
CA LYS D 95 17.01 -17.19 60.18
C LYS D 95 16.14 -17.63 59.00
N SER D 96 14.91 -17.11 58.96
CA SER D 96 13.99 -17.40 57.87
C SER D 96 12.79 -16.47 57.86
N TYR D 97 12.04 -16.49 56.77
CA TYR D 97 10.74 -15.82 56.72
C TYR D 97 9.74 -16.68 55.96
N LEU D 98 8.46 -16.34 56.08
CA LEU D 98 7.42 -17.14 55.46
C LEU D 98 6.79 -16.42 54.27
N VAL D 99 6.58 -17.15 53.18
CA VAL D 99 5.81 -16.64 52.06
C VAL D 99 4.56 -17.51 51.93
N VAL D 100 3.39 -16.92 52.19
CA VAL D 100 2.19 -17.71 52.33
C VAL D 100 0.95 -17.03 51.72
N LEU D 101 0.11 -17.83 51.08
CA LEU D 101 -1.16 -17.36 50.55
C LEU D 101 -2.23 -17.35 51.64
N LEU D 102 -2.68 -16.16 52.01
CA LEU D 102 -3.69 -16.02 53.05
C LEU D 102 -5.02 -15.58 52.47
N ASN D 103 -6.09 -16.30 52.81
CA ASN D 103 -7.42 -15.98 52.32
C ASN D 103 -8.21 -15.16 53.33
N LYS D 104 -8.97 -14.18 52.84
CA LYS D 104 -9.62 -13.19 53.69
C LYS D 104 -10.69 -13.77 54.61
N ASP D 105 -11.27 -14.91 54.22
CA ASP D 105 -12.36 -15.50 54.99
C ASP D 105 -11.90 -16.71 55.78
N LYS D 106 -10.68 -16.65 56.30
CA LYS D 106 -10.12 -17.72 57.11
C LYS D 106 -9.31 -17.16 58.28
N ASN D 107 -9.13 -17.99 59.31
CA ASN D 107 -8.34 -17.60 60.46
C ASN D 107 -6.98 -18.31 60.48
N TYR D 108 -5.93 -17.58 60.85
CA TYR D 108 -4.58 -18.11 60.82
C TYR D 108 -3.85 -17.95 62.14
N TYR D 109 -2.90 -18.85 62.40
CA TYR D 109 -2.13 -18.83 63.63
C TYR D 109 -0.63 -18.84 63.36
N ILE D 110 0.08 -17.89 63.96
CA ILE D 110 1.54 -17.89 63.90
C ILE D 110 2.10 -18.51 65.16
N ARG D 111 2.87 -19.58 65.01
CA ARG D 111 3.53 -20.18 66.17
C ARG D 111 4.95 -19.66 66.33
N VAL D 112 5.16 -18.85 67.36
CA VAL D 112 6.49 -18.38 67.71
C VAL D 112 7.03 -19.22 68.86
N PRO D 113 8.19 -19.87 68.64
CA PRO D 113 8.79 -20.78 69.63
C PRO D 113 9.56 -20.03 70.71
N GLN D 114 9.96 -20.75 71.76
CA GLN D 114 10.73 -20.17 72.84
C GLN D 114 12.12 -19.75 72.36
N THR D 115 12.63 -18.65 72.89
CA THR D 115 13.93 -18.13 72.48
C THR D 115 14.77 -17.70 73.67
N SER D 116 15.25 -16.46 73.63
CA SER D 116 16.03 -15.90 74.72
C SER D 116 15.63 -14.45 74.96
N SER D 117 15.27 -14.13 76.19
CA SER D 117 14.62 -12.85 76.51
C SER D 117 15.59 -11.68 76.61
N ASN D 118 16.40 -11.49 75.58
CA ASN D 118 17.37 -10.41 75.55
C ASN D 118 16.78 -9.13 74.97
N ILE D 119 16.37 -9.19 73.70
CA ILE D 119 15.79 -8.04 73.03
C ILE D 119 14.36 -8.33 72.58
N GLU D 120 13.48 -7.36 72.74
CA GLU D 120 12.08 -7.50 72.35
C GLU D 120 11.96 -7.87 70.87
N ASN D 121 10.91 -8.63 70.55
CA ASN D 121 10.67 -9.05 69.18
C ASN D 121 9.37 -8.47 68.60
N GLN D 122 9.16 -8.67 67.31
CA GLN D 122 7.94 -8.23 66.64
C GLN D 122 7.72 -8.98 65.33
N ILE D 123 6.45 -9.23 65.00
CA ILE D 123 6.12 -9.92 63.76
C ILE D 123 5.71 -8.92 62.67
N GLN D 124 6.35 -9.02 61.52
CA GLN D 124 6.08 -8.10 60.42
C GLN D 124 5.24 -8.76 59.33
N PHE D 125 4.22 -8.05 58.86
CA PHE D 125 3.32 -8.57 57.85
C PHE D 125 3.31 -7.66 56.61
N LYS D 126 3.72 -8.20 55.47
CA LYS D 126 3.59 -7.46 54.22
C LYS D 126 2.95 -8.26 53.10
N ARG D 127 1.92 -7.70 52.48
CA ARG D 127 1.29 -8.27 51.30
C ARG D 127 2.18 -8.07 50.07
N GLU D 128 2.40 -9.14 49.32
CA GLU D 128 3.25 -9.10 48.14
C GLU D 128 2.46 -9.38 46.87
N GLU D 129 2.58 -8.49 45.89
CA GLU D 129 1.86 -8.64 44.63
C GLU D 129 2.82 -8.97 43.50
N GLY D 130 4.11 -9.03 43.81
CA GLY D 130 5.14 -9.24 42.80
C GLY D 130 5.60 -10.68 42.66
N ASP D 131 6.89 -10.84 42.34
CA ASP D 131 7.44 -12.15 41.98
C ASP D 131 7.51 -13.15 43.13
N LEU D 132 7.30 -12.68 44.35
CA LEU D 132 7.34 -13.56 45.52
C LEU D 132 6.23 -14.61 45.45
N ARG D 133 5.26 -14.37 44.57
CA ARG D 133 4.20 -15.32 44.26
C ARG D 133 4.76 -16.70 43.91
N ASN D 134 5.97 -16.71 43.34
CA ASN D 134 6.64 -17.96 42.97
C ASN D 134 7.13 -18.76 44.18
N LEU D 135 6.96 -18.20 45.38
CA LEU D 135 7.46 -18.83 46.59
C LEU D 135 6.39 -19.20 47.62
N MET D 136 5.14 -19.36 47.17
CA MET D 136 4.10 -19.83 48.08
C MET D 136 3.90 -21.34 47.95
N ASN D 137 3.56 -22.02 49.05
CA ASN D 137 3.67 -21.49 50.41
C ASN D 137 4.96 -22.06 50.96
N SER D 138 5.99 -21.23 51.05
CA SER D 138 7.31 -21.74 51.41
C SER D 138 7.96 -20.97 52.54
N SER D 139 8.77 -21.67 53.32
CA SER D 139 9.68 -21.02 54.24
C SER D 139 10.92 -20.64 53.44
N VAL D 140 11.44 -19.45 53.66
CA VAL D 140 12.64 -19.02 52.96
C VAL D 140 13.80 -18.90 53.94
N ASN D 141 14.71 -19.86 53.88
CA ASN D 141 15.89 -19.84 54.74
C ASN D 141 16.87 -18.75 54.34
N ILE D 142 17.43 -18.08 55.34
CA ILE D 142 18.44 -17.06 55.09
C ILE D 142 19.83 -17.62 55.30
N ILE D 143 20.55 -17.83 54.19
CA ILE D 143 21.91 -18.35 54.25
C ILE D 143 22.90 -17.20 54.32
N ASP D 144 23.56 -17.06 55.48
CA ASP D 144 24.40 -15.89 55.73
C ASP D 144 25.80 -16.23 56.22
N ASN D 145 26.26 -17.46 55.93
CA ASN D 145 27.58 -17.88 56.40
C ASN D 145 28.40 -18.60 55.33
N LEU D 146 28.23 -18.19 54.07
CA LEU D 146 28.99 -18.79 52.98
C LEU D 146 30.41 -18.25 52.90
N ASN D 147 31.39 -19.15 52.99
CA ASN D 147 32.81 -18.79 52.88
C ASN D 147 33.24 -18.73 51.42
N SER D 148 34.48 -18.30 51.19
CA SER D 148 35.01 -18.16 49.83
C SER D 148 34.81 -19.44 49.01
N THR D 149 35.36 -20.54 49.48
CA THR D 149 35.16 -21.84 48.86
C THR D 149 34.84 -22.86 49.92
N GLY D 150 34.50 -24.08 49.51
CA GLY D 150 34.29 -25.16 50.46
C GLY D 150 32.88 -25.70 50.48
N ALA D 151 32.65 -26.68 51.36
CA ALA D 151 31.34 -27.33 51.47
C ALA D 151 30.48 -26.68 52.54
N HIS D 152 29.19 -26.60 52.26
CA HIS D 152 28.23 -26.07 53.21
C HIS D 152 26.96 -26.91 53.16
N TYR D 153 26.40 -27.23 54.31
CA TYR D 153 25.11 -27.89 54.35
C TYR D 153 24.18 -27.30 55.41
N TYR D 154 22.89 -27.29 55.13
CA TYR D 154 21.91 -26.71 56.03
C TYR D 154 20.75 -27.66 56.26
N THR D 155 20.60 -28.11 57.49
CA THR D 155 19.62 -29.13 57.83
C THR D 155 18.35 -28.53 58.41
N ARG D 156 17.22 -28.79 57.76
CA ARG D 156 15.93 -28.32 58.23
C ARG D 156 14.94 -29.49 58.24
N GLN D 157 13.82 -29.31 58.92
CA GLN D 157 12.76 -30.30 58.86
C GLN D 157 12.23 -30.34 57.43
N SER D 158 12.14 -31.54 56.86
CA SER D 158 11.70 -31.67 55.47
C SER D 158 10.22 -31.44 55.30
N PRO D 159 9.84 -30.63 54.30
CA PRO D 159 8.43 -30.50 53.93
C PRO D 159 7.90 -31.85 53.47
N ASP D 160 6.59 -32.04 53.59
CA ASP D 160 5.95 -33.24 53.08
C ASP D 160 6.07 -33.27 51.56
N VAL D 161 5.77 -34.42 50.96
CA VAL D 161 5.87 -34.59 49.51
C VAL D 161 5.04 -33.52 48.79
N HIS D 162 5.68 -32.86 47.83
CA HIS D 162 5.08 -31.76 47.05
C HIS D 162 4.91 -30.46 47.82
N ASP D 163 5.53 -30.36 49.00
CA ASP D 163 5.58 -29.10 49.75
C ASP D 163 6.93 -28.43 49.55
N TYR D 164 7.02 -27.15 49.92
CA TYR D 164 8.19 -26.33 49.54
C TYR D 164 9.03 -25.82 50.71
N ILE D 165 10.34 -25.80 50.47
CA ILE D 165 11.28 -25.10 51.34
C ILE D 165 12.28 -24.35 50.45
N SER D 166 12.55 -23.10 50.79
CA SER D 166 13.41 -22.28 49.94
C SER D 166 14.66 -21.76 50.66
N TYR D 167 15.62 -21.29 49.88
CA TYR D 167 16.92 -20.90 50.41
C TYR D 167 17.42 -19.65 49.71
N GLU D 168 17.55 -18.57 50.47
CA GLU D 168 18.04 -17.30 49.93
C GLU D 168 19.50 -17.10 50.32
N PHE D 169 20.38 -17.03 49.32
CA PHE D 169 21.82 -16.96 49.58
C PHE D 169 22.55 -15.96 48.68
N THR D 170 23.66 -15.45 49.20
CA THR D 170 24.50 -14.51 48.47
C THR D 170 25.85 -15.14 48.16
N ILE D 171 26.22 -15.13 46.88
CA ILE D 171 27.51 -15.66 46.46
C ILE D 171 28.62 -14.79 47.01
N PRO D 172 29.59 -15.40 47.72
CA PRO D 172 30.69 -14.69 48.35
C PRO D 172 31.49 -13.85 47.37
N GLY D 173 32.17 -12.83 47.87
CA GLY D 173 33.00 -11.98 47.04
C GLY D 173 32.31 -10.71 46.55
N ASN D 174 33.11 -9.77 46.07
CA ASN D 174 32.59 -8.51 45.55
C ASN D 174 31.97 -8.67 44.16
N PHE D 175 30.86 -7.98 43.94
CA PHE D 175 30.15 -8.04 42.66
C PHE D 175 30.78 -7.13 41.62
N ASN D 176 31.00 -7.65 40.42
CA ASN D 176 31.55 -6.85 39.32
C ASN D 176 30.97 -7.27 37.98
N ASN D 177 29.87 -8.00 38.02
CA ASN D 177 29.20 -8.52 36.82
C ASN D 177 30.13 -9.36 35.94
N LYS D 178 31.16 -9.93 36.55
CA LYS D 178 32.14 -10.70 35.82
C LYS D 178 32.65 -11.89 36.64
N ASP D 179 33.18 -11.61 37.81
CA ASP D 179 33.71 -12.65 38.70
C ASP D 179 32.65 -13.68 39.02
N THR D 180 33.07 -14.94 39.12
CA THR D 180 32.12 -16.05 39.22
C THR D 180 32.67 -17.22 40.03
N SER D 181 31.82 -17.82 40.86
CA SER D 181 32.14 -19.03 41.58
C SER D 181 31.30 -20.20 41.05
N ASN D 182 31.80 -21.41 41.25
CA ASN D 182 31.08 -22.61 40.82
C ASN D 182 30.25 -23.18 41.96
N ILE D 183 28.97 -23.43 41.72
CA ILE D 183 28.05 -23.83 42.78
C ILE D 183 27.36 -25.17 42.54
N ARG D 184 27.66 -26.14 43.39
CA ARG D 184 26.96 -27.42 43.37
C ARG D 184 25.87 -27.47 44.43
N LEU D 185 24.62 -27.61 43.99
CA LEU D 185 23.48 -27.72 44.88
C LEU D 185 22.94 -29.14 44.87
N TYR D 186 22.77 -29.74 46.05
CA TYR D 186 22.27 -31.10 46.14
C TYR D 186 21.75 -31.47 47.54
N THR D 187 21.04 -32.58 47.62
CA THR D 187 20.54 -33.12 48.90
C THR D 187 21.13 -34.50 49.18
N SER D 188 20.81 -35.06 50.34
CA SER D 188 21.44 -36.29 50.80
C SER D 188 20.53 -37.52 50.79
N TYR D 189 19.25 -37.30 51.10
CA TYR D 189 18.31 -38.42 51.21
C TYR D 189 17.03 -38.20 50.42
N ASN D 190 16.45 -37.02 50.56
CA ASN D 190 15.20 -36.70 49.91
C ASN D 190 15.40 -36.19 48.50
N GLN D 191 14.56 -36.63 47.57
CA GLN D 191 14.59 -36.12 46.21
C GLN D 191 13.70 -34.89 46.10
N GLY D 192 14.15 -33.92 45.32
CA GLY D 192 13.40 -32.70 45.14
C GLY D 192 13.66 -32.03 43.80
N ILE D 193 12.69 -31.24 43.36
CA ILE D 193 12.84 -30.45 42.14
C ILE D 193 13.21 -29.03 42.52
N GLY D 194 14.36 -28.57 42.03
CA GLY D 194 14.85 -27.25 42.36
C GLY D 194 14.54 -26.22 41.29
N THR D 195 14.20 -25.01 41.74
CA THR D 195 14.05 -23.89 40.82
C THR D 195 14.96 -22.77 41.32
N LEU D 196 15.85 -22.31 40.46
CA LEU D 196 16.83 -21.31 40.85
C LEU D 196 16.49 -19.95 40.26
N PHE D 197 16.37 -18.95 41.13
CA PHE D 197 16.11 -17.57 40.72
C PHE D 197 17.25 -16.67 41.12
N ARG D 198 17.49 -15.63 40.34
CA ARG D 198 18.31 -14.53 40.80
C ARG D 198 17.40 -13.40 41.25
N VAL D 199 17.74 -12.75 42.35
CA VAL D 199 16.87 -11.70 42.86
C VAL D 199 17.44 -10.29 42.66
N THR D 200 16.56 -9.39 42.25
CA THR D 200 16.85 -7.97 42.24
C THR D 200 15.77 -7.30 43.07
N GLU D 201 16.09 -6.16 43.64
CA GLU D 201 15.13 -5.47 44.49
C GLU D 201 14.87 -4.04 44.02
N THR D 202 13.59 -3.67 43.98
CA THR D 202 13.21 -2.28 43.77
C THR D 202 12.51 -1.79 45.04
N ILE D 203 11.95 -0.60 44.98
CA ILE D 203 11.19 -0.05 46.09
C ILE D 203 9.90 -0.84 46.29
N ASP D 204 9.52 -1.62 45.28
CA ASP D 204 8.30 -2.40 45.30
C ASP D 204 8.52 -3.83 45.78
N GLY D 205 9.79 -4.19 45.97
CA GLY D 205 10.12 -5.51 46.48
C GLY D 205 11.00 -6.33 45.57
N TYR D 206 10.97 -7.65 45.77
CA TYR D 206 11.82 -8.56 45.01
C TYR D 206 11.33 -8.78 43.58
N ASN D 207 12.29 -8.90 42.68
CA ASN D 207 12.03 -9.46 41.36
C ASN D 207 12.76 -10.78 41.25
N LEU D 208 12.12 -11.76 40.63
CA LEU D 208 12.71 -13.09 40.48
C LEU D 208 13.00 -13.41 39.02
N ILE D 209 14.26 -13.70 38.73
CA ILE D 209 14.68 -14.00 37.37
C ILE D 209 15.10 -15.47 37.24
N ASN D 210 14.57 -16.15 36.23
CA ASN D 210 14.88 -17.56 36.01
C ASN D 210 16.34 -17.81 35.66
N ILE D 211 16.97 -18.70 36.42
CA ILE D 211 18.33 -19.13 36.14
C ILE D 211 18.36 -20.58 35.70
N GLN D 212 17.74 -21.45 36.51
CA GLN D 212 17.71 -22.87 36.22
C GLN D 212 16.45 -23.54 36.75
N GLN D 213 15.83 -24.37 35.92
CA GLN D 213 14.63 -25.09 36.30
C GLN D 213 14.91 -26.59 36.35
N ASN D 214 14.08 -27.31 37.10
CA ASN D 214 14.11 -28.77 37.12
C ASN D 214 15.43 -29.39 37.59
N LEU D 215 16.07 -28.79 38.58
CA LEU D 215 17.24 -29.39 39.19
C LEU D 215 16.83 -30.58 40.03
N HIS D 216 17.21 -31.78 39.62
CA HIS D 216 17.02 -32.97 40.45
C HIS D 216 18.10 -32.96 41.50
N LEU D 217 17.70 -32.72 42.74
CA LEU D 217 18.65 -32.37 43.80
C LEU D 217 19.37 -33.54 44.45
N LEU D 218 18.71 -34.70 44.54
CA LEU D 218 19.31 -35.87 45.19
C LEU D 218 20.59 -36.31 44.50
N ASN D 219 21.71 -36.17 45.21
CA ASN D 219 23.04 -36.53 44.71
C ASN D 219 23.44 -35.83 43.41
N ASN D 220 22.95 -34.60 43.23
CA ASN D 220 23.24 -33.84 42.03
C ASN D 220 24.72 -33.49 41.90
N THR D 221 25.31 -33.81 40.76
CA THR D 221 26.72 -33.54 40.51
C THR D 221 26.91 -32.35 39.56
N ASN D 222 25.81 -31.90 38.94
CA ASN D 222 25.86 -30.74 38.06
C ASN D 222 26.17 -29.45 38.83
N SER D 223 27.11 -28.68 38.32
CA SER D 223 27.45 -27.39 38.90
C SER D 223 26.94 -26.28 38.00
N ILE D 224 26.75 -25.11 38.59
CA ILE D 224 26.37 -23.94 37.81
C ILE D 224 27.22 -22.74 38.22
N ARG D 225 27.65 -21.96 37.24
CA ARG D 225 28.44 -20.77 37.50
C ARG D 225 27.56 -19.56 37.82
N LEU D 226 27.69 -19.04 39.04
CA LEU D 226 26.91 -17.89 39.49
C LEU D 226 27.80 -16.71 39.84
N LEU D 227 27.29 -15.51 39.65
CA LEU D 227 28.06 -14.29 39.85
C LEU D 227 28.34 -14.01 41.32
N ASN D 228 29.59 -13.70 41.63
CA ASN D 228 29.97 -13.30 42.98
C ASN D 228 29.23 -12.02 43.39
N GLY D 229 28.69 -12.01 44.60
CA GLY D 229 28.00 -10.84 45.12
C GLY D 229 26.53 -10.78 44.75
N ALA D 230 26.12 -11.64 43.83
CA ALA D 230 24.72 -11.69 43.41
C ALA D 230 23.90 -12.50 44.39
N ILE D 231 22.60 -12.21 44.47
CA ILE D 231 21.71 -12.89 45.41
C ILE D 231 20.83 -13.88 44.64
N TYR D 232 20.66 -15.07 45.21
CA TYR D 232 19.87 -16.11 44.57
C TYR D 232 18.89 -16.76 45.55
N ILE D 233 17.80 -17.29 45.01
CA ILE D 233 16.84 -18.06 45.80
C ILE D 233 16.56 -19.39 45.12
N LEU D 234 16.78 -20.47 45.87
CA LEU D 234 16.47 -21.80 45.37
C LEU D 234 15.17 -22.29 45.99
N LYS D 235 14.19 -22.63 45.16
CA LYS D 235 12.96 -23.23 45.65
C LYS D 235 13.03 -24.74 45.50
N VAL D 236 12.73 -25.45 46.59
CA VAL D 236 12.81 -26.91 46.58
C VAL D 236 11.45 -27.57 46.84
N GLU D 237 10.96 -28.30 45.84
CA GLU D 237 9.75 -29.10 46.01
C GLU D 237 10.13 -30.55 46.30
N VAL D 238 9.82 -31.01 47.49
CA VAL D 238 10.11 -32.39 47.88
C VAL D 238 9.27 -33.36 47.04
N THR D 239 9.93 -34.32 46.39
CA THR D 239 9.22 -35.33 45.60
C THR D 239 9.35 -36.74 46.16
N GLU D 240 10.36 -36.96 47.01
CA GLU D 240 10.51 -38.23 47.71
C GLU D 240 10.86 -38.00 49.18
N LEU D 241 9.97 -38.42 50.08
CA LEU D 241 10.20 -38.26 51.50
C LEU D 241 10.93 -39.48 52.07
N ASN D 242 12.25 -39.45 52.02
CA ASN D 242 13.06 -40.57 52.49
C ASN D 242 13.67 -40.29 53.86
N ASN D 243 13.56 -39.04 54.32
CA ASN D 243 14.14 -38.64 55.59
C ASN D 243 13.35 -37.49 56.24
N TYR D 244 13.34 -37.47 57.57
CA TYR D 244 12.62 -36.45 58.33
C TYR D 244 13.20 -35.06 58.10
N ASN D 245 14.53 -35.01 58.02
CA ASN D 245 15.22 -33.76 57.75
C ASN D 245 15.67 -33.69 56.30
N ILE D 246 15.45 -32.55 55.67
CA ILE D 246 16.04 -32.30 54.35
C ILE D 246 17.37 -31.59 54.53
N ARG D 247 18.36 -31.96 53.73
CA ARG D 247 19.71 -31.47 53.90
C ARG D 247 20.23 -30.84 52.63
N LEU D 248 20.13 -29.52 52.51
CA LEU D 248 20.61 -28.84 51.32
C LEU D 248 22.11 -28.57 51.40
N HIS D 249 22.84 -29.03 50.39
CA HIS D 249 24.27 -28.80 50.32
C HIS D 249 24.57 -27.70 49.30
N ILE D 250 25.43 -26.76 49.69
CA ILE D 250 25.92 -25.74 48.78
C ILE D 250 27.43 -25.78 48.74
N ASP D 251 27.98 -26.40 47.70
CA ASP D 251 29.43 -26.54 47.58
C ASP D 251 30.02 -25.55 46.59
N ILE D 252 31.04 -24.82 47.04
CA ILE D 252 31.63 -23.75 46.22
C ILE D 252 33.07 -24.05 45.84
N THR D 253 33.33 -24.05 44.53
CA THR D 253 34.69 -24.13 44.01
C THR D 253 35.00 -22.89 43.20
N ASN D 254 36.26 -22.69 42.84
CA ASN D 254 36.66 -21.51 42.07
C ASN D 254 36.02 -21.43 40.70
N TRP E 2 -7.73 -26.86 44.76
CA TRP E 2 -6.88 -25.88 44.10
C TRP E 2 -6.19 -24.94 45.10
N VAL E 3 -4.90 -24.73 44.86
CA VAL E 3 -4.16 -23.72 45.61
C VAL E 3 -3.62 -22.69 44.63
N ILE E 4 -4.38 -21.62 44.43
CA ILE E 4 -4.02 -20.58 43.47
C ILE E 4 -4.22 -19.20 44.08
N PRO E 5 -3.18 -18.35 44.01
CA PRO E 5 -3.22 -16.98 44.53
C PRO E 5 -3.67 -16.01 43.44
N PRO E 6 -3.89 -14.74 43.79
CA PRO E 6 -4.11 -13.73 42.74
C PRO E 6 -2.87 -13.64 41.85
N ILE E 7 -3.07 -13.69 40.54
CA ILE E 7 -1.96 -13.68 39.59
C ILE E 7 -1.95 -12.41 38.76
N SER E 8 -0.79 -11.78 38.64
CA SER E 8 -0.67 -10.56 37.84
C SER E 8 0.72 -10.44 37.23
N CYS E 9 0.80 -9.73 36.11
CA CYS E 9 2.06 -9.47 35.44
C CYS E 9 2.06 -8.08 34.82
N PRO E 10 3.12 -7.31 35.06
CA PRO E 10 3.25 -5.96 34.50
C PRO E 10 3.44 -5.97 32.98
N GLU E 11 2.86 -4.99 32.29
CA GLU E 11 3.05 -4.83 30.86
C GLU E 11 4.50 -4.43 30.56
N ASN E 12 4.92 -4.64 29.33
CA ASN E 12 6.25 -4.23 28.86
C ASN E 12 7.43 -4.93 29.54
N GLU E 13 7.27 -6.20 29.89
CA GLU E 13 8.41 -6.98 30.40
C GLU E 13 9.47 -7.06 29.31
N LYS E 14 10.72 -6.77 29.68
CA LYS E 14 11.75 -6.50 28.69
C LYS E 14 12.56 -7.72 28.23
N GLY E 15 12.25 -8.88 28.77
CA GLY E 15 12.99 -10.09 28.42
C GLY E 15 12.88 -11.15 29.50
N GLU E 16 13.89 -12.01 29.56
CA GLU E 16 13.91 -13.14 30.49
C GLU E 16 12.69 -14.05 30.32
N PHE E 17 12.23 -14.19 29.08
CA PHE E 17 11.10 -15.06 28.78
C PHE E 17 11.59 -16.48 28.51
N PRO E 18 10.80 -17.49 28.93
CA PRO E 18 9.52 -17.37 29.64
C PRO E 18 9.71 -17.04 31.11
N LYS E 19 8.85 -16.15 31.64
CA LYS E 19 8.94 -15.75 33.04
C LYS E 19 7.94 -16.52 33.89
N ASN E 20 8.41 -17.03 35.02
CA ASN E 20 7.56 -17.75 35.96
C ASN E 20 6.61 -16.82 36.70
N LEU E 21 5.33 -17.17 36.70
CA LEU E 21 4.32 -16.37 37.38
C LEU E 21 3.93 -17.00 38.71
N VAL E 22 3.68 -18.30 38.69
CA VAL E 22 3.24 -19.01 39.88
C VAL E 22 3.27 -20.52 39.64
N GLN E 23 3.57 -21.28 40.68
CA GLN E 23 3.40 -22.73 40.62
C GLN E 23 2.06 -23.09 41.23
N ILE E 24 1.06 -23.36 40.38
CA ILE E 24 -0.24 -23.75 40.88
C ILE E 24 -0.28 -25.26 41.15
N LYS E 25 -1.19 -25.68 42.02
CA LYS E 25 -1.27 -27.09 42.39
C LYS E 25 -2.65 -27.50 42.85
N SER E 26 -2.89 -28.80 42.86
CA SER E 26 -4.05 -29.37 43.53
C SER E 26 -3.54 -30.03 44.80
N ASN E 27 -4.20 -29.80 45.93
CA ASN E 27 -3.77 -30.44 47.17
C ASN E 27 -4.11 -31.93 47.23
N ARG E 28 -4.67 -32.45 46.14
CA ARG E 28 -4.89 -33.89 45.99
C ARG E 28 -3.69 -34.53 45.28
N ASP E 29 -2.59 -33.81 45.20
CA ASP E 29 -1.43 -34.27 44.44
C ASP E 29 -0.64 -35.38 45.12
N LYS E 30 -1.04 -35.74 46.33
CA LYS E 30 -0.42 -36.88 47.01
C LYS E 30 -1.11 -38.18 46.63
N GLU E 31 -2.38 -38.09 46.28
CA GLU E 31 -3.18 -39.28 45.94
C GLU E 31 -2.68 -39.95 44.68
N THR E 32 -2.59 -39.20 43.59
CA THR E 32 -2.05 -39.70 42.33
C THR E 32 -1.18 -38.65 41.65
N LYS E 33 -0.42 -39.06 40.65
CA LYS E 33 0.35 -38.11 39.86
C LYS E 33 -0.60 -37.21 39.08
N VAL E 34 -0.48 -35.90 39.30
CA VAL E 34 -1.37 -34.93 38.67
C VAL E 34 -0.72 -34.27 37.47
N PHE E 35 -1.46 -34.20 36.37
CA PHE E 35 -0.99 -33.50 35.18
C PHE E 35 -1.80 -32.22 34.96
N TYR E 36 -1.10 -31.11 34.76
CA TYR E 36 -1.75 -29.81 34.65
C TYR E 36 -1.83 -29.30 33.21
N SER E 37 -2.84 -28.46 32.95
CA SER E 37 -3.01 -27.83 31.65
C SER E 37 -3.92 -26.61 31.78
N ILE E 38 -3.77 -25.66 30.86
CA ILE E 38 -4.61 -24.46 30.86
C ILE E 38 -5.32 -24.25 29.52
N THR E 39 -6.49 -23.63 29.60
CA THR E 39 -7.26 -23.31 28.40
C THR E 39 -7.72 -21.87 28.44
N GLY E 40 -8.26 -21.38 27.33
CA GLY E 40 -8.76 -20.02 27.26
C GLY E 40 -7.90 -19.11 26.41
N GLN E 41 -8.38 -17.89 26.20
CA GLN E 41 -7.66 -16.91 25.39
C GLN E 41 -6.40 -16.43 26.07
N GLY E 42 -5.26 -16.63 25.41
CA GLY E 42 -3.97 -16.35 26.00
C GLY E 42 -3.22 -17.65 26.20
N ALA E 43 -3.95 -18.76 26.15
CA ALA E 43 -3.36 -20.09 26.32
C ALA E 43 -3.46 -20.90 25.02
N ASP E 44 -4.51 -21.71 24.90
CA ASP E 44 -4.70 -22.55 23.71
C ASP E 44 -5.57 -21.84 22.66
N LYS E 45 -6.30 -20.82 23.11
CA LYS E 45 -7.10 -20.00 22.21
C LYS E 45 -6.40 -18.66 21.97
N PRO E 46 -6.63 -18.06 20.79
CA PRO E 46 -6.00 -16.78 20.42
C PRO E 46 -6.17 -15.69 21.47
N PRO E 47 -5.06 -15.02 21.85
CA PRO E 47 -3.72 -15.22 21.27
C PRO E 47 -2.99 -16.41 21.89
N VAL E 48 -2.74 -17.43 21.07
CA VAL E 48 -2.19 -18.70 21.55
C VAL E 48 -0.75 -18.59 22.04
N GLY E 49 -0.48 -19.16 23.20
CA GLY E 49 0.89 -19.33 23.67
C GLY E 49 1.43 -18.20 24.52
N VAL E 50 0.59 -17.22 24.82
CA VAL E 50 1.01 -16.12 25.66
C VAL E 50 1.31 -16.66 27.06
N PHE E 51 0.44 -17.53 27.55
CA PHE E 51 0.67 -18.20 28.82
C PHE E 51 0.80 -19.71 28.61
N ILE E 52 1.74 -20.33 29.31
CA ILE E 52 1.93 -21.77 29.27
C ILE E 52 2.09 -22.32 30.68
N ILE E 53 1.87 -23.62 30.84
CA ILE E 53 2.04 -24.26 32.13
C ILE E 53 2.85 -25.56 32.02
N GLU E 54 3.73 -25.81 32.98
CA GLU E 54 4.45 -27.06 33.03
C GLU E 54 3.51 -28.17 33.48
N ARG E 55 3.31 -29.16 32.61
CA ARG E 55 2.31 -30.21 32.82
C ARG E 55 2.48 -31.00 34.13
N GLU E 56 3.73 -31.27 34.51
CA GLU E 56 3.97 -32.13 35.66
C GLU E 56 4.26 -31.38 36.97
N THR E 57 4.56 -30.10 36.89
CA THR E 57 4.93 -29.32 38.07
C THR E 57 3.93 -28.23 38.43
N GLY E 58 3.22 -27.72 37.43
CA GLY E 58 2.21 -26.69 37.66
C GLY E 58 2.74 -25.27 37.52
N TRP E 59 3.97 -25.14 37.07
CA TRP E 59 4.58 -23.83 36.87
C TRP E 59 3.87 -23.07 35.74
N LEU E 60 3.20 -21.98 36.09
CA LEU E 60 2.54 -21.14 35.11
C LEU E 60 3.48 -20.03 34.66
N LYS E 61 3.63 -19.87 33.34
CA LYS E 61 4.59 -18.91 32.79
C LYS E 61 3.99 -17.98 31.73
N VAL E 62 4.62 -16.83 31.54
CA VAL E 62 4.24 -15.90 30.46
C VAL E 62 5.39 -15.79 29.46
N THR E 63 5.07 -15.87 28.17
CA THR E 63 6.09 -16.10 27.14
C THR E 63 6.51 -14.87 26.36
N GLN E 64 5.85 -13.74 26.60
CA GLN E 64 6.10 -12.54 25.80
C GLN E 64 5.64 -11.28 26.53
N PRO E 65 6.07 -10.10 26.06
CA PRO E 65 5.61 -8.87 26.72
C PRO E 65 4.11 -8.67 26.57
N LEU E 66 3.48 -8.07 27.57
CA LEU E 66 2.05 -7.78 27.54
C LEU E 66 1.79 -6.29 27.34
N ASP E 67 0.56 -5.95 26.98
CA ASP E 67 0.14 -4.56 26.80
C ASP E 67 -1.27 -4.34 27.33
N ARG E 68 -1.38 -3.64 28.46
CA ARG E 68 -2.65 -3.49 29.16
C ARG E 68 -3.71 -2.74 28.34
N GLU E 69 -3.26 -1.89 27.41
CA GLU E 69 -4.17 -1.10 26.58
C GLU E 69 -4.74 -1.93 25.42
N ALA E 70 -4.05 -3.02 25.09
CA ALA E 70 -4.56 -3.98 24.13
C ALA E 70 -5.45 -4.99 24.85
N ILE E 71 -4.87 -5.66 25.84
CA ILE E 71 -5.62 -6.60 26.69
C ILE E 71 -5.25 -6.36 28.16
N ALA E 72 -6.24 -5.99 28.96
CA ALA E 72 -5.99 -5.65 30.36
C ALA E 72 -6.05 -6.86 31.28
N LYS E 73 -6.86 -7.85 30.92
CA LYS E 73 -6.96 -9.07 31.73
C LYS E 73 -7.16 -10.30 30.86
N TYR E 74 -6.68 -11.44 31.36
CA TYR E 74 -6.85 -12.71 30.66
C TYR E 74 -7.71 -13.65 31.49
N ILE E 75 -8.62 -14.36 30.83
CA ILE E 75 -9.47 -15.32 31.50
C ILE E 75 -9.08 -16.74 31.09
N LEU E 76 -8.34 -17.43 31.97
CA LEU E 76 -7.94 -18.81 31.72
C LEU E 76 -8.65 -19.79 32.65
N TYR E 77 -8.62 -21.07 32.28
CA TYR E 77 -9.11 -22.14 33.13
C TYR E 77 -8.04 -23.20 33.29
N SER E 78 -7.75 -23.58 34.54
CA SER E 78 -6.74 -24.59 34.83
C SER E 78 -7.36 -25.98 34.97
N HIS E 79 -6.63 -27.00 34.52
CA HIS E 79 -7.12 -28.37 34.57
C HIS E 79 -6.13 -29.29 35.28
N ALA E 80 -6.63 -30.07 36.23
CA ALA E 80 -5.84 -31.06 36.92
C ALA E 80 -6.38 -32.45 36.59
N VAL E 81 -5.49 -33.31 36.11
CA VAL E 81 -5.91 -34.59 35.54
C VAL E 81 -4.88 -35.68 35.82
N SER E 82 -5.35 -36.87 36.22
CA SER E 82 -4.45 -38.01 36.45
C SER E 82 -4.13 -38.75 35.13
N SER E 83 -3.22 -39.71 35.22
CA SER E 83 -2.69 -40.39 34.04
C SER E 83 -3.75 -41.03 33.13
N ASN E 84 -4.88 -41.42 33.72
CA ASN E 84 -5.97 -42.02 32.96
C ASN E 84 -6.94 -41.00 32.37
N GLY E 85 -6.59 -39.72 32.46
CA GLY E 85 -7.39 -38.67 31.86
C GLY E 85 -8.50 -38.14 32.75
N GLU E 86 -8.82 -38.90 33.80
CA GLU E 86 -9.88 -38.51 34.73
C GLU E 86 -9.46 -37.30 35.59
N ALA E 87 -10.37 -36.35 35.72
CA ALA E 87 -10.09 -35.12 36.47
C ALA E 87 -10.03 -35.37 37.98
N VAL E 88 -9.06 -34.74 38.64
CA VAL E 88 -8.94 -34.83 40.08
C VAL E 88 -9.52 -33.58 40.74
N GLU E 89 -9.72 -32.54 39.92
CA GLU E 89 -10.35 -31.30 40.36
C GLU E 89 -11.27 -30.77 39.28
N ASP E 90 -12.29 -30.01 39.67
CA ASP E 90 -13.08 -29.27 38.71
C ASP E 90 -12.23 -28.17 38.12
N PRO E 91 -12.42 -27.87 36.82
CA PRO E 91 -11.69 -26.78 36.16
C PRO E 91 -11.86 -25.47 36.91
N MET E 92 -10.75 -24.79 37.17
CA MET E 92 -10.74 -23.58 37.97
C MET E 92 -10.47 -22.34 37.13
N GLU E 93 -11.33 -21.33 37.24
CA GLU E 93 -11.11 -20.09 36.51
C GLU E 93 -9.99 -19.28 37.17
N ILE E 94 -9.06 -18.82 36.34
CA ILE E 94 -8.00 -17.97 36.83
C ILE E 94 -7.98 -16.69 35.99
N VAL E 95 -8.08 -15.55 36.65
CA VAL E 95 -7.92 -14.29 35.96
C VAL E 95 -6.50 -13.78 36.14
N ILE E 96 -5.87 -13.39 35.04
CA ILE E 96 -4.55 -12.78 35.09
C ILE E 96 -4.66 -11.32 34.70
N THR E 97 -4.48 -10.43 35.67
CA THR E 97 -4.57 -8.99 35.41
C THR E 97 -3.22 -8.46 34.94
N VAL E 98 -3.25 -7.51 34.01
CA VAL E 98 -2.03 -6.89 33.52
C VAL E 98 -1.84 -5.55 34.23
N THR E 99 -0.78 -5.46 35.03
CA THR E 99 -0.51 -4.25 35.80
C THR E 99 -0.05 -3.13 34.89
N ASP E 100 -0.58 -1.93 35.11
CA ASP E 100 -0.34 -0.80 34.23
C ASP E 100 1.02 -0.17 34.45
N GLN E 101 1.64 0.25 33.36
CA GLN E 101 2.77 1.17 33.41
C GLN E 101 2.31 2.47 32.76
N ASN E 102 2.88 3.59 33.19
CA ASN E 102 2.56 4.87 32.58
C ASN E 102 3.31 5.02 31.26
N ASP E 103 2.81 4.33 30.23
CA ASP E 103 3.50 4.28 28.94
C ASP E 103 2.72 4.97 27.82
N ASN E 104 1.66 5.67 28.21
CA ASN E 104 0.89 6.46 27.24
C ASN E 104 0.90 7.94 27.57
N ARG E 105 1.34 8.73 26.60
CA ARG E 105 1.34 10.18 26.72
C ARG E 105 -0.09 10.71 26.61
N PRO E 106 -0.43 11.71 27.44
CA PRO E 106 -1.72 12.41 27.26
C PRO E 106 -1.83 12.97 25.85
N GLU E 107 -3.03 12.97 25.29
CA GLU E 107 -3.25 13.46 23.94
C GLU E 107 -4.43 14.43 23.89
N PHE E 108 -4.15 15.67 23.48
CA PHE E 108 -5.19 16.66 23.27
C PHE E 108 -6.09 16.22 22.13
N THR E 109 -7.37 16.54 22.23
CA THR E 109 -8.34 16.17 21.20
C THR E 109 -8.06 16.91 19.89
N GLN E 110 -7.45 18.09 20.00
CA GLN E 110 -7.14 18.92 18.84
C GLN E 110 -5.75 19.53 18.99
N GLU E 111 -5.07 19.78 17.87
CA GLU E 111 -3.81 20.51 17.92
C GLU E 111 -4.05 21.96 18.32
N VAL E 112 -5.15 22.53 17.84
CA VAL E 112 -5.48 23.93 18.12
C VAL E 112 -6.96 24.10 18.49
N PHE E 113 -7.20 24.66 19.67
CA PHE E 113 -8.55 24.95 20.12
C PHE E 113 -8.89 26.43 19.90
N GLU E 114 -10.10 26.69 19.41
CA GLU E 114 -10.54 28.07 19.19
C GLU E 114 -11.48 28.56 20.29
N GLY E 115 -11.37 29.84 20.63
CA GLY E 115 -12.23 30.44 21.63
C GLY E 115 -12.38 31.94 21.44
N SER E 116 -13.42 32.51 22.05
CA SER E 116 -13.68 33.94 21.96
C SER E 116 -14.13 34.50 23.30
N VAL E 117 -13.73 35.73 23.59
CA VAL E 117 -14.06 36.37 24.86
C VAL E 117 -14.48 37.82 24.67
N ALA E 118 -15.50 38.25 25.41
CA ALA E 118 -15.94 39.64 25.37
C ALA E 118 -14.85 40.59 25.83
N GLU E 119 -14.89 41.82 25.32
CA GLU E 119 -13.84 42.80 25.58
C GLU E 119 -13.72 43.16 27.06
N GLY E 120 -14.85 43.30 27.75
CA GLY E 120 -14.83 43.74 29.13
C GLY E 120 -15.32 42.73 30.14
N ALA E 121 -14.97 41.46 29.93
CA ALA E 121 -15.42 40.40 30.83
C ALA E 121 -14.73 40.46 32.17
N VAL E 122 -15.46 40.13 33.22
CA VAL E 122 -14.95 40.13 34.58
C VAL E 122 -14.16 38.84 34.86
N PRO E 123 -13.02 38.96 35.55
CA PRO E 123 -12.24 37.80 36.01
C PRO E 123 -13.13 36.74 36.65
N GLY E 124 -13.02 35.51 36.17
CA GLY E 124 -13.91 34.44 36.60
C GLY E 124 -14.81 34.01 35.46
N THR E 125 -14.82 34.81 34.39
CA THR E 125 -15.64 34.52 33.22
C THR E 125 -15.06 33.35 32.44
N SER E 126 -15.85 32.28 32.30
CA SER E 126 -15.43 31.12 31.53
C SER E 126 -15.34 31.47 30.05
N VAL E 127 -14.22 31.11 29.42
CA VAL E 127 -13.97 31.43 28.02
C VAL E 127 -14.16 30.22 27.12
N MET E 128 -13.34 29.20 27.35
CA MET E 128 -13.32 28.02 26.50
C MET E 128 -12.84 26.82 27.30
N LYS E 129 -12.79 25.66 26.64
CA LYS E 129 -12.35 24.44 27.30
C LYS E 129 -11.45 23.61 26.39
N VAL E 130 -10.23 23.35 26.85
CA VAL E 130 -9.35 22.39 26.18
C VAL E 130 -9.50 21.04 26.87
N SER E 131 -9.24 19.97 26.14
CA SER E 131 -9.39 18.64 26.72
C SER E 131 -8.42 17.63 26.12
N ALA E 132 -7.81 16.82 26.98
CA ALA E 132 -6.95 15.73 26.53
C ALA E 132 -7.43 14.40 27.09
N THR E 133 -6.88 13.32 26.56
CA THR E 133 -7.18 11.98 27.05
C THR E 133 -5.89 11.20 27.29
N ASP E 134 -5.97 10.16 28.12
CA ASP E 134 -4.83 9.31 28.42
C ASP E 134 -5.29 7.85 28.44
N ALA E 135 -4.53 6.98 27.79
CA ALA E 135 -4.96 5.60 27.58
C ALA E 135 -4.67 4.67 28.76
N ASP E 136 -3.89 5.16 29.72
CA ASP E 136 -3.46 4.33 30.84
C ASP E 136 -4.60 4.05 31.84
N ASP E 137 -4.28 3.36 32.93
CA ASP E 137 -5.31 2.84 33.83
C ASP E 137 -6.00 3.90 34.68
N ASP E 138 -7.26 4.18 34.35
CA ASP E 138 -8.06 5.19 35.05
C ASP E 138 -8.38 4.78 36.48
N VAL E 139 -8.53 3.49 36.71
CA VAL E 139 -9.06 2.98 37.97
C VAL E 139 -8.03 2.90 39.10
N ASN E 140 -6.91 2.24 38.83
CA ASN E 140 -5.97 1.89 39.90
C ASN E 140 -4.77 2.81 40.05
N THR E 141 -4.51 3.63 39.04
CA THR E 141 -3.33 4.49 39.07
C THR E 141 -3.66 5.96 38.82
N TYR E 142 -2.63 6.79 38.89
CA TYR E 142 -2.73 8.19 38.50
C TYR E 142 -2.08 8.39 37.14
N ASN E 143 -1.82 7.30 36.43
CA ASN E 143 -1.16 7.36 35.13
C ASN E 143 -1.99 8.03 34.05
N ALA E 144 -3.28 8.24 34.33
CA ALA E 144 -4.17 8.92 33.39
C ALA E 144 -4.85 10.13 34.05
N ALA E 145 -4.26 10.60 35.14
CA ALA E 145 -4.79 11.77 35.85
C ALA E 145 -4.17 13.04 35.26
N ILE E 146 -4.93 13.72 34.41
CA ILE E 146 -4.41 14.85 33.67
C ILE E 146 -4.52 16.17 34.42
N ALA E 147 -3.42 16.90 34.49
CA ALA E 147 -3.41 18.25 35.04
C ALA E 147 -3.09 19.27 33.93
N TYR E 148 -4.03 20.17 33.69
CA TYR E 148 -3.86 21.19 32.66
C TYR E 148 -3.19 22.45 33.21
N THR E 149 -2.20 22.96 32.47
CA THR E 149 -1.56 24.22 32.82
C THR E 149 -1.34 25.08 31.58
N ILE E 150 -1.08 26.37 31.79
CA ILE E 150 -0.73 27.27 30.70
C ILE E 150 0.78 27.50 30.70
N VAL E 151 1.42 27.16 29.59
CA VAL E 151 2.87 27.27 29.47
C VAL E 151 3.32 28.68 29.09
N SER E 152 2.72 29.24 28.05
CA SER E 152 3.08 30.57 27.58
C SER E 152 1.89 31.34 27.02
N GLN E 153 2.06 32.64 26.84
CA GLN E 153 0.99 33.49 26.31
C GLN E 153 1.54 34.48 25.29
N ASP E 154 0.94 34.51 24.11
CA ASP E 154 1.35 35.46 23.07
C ASP E 154 0.18 36.35 22.65
N PRO E 155 0.36 37.67 22.75
CA PRO E 155 1.58 38.28 23.29
C PRO E 155 1.54 38.38 24.82
N GLU E 156 2.64 38.80 25.42
CA GLU E 156 2.72 38.97 26.86
C GLU E 156 2.19 40.34 27.25
N LEU E 157 1.02 40.69 26.71
CA LEU E 157 0.45 42.03 26.88
C LEU E 157 -1.07 41.95 27.03
N PRO E 158 -1.65 42.85 27.84
CA PRO E 158 -0.95 43.87 28.63
C PRO E 158 -0.35 43.29 29.90
N HIS E 159 -0.62 42.02 30.17
CA HIS E 159 -0.04 41.32 31.32
C HIS E 159 0.41 39.93 30.90
N LYS E 160 1.14 39.27 31.80
CA LYS E 160 1.62 37.92 31.53
C LYS E 160 0.51 36.90 31.71
N ASN E 161 -0.34 37.12 32.71
CA ASN E 161 -1.41 36.19 33.02
C ASN E 161 -2.81 36.77 32.78
N MET E 162 -3.19 36.88 31.51
CA MET E 162 -4.53 37.37 31.16
C MET E 162 -5.58 36.32 31.45
N PHE E 163 -5.18 35.06 31.34
CA PHE E 163 -6.11 33.95 31.52
C PHE E 163 -5.61 32.96 32.57
N THR E 164 -6.50 32.05 32.98
CA THR E 164 -6.10 30.95 33.85
C THR E 164 -6.88 29.70 33.43
N VAL E 165 -6.29 28.53 33.70
CA VAL E 165 -6.93 27.26 33.35
C VAL E 165 -7.13 26.39 34.58
N ASN E 166 -8.31 25.79 34.69
CA ASN E 166 -8.56 24.82 35.75
C ASN E 166 -7.80 23.53 35.46
N ARG E 167 -6.91 23.14 36.36
CA ARG E 167 -6.04 22.00 36.10
C ARG E 167 -6.77 20.66 36.05
N ASP E 168 -8.01 20.62 36.53
CA ASP E 168 -8.78 19.39 36.55
C ASP E 168 -9.72 19.27 35.35
N THR E 169 -10.24 20.41 34.90
CA THR E 169 -11.27 20.39 33.87
C THR E 169 -10.75 20.84 32.49
N GLY E 170 -9.71 21.67 32.48
CA GLY E 170 -9.20 22.21 31.24
C GLY E 170 -9.93 23.48 30.81
N VAL E 171 -10.91 23.90 31.60
CA VAL E 171 -11.65 25.12 31.31
C VAL E 171 -10.79 26.35 31.53
N ILE E 172 -10.72 27.20 30.51
CA ILE E 172 -9.93 28.43 30.58
C ILE E 172 -10.83 29.62 30.91
N SER E 173 -10.43 30.40 31.92
CA SER E 173 -11.17 31.58 32.33
C SER E 173 -10.31 32.83 32.31
N VAL E 174 -10.94 33.99 32.15
CA VAL E 174 -10.24 35.27 32.20
C VAL E 174 -9.67 35.47 33.60
N LEU E 175 -8.40 35.88 33.67
CA LEU E 175 -7.75 36.10 34.96
C LEU E 175 -7.68 37.58 35.34
N THR E 176 -7.18 38.41 34.43
CA THR E 176 -7.05 39.84 34.68
C THR E 176 -7.82 40.68 33.68
N SER E 177 -8.14 41.91 34.07
CA SER E 177 -8.87 42.82 33.20
C SER E 177 -7.90 43.65 32.36
N GLY E 178 -8.31 43.95 31.12
CA GLY E 178 -7.48 44.75 30.23
C GLY E 178 -7.52 44.24 28.80
N LEU E 179 -8.50 43.41 28.50
CA LEU E 179 -8.67 42.89 27.15
C LEU E 179 -9.19 43.99 26.22
N ASP E 180 -8.30 44.50 25.37
CA ASP E 180 -8.69 45.51 24.39
C ASP E 180 -8.63 44.95 22.97
N ARG E 181 -9.79 44.95 22.31
CA ARG E 181 -9.91 44.44 20.95
C ARG E 181 -9.01 45.16 19.95
N GLU E 182 -8.97 46.48 20.03
CA GLU E 182 -8.20 47.29 19.08
C GLU E 182 -6.69 47.07 19.14
N SER E 183 -6.15 46.92 20.36
CA SER E 183 -4.70 46.77 20.51
C SER E 183 -4.23 45.31 20.51
N TYR E 184 -4.98 44.43 21.18
CA TYR E 184 -4.64 43.01 21.21
C TYR E 184 -5.88 42.14 21.00
N PRO E 185 -6.18 41.83 19.73
CA PRO E 185 -7.39 41.09 19.36
C PRO E 185 -7.21 39.58 19.38
N THR E 186 -5.98 39.11 19.24
CA THR E 186 -5.73 37.67 19.14
C THR E 186 -4.71 37.19 20.18
N TYR E 187 -5.06 36.10 20.86
CA TYR E 187 -4.17 35.52 21.87
C TYR E 187 -3.87 34.05 21.57
N THR E 188 -2.62 33.67 21.74
CA THR E 188 -2.21 32.28 21.56
C THR E 188 -1.58 31.75 22.84
N LEU E 189 -2.27 30.83 23.49
CA LEU E 189 -1.76 30.20 24.69
C LEU E 189 -1.28 28.78 24.38
N VAL E 190 -0.11 28.43 24.89
CA VAL E 190 0.35 27.04 24.82
C VAL E 190 -0.08 26.32 26.09
N VAL E 191 -1.07 25.45 25.97
CA VAL E 191 -1.55 24.68 27.12
C VAL E 191 -0.86 23.33 27.21
N GLN E 192 -0.56 22.89 28.42
CA GLN E 192 0.10 21.61 28.63
C GLN E 192 -0.84 20.62 29.32
N ALA E 193 -0.68 19.34 29.00
CA ALA E 193 -1.43 18.28 29.65
C ALA E 193 -0.48 17.18 30.13
N ALA E 194 -0.36 17.03 31.44
CA ALA E 194 0.58 16.07 32.02
C ALA E 194 -0.12 15.10 32.97
N ASP E 195 0.13 13.80 32.78
CA ASP E 195 -0.44 12.80 33.67
C ASP E 195 0.30 12.75 35.00
N LEU E 196 -0.05 11.79 35.85
CA LEU E 196 0.47 11.73 37.21
C LEU E 196 0.25 13.05 37.91
N GLN E 197 -0.95 13.60 37.74
CA GLN E 197 -1.36 14.86 38.35
C GLN E 197 -0.40 16.01 38.02
N GLY E 198 0.15 15.97 36.80
CA GLY E 198 1.01 17.04 36.33
C GLY E 198 2.50 16.77 36.48
N GLU E 199 2.85 15.59 36.98
CA GLU E 199 4.26 15.26 37.21
C GLU E 199 4.79 14.20 36.25
N GLY E 200 3.91 13.64 35.43
CA GLY E 200 4.30 12.57 34.53
C GLY E 200 4.61 13.01 33.11
N LEU E 201 4.08 12.27 32.14
CA LEU E 201 4.31 12.56 30.73
C LEU E 201 3.41 13.71 30.29
N SER E 202 3.96 14.62 29.49
CA SER E 202 3.21 15.80 29.08
C SER E 202 3.08 15.97 27.57
N THR E 203 2.19 16.86 27.17
CA THR E 203 1.99 17.22 25.78
C THR E 203 1.48 18.65 25.73
N THR E 204 1.59 19.29 24.56
CA THR E 204 1.11 20.67 24.42
C THR E 204 0.17 20.86 23.24
N ALA E 205 -0.72 21.83 23.37
CA ALA E 205 -1.58 22.25 22.28
C ALA E 205 -1.77 23.76 22.33
N LYS E 206 -2.31 24.33 21.25
CA LYS E 206 -2.52 25.77 21.20
C LYS E 206 -3.97 26.14 21.46
N ALA E 207 -4.18 27.17 22.27
CA ALA E 207 -5.50 27.75 22.46
C ALA E 207 -5.52 29.15 21.88
N VAL E 208 -6.11 29.28 20.68
CA VAL E 208 -6.22 30.58 20.02
C VAL E 208 -7.50 31.29 20.44
N ILE E 209 -7.34 32.44 21.09
CA ILE E 209 -8.47 33.20 21.62
C ILE E 209 -8.62 34.56 20.94
N THR E 210 -9.80 34.82 20.39
CA THR E 210 -10.07 36.09 19.74
C THR E 210 -10.88 37.02 20.64
N VAL E 211 -10.31 38.18 20.95
CA VAL E 211 -11.01 39.20 21.72
C VAL E 211 -11.90 40.00 20.78
N LYS E 212 -13.13 40.24 21.19
CA LYS E 212 -14.10 40.91 20.31
C LYS E 212 -15.05 41.83 21.08
N ASP E 213 -15.93 42.49 20.32
CA ASP E 213 -16.94 43.38 20.88
C ASP E 213 -18.24 42.63 21.14
N ASN F 8 -35.31 -4.73 -3.70
CA ASN F 8 -36.60 -4.50 -3.05
C ASN F 8 -36.45 -3.66 -1.78
N SER F 9 -35.39 -3.93 -1.02
CA SER F 9 -35.11 -3.18 0.20
C SER F 9 -34.63 -1.75 -0.12
N LEU F 10 -34.28 -1.53 -1.39
CA LEU F 10 -33.87 -0.22 -1.84
C LEU F 10 -34.94 0.41 -2.73
N ASN F 11 -36.01 -0.33 -2.96
CA ASN F 11 -37.10 0.14 -3.81
C ASN F 11 -37.77 1.40 -3.26
N ASP F 12 -37.93 2.38 -4.13
CA ASP F 12 -38.57 3.66 -3.80
C ASP F 12 -37.84 4.47 -2.73
N LYS F 13 -36.55 4.22 -2.57
CA LYS F 13 -35.75 4.95 -1.59
C LYS F 13 -35.09 6.18 -2.21
N ILE F 14 -35.14 7.30 -1.50
CA ILE F 14 -34.49 8.52 -1.95
C ILE F 14 -33.10 8.62 -1.35
N VAL F 15 -32.10 8.74 -2.21
CA VAL F 15 -30.70 8.67 -1.80
C VAL F 15 -29.84 9.76 -2.42
N THR F 16 -28.68 9.99 -1.81
CA THR F 16 -27.61 10.72 -2.48
C THR F 16 -26.54 9.70 -2.87
N ILE F 17 -25.85 9.96 -3.97
CA ILE F 17 -24.77 9.09 -4.41
C ILE F 17 -23.47 9.86 -4.53
N SER F 18 -22.49 9.48 -3.72
CA SER F 18 -21.18 10.12 -3.72
C SER F 18 -20.08 9.15 -4.13
N CYS F 19 -18.88 9.68 -4.38
CA CYS F 19 -17.78 8.91 -4.95
C CYS F 19 -16.78 8.42 -3.90
N LYS F 20 -16.39 7.15 -4.00
CA LYS F 20 -15.33 6.60 -3.17
C LYS F 20 -14.00 7.28 -3.49
N ALA F 21 -13.83 7.63 -4.76
CA ALA F 21 -12.62 8.33 -5.21
C ALA F 21 -12.51 9.71 -4.59
N ASP F 22 -13.64 10.32 -4.27
CA ASP F 22 -13.68 11.62 -3.61
C ASP F 22 -15.02 11.79 -2.92
N THR F 23 -15.03 11.57 -1.60
CA THR F 23 -16.28 11.56 -0.82
C THR F 23 -16.95 12.93 -0.73
N ASN F 24 -16.32 13.96 -1.28
CA ASN F 24 -16.91 15.30 -1.33
C ASN F 24 -17.73 15.54 -2.60
N LEU F 25 -17.62 14.63 -3.57
CA LEU F 25 -18.34 14.78 -4.83
C LEU F 25 -19.61 13.94 -4.87
N PHE F 26 -20.73 14.57 -5.24
CA PHE F 26 -22.03 13.92 -5.28
C PHE F 26 -22.63 13.97 -6.69
N PHE F 27 -23.55 13.04 -6.98
CA PHE F 27 -24.28 13.05 -8.24
C PHE F 27 -25.23 14.25 -8.25
N TYR F 28 -25.09 15.09 -9.27
CA TYR F 28 -25.79 16.37 -9.32
C TYR F 28 -26.45 16.57 -10.68
N GLN F 29 -27.75 16.79 -10.69
CA GLN F 29 -28.48 16.95 -11.94
C GLN F 29 -28.94 18.38 -12.17
N VAL F 30 -28.57 18.93 -13.32
CA VAL F 30 -29.07 20.23 -13.76
C VAL F 30 -29.09 20.29 -15.28
N ALA F 31 -30.23 20.66 -15.84
CA ALA F 31 -30.41 20.82 -17.28
C ALA F 31 -30.07 19.54 -18.06
N GLY F 32 -30.45 18.40 -17.51
CA GLY F 32 -30.26 17.12 -18.19
C GLY F 32 -28.84 16.61 -18.13
N ASN F 33 -27.97 17.32 -17.41
CA ASN F 33 -26.59 16.89 -17.26
C ASN F 33 -26.30 16.40 -15.85
N VAL F 34 -25.51 15.34 -15.75
CA VAL F 34 -25.07 14.84 -14.45
C VAL F 34 -23.60 15.20 -14.23
N SER F 35 -23.32 15.83 -13.11
CA SER F 35 -21.95 16.19 -12.77
C SER F 35 -21.60 15.73 -11.36
N LEU F 36 -20.31 15.83 -11.01
CA LEU F 36 -19.87 15.50 -9.68
C LEU F 36 -19.60 16.79 -8.92
N PHE F 37 -20.40 17.04 -7.89
CA PHE F 37 -20.52 18.36 -7.28
C PHE F 37 -20.35 18.26 -5.76
N GLN F 38 -19.97 19.37 -5.14
CA GLN F 38 -19.86 19.41 -3.68
C GLN F 38 -21.23 19.21 -3.05
N GLN F 39 -21.25 18.83 -1.77
CA GLN F 39 -22.50 18.54 -1.09
C GLN F 39 -23.40 19.77 -0.99
N THR F 40 -24.63 19.65 -1.49
CA THR F 40 -25.57 20.76 -1.49
C THR F 40 -26.72 20.58 -0.51
N ARG F 41 -26.98 19.33 -0.12
CA ARG F 41 -28.08 19.00 0.80
C ARG F 41 -29.45 19.41 0.26
N ASN F 42 -29.63 19.34 -1.05
CA ASN F 42 -30.95 19.58 -1.63
C ASN F 42 -31.33 18.56 -2.71
N TYR F 43 -32.46 18.80 -3.37
CA TYR F 43 -33.05 17.82 -4.28
C TYR F 43 -32.21 17.56 -5.53
N LEU F 44 -31.34 18.51 -5.85
CA LEU F 44 -30.48 18.40 -7.03
C LEU F 44 -29.51 17.23 -6.92
N GLU F 45 -29.30 16.74 -5.70
CA GLU F 45 -28.39 15.62 -5.47
C GLU F 45 -29.10 14.42 -4.86
N ARG F 46 -30.43 14.40 -5.00
CA ARG F 46 -31.23 13.31 -4.48
C ARG F 46 -31.77 12.45 -5.61
N TRP F 47 -31.80 11.14 -5.39
CA TRP F 47 -32.19 10.19 -6.42
C TRP F 47 -33.09 9.12 -5.84
N ARG F 48 -34.14 8.78 -6.57
CA ARG F 48 -35.00 7.68 -6.15
C ARG F 48 -34.63 6.40 -6.89
N LEU F 49 -34.32 5.36 -6.11
CA LEU F 49 -34.05 4.05 -6.69
C LEU F 49 -35.37 3.37 -7.03
N ILE F 50 -35.58 3.07 -8.31
CA ILE F 50 -36.82 2.44 -8.76
C ILE F 50 -36.55 1.02 -9.27
N TYR F 51 -37.09 0.04 -8.56
CA TYR F 51 -36.79 -1.36 -8.82
C TYR F 51 -37.76 -1.99 -9.81
N ASP F 52 -37.21 -2.75 -10.75
CA ASP F 52 -38.00 -3.60 -11.64
C ASP F 52 -37.67 -5.05 -11.33
N SER F 53 -38.63 -5.77 -10.76
CA SER F 53 -38.39 -7.12 -10.26
C SER F 53 -38.07 -8.12 -11.37
N ASN F 54 -38.59 -7.88 -12.56
CA ASN F 54 -38.35 -8.77 -13.69
C ASN F 54 -36.97 -8.57 -14.32
N LYS F 55 -36.46 -7.34 -14.26
CA LYS F 55 -35.12 -7.06 -14.74
C LYS F 55 -34.10 -7.29 -13.64
N ALA F 56 -34.59 -7.29 -12.40
CA ALA F 56 -33.73 -7.33 -11.21
C ALA F 56 -32.72 -6.20 -11.23
N ALA F 57 -33.16 -5.04 -11.73
CA ALA F 57 -32.30 -3.88 -11.89
C ALA F 57 -33.00 -2.61 -11.41
N TYR F 58 -32.27 -1.51 -11.36
CA TYR F 58 -32.81 -0.25 -10.83
C TYR F 58 -32.71 0.91 -11.82
N LYS F 59 -33.74 1.75 -11.85
CA LYS F 59 -33.63 3.07 -12.46
C LYS F 59 -33.24 4.06 -11.38
N ILE F 60 -32.42 5.04 -11.75
CA ILE F 60 -31.95 6.05 -10.81
C ILE F 60 -32.54 7.40 -11.21
N LYS F 61 -33.65 7.76 -10.58
CA LYS F 61 -34.47 8.89 -11.00
C LYS F 61 -34.22 10.14 -10.16
N SER F 62 -33.89 11.23 -10.84
CA SER F 62 -33.61 12.51 -10.20
C SER F 62 -34.83 13.07 -9.49
N MET F 63 -34.60 13.64 -8.31
CA MET F 63 -35.69 14.22 -7.52
C MET F 63 -35.89 15.70 -7.84
N ASP F 64 -35.55 16.08 -9.07
CA ASP F 64 -35.77 17.45 -9.53
C ASP F 64 -37.26 17.76 -9.51
N ILE F 65 -37.61 18.94 -9.03
CA ILE F 65 -39.01 19.30 -8.83
C ILE F 65 -39.67 19.88 -10.08
N HIS F 66 -38.88 20.06 -11.14
CA HIS F 66 -39.41 20.67 -12.37
C HIS F 66 -39.61 19.63 -13.48
N ASN F 67 -38.70 18.68 -13.57
CA ASN F 67 -38.90 17.52 -14.42
C ASN F 67 -38.70 16.26 -13.58
N THR F 68 -39.81 15.61 -13.24
CA THR F 68 -39.79 14.52 -12.27
C THR F 68 -39.49 13.16 -12.90
N ASN F 69 -39.45 13.11 -14.22
CA ASN F 69 -39.19 11.86 -14.93
C ASN F 69 -37.80 11.81 -15.60
N LEU F 70 -36.80 12.33 -14.91
CA LEU F 70 -35.43 12.32 -15.42
C LEU F 70 -34.63 11.20 -14.78
N VAL F 71 -34.17 10.25 -15.59
CA VAL F 71 -33.43 9.10 -15.07
C VAL F 71 -32.00 9.03 -15.62
N LEU F 72 -31.11 8.42 -14.84
CA LEU F 72 -29.73 8.25 -15.26
C LEU F 72 -29.67 7.37 -16.51
N THR F 73 -29.06 7.89 -17.57
CA THR F 73 -29.09 7.23 -18.87
C THR F 73 -27.70 7.10 -19.50
N TRP F 74 -27.43 5.95 -20.09
CA TRP F 74 -26.21 5.73 -20.85
C TRP F 74 -26.42 6.20 -22.29
N ASN F 75 -25.64 7.20 -22.69
CA ASN F 75 -25.79 7.76 -24.05
C ASN F 75 -25.06 6.96 -25.11
N ALA F 76 -25.42 5.70 -25.27
CA ALA F 76 -24.85 4.83 -26.29
C ALA F 76 -25.04 5.45 -27.68
N PRO F 77 -24.08 5.24 -28.59
CA PRO F 77 -22.88 4.39 -28.48
C PRO F 77 -21.72 5.03 -27.72
N THR F 78 -21.84 6.30 -27.37
CA THR F 78 -20.79 6.98 -26.61
C THR F 78 -20.70 6.40 -25.21
N HIS F 79 -19.65 6.77 -24.48
CA HIS F 79 -19.49 6.31 -23.09
C HIS F 79 -20.00 7.36 -22.10
N ASN F 80 -20.81 8.28 -22.60
CA ASN F 80 -21.31 9.38 -21.77
C ASN F 80 -22.51 9.01 -20.93
N ILE F 81 -22.56 9.55 -19.72
CA ILE F 81 -23.70 9.39 -18.84
C ILE F 81 -24.37 10.74 -18.66
N SER F 82 -25.67 10.80 -18.95
CA SER F 82 -26.43 12.02 -18.68
C SER F 82 -27.78 11.70 -18.06
N THR F 83 -28.70 12.64 -18.18
CA THR F 83 -30.06 12.45 -17.70
C THR F 83 -31.02 12.59 -18.87
N GLN F 84 -31.95 11.65 -18.98
CA GLN F 84 -32.92 11.68 -20.08
C GLN F 84 -34.31 11.29 -19.59
N GLN F 85 -35.31 11.56 -20.42
CA GLN F 85 -36.69 11.20 -20.12
C GLN F 85 -36.84 9.69 -19.94
N ASP F 86 -37.63 9.30 -18.96
CA ASP F 86 -37.85 7.89 -18.66
C ASP F 86 -38.71 7.23 -19.74
N SER F 87 -38.10 6.33 -20.50
CA SER F 87 -38.84 5.50 -21.44
C SER F 87 -38.68 4.04 -21.06
N ASN F 88 -38.21 3.81 -19.84
CA ASN F 88 -37.99 2.47 -19.29
C ASN F 88 -37.06 1.62 -20.17
N ALA F 89 -36.04 2.26 -20.72
CA ALA F 89 -35.12 1.58 -21.62
C ALA F 89 -33.96 0.93 -20.86
N ASP F 90 -33.36 -0.09 -21.47
CA ASP F 90 -32.31 -0.86 -20.82
C ASP F 90 -31.09 -0.01 -20.49
N ASN F 91 -30.83 1.02 -21.28
CA ASN F 91 -29.73 1.93 -20.98
C ASN F 91 -30.11 2.93 -19.90
N GLN F 92 -31.27 2.71 -19.28
CA GLN F 92 -31.71 3.52 -18.15
C GLN F 92 -31.89 2.65 -16.91
N TYR F 93 -31.47 1.39 -17.02
CA TYR F 93 -31.49 0.48 -15.88
C TYR F 93 -30.08 0.11 -15.42
N TRP F 94 -29.95 -0.19 -14.14
CA TRP F 94 -28.64 -0.40 -13.55
C TRP F 94 -28.65 -1.51 -12.51
N LEU F 95 -27.54 -2.24 -12.43
CA LEU F 95 -27.34 -3.23 -11.40
C LEU F 95 -26.59 -2.58 -10.25
N LEU F 96 -27.17 -2.64 -9.06
CA LEU F 96 -26.53 -2.12 -7.86
C LEU F 96 -25.80 -3.24 -7.14
N LEU F 97 -24.50 -3.36 -7.38
CA LEU F 97 -23.70 -4.42 -6.80
C LEU F 97 -22.94 -3.89 -5.59
N LYS F 98 -23.24 -4.45 -4.43
CA LYS F 98 -22.62 -3.99 -3.19
C LYS F 98 -21.36 -4.78 -2.88
N ASP F 99 -20.25 -4.05 -2.73
CA ASP F 99 -18.98 -4.66 -2.38
C ASP F 99 -18.90 -4.78 -0.86
N ILE F 100 -19.15 -6.00 -0.35
CA ILE F 100 -19.06 -6.25 1.08
C ILE F 100 -17.63 -6.01 1.56
N GLY F 101 -17.51 -5.44 2.76
CA GLY F 101 -16.21 -5.05 3.28
C GLY F 101 -15.96 -3.58 3.02
N ASN F 102 -16.18 -3.15 1.79
CA ASN F 102 -16.09 -1.75 1.43
C ASN F 102 -17.42 -1.07 1.73
N ASN F 103 -18.50 -1.85 1.67
CA ASN F 103 -19.85 -1.33 1.75
C ASN F 103 -20.15 -0.25 0.71
N SER F 104 -19.36 -0.23 -0.36
CA SER F 104 -19.60 0.69 -1.46
C SER F 104 -20.23 -0.06 -2.62
N PHE F 105 -20.59 0.65 -3.68
CA PHE F 105 -21.34 0.06 -4.78
C PHE F 105 -20.65 0.17 -6.13
N ILE F 106 -20.74 -0.92 -6.90
CA ILE F 106 -20.43 -0.89 -8.31
C ILE F 106 -21.74 -0.81 -9.05
N ILE F 107 -21.88 0.20 -9.90
CA ILE F 107 -23.13 0.40 -10.63
C ILE F 107 -22.92 0.05 -12.09
N ALA F 108 -23.45 -1.10 -12.48
CA ALA F 108 -23.23 -1.66 -13.82
C ALA F 108 -24.45 -1.48 -14.70
N SER F 109 -24.22 -1.20 -15.99
CA SER F 109 -25.30 -1.03 -16.94
C SER F 109 -26.06 -2.33 -17.13
N TYR F 110 -27.39 -2.26 -17.01
CA TYR F 110 -28.21 -3.45 -17.22
C TYR F 110 -28.17 -3.84 -18.69
N LYS F 111 -28.11 -2.84 -19.56
CA LYS F 111 -28.00 -3.07 -21.00
C LYS F 111 -26.74 -3.88 -21.30
N ASN F 112 -25.64 -3.51 -20.66
CA ASN F 112 -24.37 -4.18 -20.86
C ASN F 112 -23.51 -4.16 -19.61
N PRO F 113 -23.63 -5.20 -18.77
CA PRO F 113 -22.89 -5.31 -17.50
C PRO F 113 -21.37 -5.34 -17.65
N ASN F 114 -20.86 -5.41 -18.88
CA ASN F 114 -19.44 -5.22 -19.12
C ASN F 114 -19.01 -3.82 -18.69
N LEU F 115 -19.97 -2.89 -18.65
CA LEU F 115 -19.69 -1.49 -18.37
C LEU F 115 -20.27 -1.04 -17.04
N VAL F 116 -19.53 -0.22 -16.31
CA VAL F 116 -19.97 0.30 -15.03
C VAL F 116 -19.73 1.80 -14.96
N LEU F 117 -20.39 2.46 -14.00
CA LEU F 117 -20.20 3.90 -13.81
C LEU F 117 -18.77 4.18 -13.36
N TYR F 118 -18.18 5.23 -13.92
CA TYR F 118 -16.82 5.62 -13.63
C TYR F 118 -16.80 7.10 -13.27
N ALA F 119 -16.20 7.44 -12.14
CA ALA F 119 -16.14 8.84 -11.72
C ALA F 119 -14.89 9.54 -12.24
N ASP F 120 -15.08 10.39 -13.25
CA ASP F 120 -14.01 11.21 -13.79
C ASP F 120 -13.90 12.46 -12.93
N THR F 121 -12.96 12.48 -12.00
CA THR F 121 -12.84 13.58 -11.05
C THR F 121 -12.03 14.74 -11.60
N VAL F 122 -11.50 14.59 -12.82
CA VAL F 122 -10.82 15.69 -13.48
C VAL F 122 -11.85 16.58 -14.17
N ALA F 123 -12.67 15.97 -15.02
CA ALA F 123 -13.72 16.68 -15.74
C ALA F 123 -14.96 16.87 -14.88
N ARG F 124 -14.98 16.18 -13.73
CA ARG F 124 -16.11 16.24 -12.79
C ARG F 124 -17.43 15.77 -13.41
N ASN F 125 -17.39 14.64 -14.09
CA ASN F 125 -18.60 14.03 -14.63
C ASN F 125 -18.52 12.50 -14.62
N LEU F 126 -19.52 11.85 -15.17
CA LEU F 126 -19.59 10.39 -15.19
C LEU F 126 -19.36 9.83 -16.58
N LYS F 127 -18.82 8.62 -16.63
CA LYS F 127 -18.70 7.89 -17.89
C LYS F 127 -18.83 6.39 -17.62
N LEU F 128 -19.00 5.61 -18.68
CA LEU F 128 -18.97 4.17 -18.56
C LEU F 128 -17.55 3.64 -18.78
N SER F 129 -17.20 2.58 -18.07
CA SER F 129 -15.88 1.98 -18.15
C SER F 129 -15.95 0.49 -17.90
N THR F 130 -14.93 -0.23 -18.35
CA THR F 130 -14.76 -1.64 -17.98
C THR F 130 -14.26 -1.66 -16.53
N LEU F 131 -14.42 -2.81 -15.87
CA LEU F 131 -14.08 -2.91 -14.45
C LEU F 131 -12.58 -2.86 -14.16
N ASN F 132 -12.27 -2.45 -12.93
CA ASN F 132 -10.90 -2.41 -12.43
C ASN F 132 -10.90 -2.42 -10.90
N ASN F 133 -9.72 -2.32 -10.30
CA ASN F 133 -9.60 -2.38 -8.84
C ASN F 133 -9.59 -1.01 -8.16
N SER F 134 -9.88 0.05 -8.91
CA SER F 134 -9.79 1.40 -8.35
C SER F 134 -11.09 1.85 -7.69
N ASN F 135 -11.01 2.95 -6.93
CA ASN F 135 -12.19 3.51 -6.31
C ASN F 135 -13.04 4.36 -7.25
N TYR F 136 -12.55 4.59 -8.46
CA TYR F 136 -13.26 5.41 -9.44
C TYR F 136 -14.55 4.76 -9.94
N ILE F 137 -14.72 3.46 -9.69
CA ILE F 137 -15.96 2.78 -10.06
C ILE F 137 -16.74 2.36 -8.81
N LYS F 138 -16.31 2.84 -7.65
CA LYS F 138 -16.97 2.54 -6.39
C LYS F 138 -17.73 3.77 -5.91
N PHE F 139 -18.98 3.58 -5.52
CA PHE F 139 -19.82 4.71 -5.09
C PHE F 139 -20.55 4.45 -3.77
N ILE F 140 -20.81 5.52 -3.04
CA ILE F 140 -21.47 5.44 -1.75
C ILE F 140 -22.95 5.83 -1.89
N ILE F 141 -23.84 4.90 -1.55
CA ILE F 141 -25.27 5.15 -1.63
C ILE F 141 -25.86 5.23 -0.23
N GLU F 142 -26.40 6.39 0.12
CA GLU F 142 -26.91 6.62 1.46
C GLU F 142 -28.26 7.32 1.45
N ASP F 143 -29.10 7.00 2.44
CA ASP F 143 -30.37 7.69 2.66
C ASP F 143 -30.11 9.19 2.72
N TYR F 144 -30.92 9.98 2.02
CA TYR F 144 -30.63 11.39 1.85
C TYR F 144 -30.63 12.18 3.15
N ILE F 145 -31.48 11.77 4.10
CA ILE F 145 -31.55 12.42 5.40
C ILE F 145 -30.28 12.15 6.21
N ILE F 146 -29.86 10.89 6.23
CA ILE F 146 -28.60 10.53 6.88
C ILE F 146 -27.45 11.25 6.19
N SER F 147 -27.51 11.28 4.86
CA SER F 147 -26.49 11.95 4.07
C SER F 147 -26.36 13.42 4.45
N ASP F 148 -27.48 14.13 4.54
CA ASP F 148 -27.46 15.56 4.83
C ASP F 148 -27.03 15.87 6.27
N LEU F 149 -27.45 15.04 7.20
CA LEU F 149 -27.30 15.37 8.61
C LEU F 149 -26.00 14.87 9.24
N ASN F 150 -25.48 13.76 8.73
CA ASN F 150 -24.30 13.13 9.32
C ASN F 150 -23.05 14.00 9.18
N ASN F 151 -22.40 14.26 10.31
CA ASN F 151 -21.22 15.12 10.37
C ASN F 151 -21.51 16.56 9.91
N PHE F 152 -22.75 16.98 10.12
CA PHE F 152 -23.16 18.34 9.74
C PHE F 152 -23.06 19.26 10.95
N THR F 153 -22.18 20.26 10.86
CA THR F 153 -22.12 21.31 11.87
C THR F 153 -23.16 22.37 11.52
N CYS F 154 -24.11 22.57 12.43
CA CYS F 154 -25.28 23.38 12.12
C CYS F 154 -25.72 24.26 13.28
N LYS F 155 -26.80 24.99 13.06
CA LYS F 155 -27.50 25.70 14.12
C LYS F 155 -28.97 25.33 14.05
N ILE F 156 -29.60 25.23 15.21
CA ILE F 156 -30.99 24.78 15.26
C ILE F 156 -31.90 25.89 15.77
N SER F 157 -32.94 26.19 15.01
CA SER F 157 -33.87 27.24 15.36
C SER F 157 -35.31 26.75 15.31
N PRO F 158 -36.12 27.16 16.30
CA PRO F 158 -37.56 26.90 16.21
C PRO F 158 -38.13 27.69 15.05
N ILE F 159 -39.10 27.13 14.33
CA ILE F 159 -39.67 27.80 13.17
C ILE F 159 -40.51 29.02 13.57
N LEU F 160 -40.71 29.21 14.87
CA LEU F 160 -41.44 30.36 15.38
C LEU F 160 -40.55 31.61 15.39
N ASP F 161 -39.25 31.42 15.62
CA ASP F 161 -38.29 32.52 15.60
C ASP F 161 -36.95 32.03 15.07
N LEU F 162 -36.62 32.45 13.87
CA LEU F 162 -35.43 31.96 13.18
C LEU F 162 -34.16 32.74 13.52
N ASN F 163 -34.32 33.90 14.15
CA ASN F 163 -33.18 34.66 14.64
C ASN F 163 -32.67 34.10 15.96
N LYS F 164 -33.52 33.33 16.63
CA LYS F 164 -33.15 32.69 17.88
C LYS F 164 -32.64 31.27 17.62
N VAL F 165 -31.85 30.75 18.55
CA VAL F 165 -31.15 29.50 18.32
C VAL F 165 -31.10 28.61 19.57
N VAL F 166 -31.17 27.29 19.36
CA VAL F 166 -30.97 26.34 20.45
C VAL F 166 -29.49 26.33 20.84
N GLN F 167 -29.20 26.73 22.08
CA GLN F 167 -27.83 26.87 22.52
C GLN F 167 -27.57 26.33 23.92
N GLN F 168 -26.33 25.92 24.16
CA GLN F 168 -25.81 25.68 25.49
C GLN F 168 -25.52 27.06 26.07
N VAL F 169 -25.85 27.27 27.35
CA VAL F 169 -25.71 28.58 27.98
C VAL F 169 -24.30 29.14 27.85
N ASP F 170 -23.35 28.51 28.53
CA ASP F 170 -21.93 28.77 28.29
C ASP F 170 -21.13 27.48 28.46
N VAL F 171 -19.80 27.57 28.39
CA VAL F 171 -18.96 26.39 28.41
C VAL F 171 -19.04 25.61 29.72
N THR F 172 -19.39 26.29 30.80
CA THR F 172 -19.52 25.65 32.11
C THR F 172 -20.97 25.52 32.57
N ASN F 173 -21.89 26.14 31.84
CA ASN F 173 -23.32 26.00 32.13
C ASN F 173 -23.95 25.11 31.08
N LEU F 174 -24.28 23.89 31.46
CA LEU F 174 -24.68 22.87 30.50
C LEU F 174 -26.18 22.90 30.20
N ASN F 175 -26.87 23.89 30.74
CA ASN F 175 -28.29 24.06 30.44
C ASN F 175 -28.51 24.43 28.98
N VAL F 176 -29.65 24.03 28.44
CA VAL F 176 -29.98 24.34 27.05
C VAL F 176 -31.21 25.24 26.99
N ASN F 177 -31.10 26.35 26.26
CA ASN F 177 -32.18 27.31 26.16
C ASN F 177 -32.22 28.01 24.80
N LEU F 178 -33.23 28.86 24.61
CA LEU F 178 -33.37 29.65 23.40
C LEU F 178 -32.63 30.96 23.55
N TYR F 179 -31.90 31.38 22.52
CA TYR F 179 -31.20 32.66 22.57
C TYR F 179 -30.89 33.23 21.20
N THR F 180 -30.66 34.53 21.15
CA THR F 180 -30.33 35.23 19.90
C THR F 180 -29.01 34.76 19.32
N TRP F 181 -29.04 34.39 18.04
CA TRP F 181 -27.87 33.91 17.32
C TRP F 181 -26.81 34.98 17.15
N ASP F 182 -25.61 34.74 17.68
CA ASP F 182 -24.47 35.62 17.45
C ASP F 182 -23.20 34.81 17.20
N TYR F 183 -23.32 33.79 16.35
CA TYR F 183 -22.17 33.03 15.85
C TYR F 183 -21.35 32.33 16.95
N GLY F 184 -21.97 32.08 18.09
CA GLY F 184 -21.28 31.47 19.20
C GLY F 184 -21.00 30.00 19.00
N ARG F 185 -19.89 29.52 19.55
CA ARG F 185 -19.56 28.10 19.47
C ARG F 185 -20.53 27.28 20.31
N ASN F 186 -21.08 27.90 21.35
CA ASN F 186 -22.08 27.27 22.19
C ASN F 186 -23.45 27.25 21.51
N GLN F 187 -23.52 27.84 20.32
CA GLN F 187 -24.76 27.93 19.58
C GLN F 187 -24.73 27.06 18.33
N LYS F 188 -23.63 26.34 18.14
CA LYS F 188 -23.49 25.46 16.99
C LYS F 188 -23.39 24.00 17.42
N TRP F 189 -23.95 23.11 16.61
CA TRP F 189 -23.99 21.69 16.93
C TRP F 189 -23.48 20.84 15.78
N THR F 190 -22.67 19.84 16.09
CA THR F 190 -22.27 18.85 15.10
C THR F 190 -23.10 17.58 15.27
N ILE F 191 -23.89 17.25 14.26
CA ILE F 191 -24.72 16.06 14.29
C ILE F 191 -23.95 14.84 13.80
N ARG F 192 -23.94 13.78 14.58
CA ARG F 192 -23.28 12.53 14.17
C ARG F 192 -24.23 11.34 14.25
N TYR F 193 -24.30 10.60 13.15
CA TYR F 193 -25.19 9.44 13.07
C TYR F 193 -24.53 8.18 13.60
N ASN F 194 -25.23 7.48 14.48
CA ASN F 194 -24.77 6.20 15.01
C ASN F 194 -25.45 5.07 14.25
N GLU F 195 -24.68 4.38 13.41
CA GLU F 195 -25.23 3.33 12.55
C GLU F 195 -25.74 2.14 13.37
N GLU F 196 -25.16 1.95 14.54
CA GLU F 196 -25.58 0.88 15.44
C GLU F 196 -26.96 1.14 16.04
N LYS F 197 -27.16 2.34 16.56
CA LYS F 197 -28.40 2.68 17.26
C LYS F 197 -29.47 3.18 16.31
N ALA F 198 -29.09 3.45 15.06
CA ALA F 198 -29.95 4.09 14.08
C ALA F 198 -30.52 5.39 14.64
N ALA F 199 -29.65 6.20 15.23
CA ALA F 199 -30.03 7.47 15.82
C ALA F 199 -28.89 8.47 15.71
N TYR F 200 -29.17 9.73 16.02
CA TYR F 200 -28.19 10.80 15.91
C TYR F 200 -27.81 11.35 17.28
N GLN F 201 -26.66 12.01 17.33
CA GLN F 201 -26.29 12.81 18.50
C GLN F 201 -25.97 14.25 18.08
N PHE F 202 -26.18 15.18 19.00
CA PHE F 202 -25.81 16.57 18.77
C PHE F 202 -24.66 16.95 19.69
N PHE F 203 -23.47 17.07 19.12
CA PHE F 203 -22.30 17.52 19.87
C PHE F 203 -22.19 19.05 19.82
N ASN F 204 -22.26 19.69 20.97
CA ASN F 204 -22.08 21.14 21.05
C ASN F 204 -20.62 21.50 20.77
N THR F 205 -20.39 22.40 19.84
CA THR F 205 -19.05 22.66 19.35
C THR F 205 -18.16 23.46 20.31
N ILE F 206 -18.68 23.81 21.48
CA ILE F 206 -17.84 24.46 22.48
C ILE F 206 -17.23 23.42 23.42
N LEU F 207 -17.68 22.17 23.29
CA LEU F 207 -17.12 21.06 24.05
C LEU F 207 -16.59 19.99 23.10
N SER F 208 -15.76 19.08 23.62
CA SER F 208 -15.22 18.01 22.78
C SER F 208 -16.16 16.81 22.75
N ASN F 209 -16.80 16.51 23.87
CA ASN F 209 -17.65 15.34 23.96
C ASN F 209 -18.99 15.62 24.65
N GLY F 210 -19.45 16.87 24.55
CA GLY F 210 -20.72 17.26 25.13
C GLY F 210 -21.86 17.03 24.17
N VAL F 211 -22.90 16.34 24.63
CA VAL F 211 -23.98 15.90 23.75
C VAL F 211 -25.37 16.28 24.28
N LEU F 212 -26.26 16.67 23.37
CA LEU F 212 -27.63 17.04 23.72
C LEU F 212 -28.35 15.84 24.33
N THR F 213 -28.96 16.04 25.51
CA THR F 213 -29.47 14.90 26.28
C THR F 213 -30.76 15.19 27.05
N TRP F 214 -31.71 14.26 26.97
CA TRP F 214 -32.87 14.29 27.84
C TRP F 214 -32.48 13.74 29.19
N ILE F 215 -32.60 14.58 30.23
CA ILE F 215 -32.30 14.13 31.58
C ILE F 215 -33.56 13.57 32.21
N PHE F 216 -33.82 12.30 31.95
CA PHE F 216 -35.02 11.64 32.47
C PHE F 216 -34.95 11.43 33.98
N SER F 217 -33.74 11.46 34.53
CA SER F 217 -33.56 11.32 35.96
C SER F 217 -34.10 12.56 36.67
N ASN F 218 -34.25 13.64 35.91
CA ASN F 218 -34.96 14.82 36.38
C ASN F 218 -36.40 14.75 35.91
N GLY F 219 -36.81 15.70 35.08
CA GLY F 219 -38.15 15.72 34.54
C GLY F 219 -38.13 15.72 33.02
N ASN F 220 -38.63 16.81 32.44
CA ASN F 220 -38.53 16.98 31.00
C ASN F 220 -37.29 17.81 30.65
N THR F 221 -36.36 17.86 31.61
CA THR F 221 -35.14 18.65 31.49
C THR F 221 -34.27 18.23 30.31
N VAL F 222 -33.75 19.20 29.59
CA VAL F 222 -32.77 18.94 28.53
C VAL F 222 -31.49 19.73 28.78
N ARG F 223 -30.40 19.00 28.98
CA ARG F 223 -29.08 19.59 29.15
C ARG F 223 -28.11 18.90 28.20
N VAL F 224 -26.92 19.48 28.03
CA VAL F 224 -25.85 18.79 27.35
C VAL F 224 -25.03 18.04 28.40
N SER F 225 -24.68 16.79 28.09
CA SER F 225 -23.91 15.98 29.01
C SER F 225 -22.77 15.28 28.27
N SER F 226 -21.72 14.93 29.00
CA SER F 226 -20.63 14.17 28.42
C SER F 226 -21.16 12.82 27.97
N SER F 227 -20.95 12.48 26.70
CA SER F 227 -21.44 11.23 26.16
C SER F 227 -20.71 10.04 26.80
N ASN F 228 -21.28 9.53 27.88
CA ASN F 228 -20.77 8.30 28.49
C ASN F 228 -20.84 7.18 27.46
N ASP F 229 -19.66 6.74 27.02
CA ASP F 229 -19.51 5.82 25.89
C ASP F 229 -20.50 4.67 25.88
N GLN F 230 -21.14 4.46 24.72
CA GLN F 230 -22.24 3.52 24.58
C GLN F 230 -23.39 3.94 25.50
N ASN F 231 -23.95 2.98 26.22
CA ASN F 231 -24.86 3.24 27.34
C ASN F 231 -26.15 4.01 27.03
N ASN F 232 -26.19 5.26 27.47
CA ASN F 232 -27.42 6.03 27.58
C ASN F 232 -28.13 6.36 26.25
N ASP F 233 -29.36 5.89 26.11
CA ASP F 233 -30.17 6.13 24.93
C ASP F 233 -30.80 7.53 24.96
N ALA F 234 -30.83 8.12 26.14
CA ALA F 234 -31.35 9.48 26.29
C ALA F 234 -30.45 10.51 25.61
N GLN F 235 -29.25 10.06 25.22
CA GLN F 235 -28.29 10.92 24.53
C GLN F 235 -28.42 10.79 23.02
N TYR F 236 -29.39 10.01 22.56
CA TYR F 236 -29.59 9.79 21.13
C TYR F 236 -30.96 10.28 20.66
N TRP F 237 -31.05 10.62 19.39
CA TRP F 237 -32.27 11.22 18.85
C TRP F 237 -32.63 10.70 17.46
N LEU F 238 -33.93 10.73 17.16
CA LEU F 238 -34.41 10.44 15.82
C LEU F 238 -34.81 11.75 15.15
N ILE F 239 -34.23 12.03 13.99
CA ILE F 239 -34.52 13.26 13.27
C ILE F 239 -35.31 12.97 12.01
N ASN F 240 -36.58 13.36 12.02
CA ASN F 240 -37.46 13.11 10.89
C ASN F 240 -37.96 14.39 10.23
N PRO F 241 -37.89 14.44 8.89
CA PRO F 241 -38.29 15.61 8.12
C PRO F 241 -39.80 15.85 8.15
N VAL F 242 -40.21 17.10 8.14
CA VAL F 242 -41.62 17.44 8.05
C VAL F 242 -41.99 17.49 6.56
N SER F 243 -43.05 16.78 6.20
CA SER F 243 -43.45 16.67 4.80
C SER F 243 -43.72 18.02 4.16
N ASP F 244 -43.23 18.20 2.93
CA ASP F 244 -43.37 19.43 2.16
C ASP F 244 -42.70 20.63 2.85
N THR F 245 -41.56 20.38 3.50
CA THR F 245 -40.73 21.45 4.04
C THR F 245 -39.28 21.19 3.67
N ASP F 246 -38.48 22.24 3.63
CA ASP F 246 -37.08 22.12 3.22
C ASP F 246 -36.18 21.62 4.34
N GLU F 247 -35.87 22.50 5.28
CA GLU F 247 -34.95 22.17 6.37
C GLU F 247 -35.68 22.14 7.71
N THR F 248 -36.85 21.51 7.75
CA THR F 248 -37.63 21.43 8.97
C THR F 248 -37.79 19.99 9.44
N TYR F 249 -37.52 19.76 10.72
CA TYR F 249 -37.55 18.41 11.28
C TYR F 249 -38.22 18.36 12.65
N THR F 250 -38.74 17.19 13.00
CA THR F 250 -39.13 16.90 14.37
C THR F 250 -38.03 16.05 14.97
N ILE F 251 -37.72 16.29 16.24
CA ILE F 251 -36.62 15.59 16.90
C ILE F 251 -37.12 14.80 18.10
N THR F 252 -37.12 13.48 17.97
CA THR F 252 -37.62 12.61 19.04
C THR F 252 -36.47 11.86 19.71
N ASN F 253 -36.67 11.49 20.97
CA ASN F 253 -35.64 10.83 21.77
C ASN F 253 -35.68 9.30 21.59
N LEU F 254 -34.50 8.68 21.56
CA LEU F 254 -34.40 7.23 21.34
C LEU F 254 -34.92 6.41 22.52
N ARG F 255 -34.69 6.89 23.73
CA ARG F 255 -35.16 6.22 24.94
C ARG F 255 -36.68 6.12 24.95
N ASP F 256 -37.34 7.19 24.54
CA ASP F 256 -38.79 7.20 24.38
C ASP F 256 -39.19 8.10 23.23
N THR F 257 -39.62 7.49 22.13
CA THR F 257 -39.91 8.21 20.89
C THR F 257 -41.12 9.14 21.01
N THR F 258 -41.91 8.96 22.07
CA THR F 258 -43.07 9.82 22.29
C THR F 258 -42.64 11.19 22.79
N LYS F 259 -41.39 11.30 23.22
CA LYS F 259 -40.83 12.57 23.70
C LYS F 259 -40.09 13.30 22.59
N ALA F 260 -40.66 14.40 22.11
CA ALA F 260 -40.04 15.21 21.09
C ALA F 260 -39.41 16.46 21.69
N LEU F 261 -38.37 16.97 21.05
CA LEU F 261 -37.73 18.20 21.52
C LEU F 261 -38.74 19.34 21.47
N ASP F 262 -38.83 20.06 22.59
CA ASP F 262 -39.92 21.01 22.77
C ASP F 262 -39.43 22.38 23.25
N LEU F 263 -39.88 23.42 22.57
CA LEU F 263 -39.65 24.79 23.03
C LEU F 263 -40.74 25.15 24.04
N TYR F 264 -40.34 25.46 25.27
CA TYR F 264 -41.30 25.71 26.35
C TYR F 264 -42.31 26.79 25.97
N GLY F 265 -43.59 26.48 26.18
CA GLY F 265 -44.65 27.19 25.50
C GLY F 265 -44.79 26.48 24.16
N GLY F 266 -44.98 27.24 23.08
CA GLY F 266 -45.21 28.67 23.17
C GLY F 266 -43.97 29.56 23.07
N GLN F 267 -43.55 30.05 24.21
CA GLN F 267 -42.65 31.21 24.32
C GLN F 267 -41.42 31.25 23.42
N THR F 268 -41.11 32.44 22.94
CA THR F 268 -40.05 32.66 21.96
C THR F 268 -39.09 33.76 22.40
N ALA F 269 -39.13 34.11 23.68
CA ALA F 269 -38.30 35.17 24.22
C ALA F 269 -36.88 34.68 24.52
N ASN F 270 -35.98 35.64 24.73
CA ASN F 270 -34.59 35.35 25.04
C ASN F 270 -34.44 34.63 26.38
N GLY F 271 -33.87 33.43 26.35
CA GLY F 271 -33.66 32.65 27.56
C GLY F 271 -34.71 31.60 27.80
N THR F 272 -35.66 31.47 26.87
CA THR F 272 -36.72 30.48 26.97
C THR F 272 -36.16 29.07 27.04
N ALA F 273 -36.65 28.28 27.99
CA ALA F 273 -36.13 26.94 28.24
C ALA F 273 -36.38 25.96 27.09
N ILE F 274 -35.44 25.04 26.89
CA ILE F 274 -35.60 23.97 25.92
C ILE F 274 -35.77 22.64 26.65
N GLN F 275 -36.83 21.92 26.31
CA GLN F 275 -37.17 20.68 27.02
C GLN F 275 -37.64 19.59 26.06
N VAL F 276 -38.06 18.47 26.63
CA VAL F 276 -38.80 17.46 25.88
C VAL F 276 -40.25 17.51 26.34
N PHE F 277 -41.15 16.98 25.51
CA PHE F 277 -42.55 16.91 25.86
C PHE F 277 -43.21 15.84 24.99
N ASN F 278 -44.37 15.37 25.41
CA ASN F 278 -45.12 14.40 24.61
C ASN F 278 -45.41 14.96 23.22
N TYR F 279 -45.02 14.22 22.20
CA TYR F 279 -45.16 14.66 20.82
C TYR F 279 -46.61 14.91 20.40
N HIS F 280 -46.89 16.13 19.98
CA HIS F 280 -48.21 16.47 19.43
C HIS F 280 -48.10 16.93 17.98
N GLY F 281 -47.02 17.63 17.66
CA GLY F 281 -46.75 18.01 16.29
C GLY F 281 -46.93 19.49 16.01
N ASP F 282 -47.30 20.25 17.04
CA ASP F 282 -47.48 21.69 16.88
C ASP F 282 -46.16 22.40 16.57
N ASP F 283 -46.26 23.67 16.19
CA ASP F 283 -45.11 24.43 15.69
C ASP F 283 -43.93 24.54 16.67
N ASN F 284 -44.21 24.41 17.95
CA ASN F 284 -43.17 24.50 18.97
C ASN F 284 -42.40 23.18 19.13
N GLN F 285 -42.68 22.23 18.25
CA GLN F 285 -41.93 20.97 18.21
C GLN F 285 -41.27 20.78 16.85
N LYS F 286 -41.31 21.80 16.02
CA LYS F 286 -40.64 21.76 14.72
C LYS F 286 -39.39 22.63 14.73
N TRP F 287 -38.33 22.13 14.13
CA TRP F 287 -37.03 22.79 14.20
C TRP F 287 -36.36 22.93 12.84
N ASN F 288 -35.80 24.11 12.59
CA ASN F 288 -35.01 24.34 11.39
C ASN F 288 -33.55 24.04 11.66
N ILE F 289 -33.03 22.99 11.02
CA ILE F 289 -31.62 22.67 11.09
C ILE F 289 -30.92 23.28 9.87
N ARG F 290 -30.09 24.29 10.11
CA ARG F 290 -29.59 25.13 9.04
C ARG F 290 -28.08 25.35 9.15
N ASN F 291 -27.45 25.61 8.01
CA ASN F 291 -26.03 25.94 7.96
C ASN F 291 -25.72 27.19 8.79
N PRO F 292 -24.65 27.14 9.58
CA PRO F 292 -24.24 28.29 10.40
C PRO F 292 -23.29 29.20 9.63
N PRO F 293 -23.76 30.42 9.30
CA PRO F 293 -23.00 31.36 8.47
C PRO F 293 -22.09 32.25 9.30
N GLU G 5 -0.70 -3.57 -53.99
CA GLU G 5 -0.52 -2.24 -53.41
C GLU G 5 -1.63 -1.88 -52.43
N ARG G 6 -1.51 -2.36 -51.19
CA ARG G 6 -2.48 -2.03 -50.16
C ARG G 6 -1.85 -1.21 -49.04
N THR G 7 -0.58 -1.49 -48.74
CA THR G 7 0.21 -0.74 -47.76
C THR G 7 -0.31 -0.76 -46.31
N PHE G 8 -1.62 -0.57 -46.12
CA PHE G 8 -2.23 -0.46 -44.80
C PHE G 8 -1.83 -1.56 -43.82
N LEU G 9 -2.10 -2.81 -44.17
CA LEU G 9 -1.66 -3.94 -43.37
C LEU G 9 -1.35 -5.08 -44.32
N PRO G 10 -0.14 -5.05 -44.93
CA PRO G 10 0.21 -6.05 -45.94
C PRO G 10 0.20 -7.46 -45.36
N ASN G 11 -0.20 -8.43 -46.17
CA ASN G 11 -0.25 -9.82 -45.73
C ASN G 11 1.13 -10.32 -45.33
N GLY G 12 1.16 -11.22 -44.36
CA GLY G 12 2.42 -11.82 -43.96
C GLY G 12 2.45 -12.16 -42.48
N ASN G 13 3.61 -12.56 -42.00
CA ASN G 13 3.76 -12.92 -40.60
C ASN G 13 4.07 -11.72 -39.72
N TYR G 14 3.44 -11.69 -38.55
CA TYR G 14 3.59 -10.59 -37.60
C TYR G 14 3.79 -11.09 -36.18
N ASN G 15 4.48 -10.30 -35.38
CA ASN G 15 4.47 -10.46 -33.93
C ASN G 15 3.39 -9.55 -33.37
N ILE G 16 2.65 -10.03 -32.39
CA ILE G 16 1.63 -9.20 -31.74
C ILE G 16 2.01 -8.90 -30.30
N LYS G 17 2.10 -7.60 -29.98
CA LYS G 17 2.51 -7.17 -28.66
C LYS G 17 1.53 -6.14 -28.10
N SER G 18 1.54 -5.96 -26.79
CA SER G 18 0.77 -4.88 -26.16
C SER G 18 1.69 -3.67 -26.00
N ILE G 19 1.10 -2.48 -26.02
CA ILE G 19 1.90 -1.26 -25.86
C ILE G 19 2.48 -1.16 -24.45
N PHE G 20 1.97 -1.98 -23.54
CA PHE G 20 2.48 -2.02 -22.17
C PHE G 20 3.88 -2.62 -22.07
N SER G 21 4.23 -3.48 -23.02
CA SER G 21 5.54 -4.12 -22.99
C SER G 21 6.12 -4.40 -24.37
N GLY G 22 7.42 -4.15 -24.52
CA GLY G 22 8.10 -4.41 -25.77
C GLY G 22 8.75 -5.79 -25.82
N SER G 23 8.58 -6.55 -24.74
CA SER G 23 9.23 -7.85 -24.63
C SER G 23 8.25 -9.00 -24.39
N LEU G 24 6.96 -8.73 -24.51
CA LEU G 24 5.95 -9.77 -24.35
C LEU G 24 5.20 -10.05 -25.64
N TYR G 25 5.07 -11.33 -25.99
CA TYR G 25 4.55 -11.74 -27.29
C TYR G 25 3.29 -12.57 -27.17
N LEU G 26 2.30 -12.26 -28.01
CA LEU G 26 1.03 -12.97 -28.01
C LEU G 26 1.20 -14.42 -28.44
N ASN G 27 0.66 -15.33 -27.65
CA ASN G 27 0.70 -16.76 -27.95
C ASN G 27 -0.36 -17.55 -27.18
N PRO G 28 -0.81 -18.68 -27.74
CA PRO G 28 -1.78 -19.48 -27.02
C PRO G 28 -1.18 -20.23 -25.82
N VAL G 29 -1.82 -20.08 -24.67
CA VAL G 29 -1.50 -20.89 -23.49
C VAL G 29 -2.78 -21.55 -23.03
N SER G 30 -2.82 -22.88 -23.10
CA SER G 30 -4.05 -23.63 -22.97
C SER G 30 -5.07 -23.11 -23.98
N LYS G 31 -6.31 -22.90 -23.55
CA LYS G 31 -7.35 -22.43 -24.46
C LYS G 31 -7.46 -20.91 -24.46
N SER G 32 -6.39 -20.24 -24.04
CA SER G 32 -6.41 -18.79 -23.92
C SER G 32 -5.33 -18.11 -24.77
N LEU G 33 -5.38 -16.78 -24.80
CA LEU G 33 -4.36 -15.98 -25.44
C LEU G 33 -3.74 -15.05 -24.40
N THR G 34 -2.42 -14.99 -24.38
CA THR G 34 -1.70 -14.23 -23.37
C THR G 34 -0.35 -13.77 -23.90
N PHE G 35 0.27 -12.81 -23.22
CA PHE G 35 1.56 -12.28 -23.64
C PHE G 35 2.70 -12.82 -22.78
N SER G 36 3.61 -13.56 -23.41
CA SER G 36 4.67 -14.23 -22.67
C SER G 36 6.04 -13.77 -23.14
N ASN G 37 7.08 -14.20 -22.43
CA ASN G 37 8.46 -13.88 -22.82
C ASN G 37 8.78 -14.41 -24.22
N GLU G 38 9.76 -13.79 -24.88
CA GLU G 38 10.15 -14.20 -26.22
C GLU G 38 10.59 -15.65 -26.26
N SER G 39 10.05 -16.41 -27.21
CA SER G 39 10.33 -17.83 -27.31
C SER G 39 11.00 -18.21 -28.63
N SER G 40 10.86 -17.33 -29.62
CA SER G 40 11.36 -17.59 -30.97
C SER G 40 10.73 -18.86 -31.58
N ALA G 41 9.50 -19.15 -31.16
CA ALA G 41 8.79 -20.32 -31.66
C ALA G 41 7.68 -19.89 -32.63
N ASN G 42 7.15 -20.84 -33.38
CA ASN G 42 6.13 -20.56 -34.39
C ASN G 42 4.81 -20.05 -33.82
N ASN G 43 4.50 -20.42 -32.58
CA ASN G 43 3.21 -20.04 -31.99
C ASN G 43 3.19 -18.57 -31.54
N GLN G 44 4.34 -17.93 -31.56
CA GLN G 44 4.41 -16.49 -31.30
C GLN G 44 4.40 -15.70 -32.61
N LYS G 45 4.39 -16.41 -33.73
CA LYS G 45 4.27 -15.77 -35.04
C LYS G 45 2.84 -15.83 -35.54
N TRP G 46 2.38 -14.74 -36.17
CA TRP G 46 1.00 -14.64 -36.60
C TRP G 46 0.87 -14.25 -38.07
N ASN G 47 0.15 -15.07 -38.83
CA ASN G 47 -0.09 -14.79 -40.24
C ASN G 47 -1.33 -13.93 -40.43
N VAL G 48 -1.13 -12.70 -40.90
CA VAL G 48 -2.24 -11.79 -41.14
C VAL G 48 -2.63 -11.78 -42.61
N GLU G 49 -3.90 -12.06 -42.88
CA GLU G 49 -4.39 -12.10 -44.25
C GLU G 49 -5.62 -11.22 -44.44
N TYR G 50 -5.62 -10.43 -45.50
CA TYR G 50 -6.76 -9.58 -45.83
C TYR G 50 -7.82 -10.36 -46.59
N MET G 51 -9.07 -10.25 -46.15
CA MET G 51 -10.18 -10.88 -46.83
C MET G 51 -10.91 -9.84 -47.67
N ALA G 52 -10.69 -9.87 -48.98
CA ALA G 52 -11.26 -8.87 -49.87
C ALA G 52 -12.78 -8.93 -49.93
N GLU G 53 -13.32 -10.14 -49.89
CA GLU G 53 -14.76 -10.34 -50.05
C GLU G 53 -15.58 -9.75 -48.90
N ASN G 54 -14.99 -9.68 -47.72
CA ASN G 54 -15.71 -9.17 -46.55
C ASN G 54 -15.01 -7.95 -45.92
N ARG G 55 -13.98 -7.46 -46.62
CA ARG G 55 -13.24 -6.26 -46.20
C ARG G 55 -12.80 -6.27 -44.74
N CYS G 56 -12.17 -7.36 -44.34
CA CYS G 56 -11.62 -7.48 -42.99
C CYS G 56 -10.32 -8.26 -43.01
N PHE G 57 -9.82 -8.59 -41.82
CA PHE G 57 -8.59 -9.37 -41.70
C PHE G 57 -8.83 -10.62 -40.86
N LYS G 58 -8.26 -11.73 -41.29
CA LYS G 58 -8.24 -12.94 -40.47
C LYS G 58 -6.79 -13.22 -40.08
N ILE G 59 -6.59 -13.67 -38.84
CA ILE G 59 -5.25 -13.87 -38.32
C ILE G 59 -5.07 -15.28 -37.80
N SER G 60 -4.16 -16.03 -38.42
CA SER G 60 -3.91 -17.40 -38.04
C SER G 60 -2.57 -17.54 -37.34
N ASN G 61 -2.46 -18.57 -36.51
CA ASN G 61 -1.21 -18.84 -35.81
C ASN G 61 -0.30 -19.69 -36.67
N VAL G 62 0.98 -19.32 -36.77
CA VAL G 62 1.90 -20.01 -37.67
C VAL G 62 2.11 -21.49 -37.30
N ALA G 63 2.08 -21.77 -36.00
CA ALA G 63 2.22 -23.15 -35.53
C ALA G 63 0.99 -23.99 -35.89
N GLU G 64 -0.19 -23.38 -35.79
CA GLU G 64 -1.44 -24.02 -36.20
C GLU G 64 -2.18 -23.13 -37.19
N PRO G 65 -1.82 -23.22 -38.47
CA PRO G 65 -2.28 -22.30 -39.52
C PRO G 65 -3.76 -22.46 -39.88
N ASN G 66 -4.43 -23.43 -39.29
CA ASN G 66 -5.85 -23.64 -39.57
C ASN G 66 -6.74 -23.04 -38.50
N LYS G 67 -6.10 -22.61 -37.41
CA LYS G 67 -6.81 -21.94 -36.32
C LYS G 67 -6.59 -20.44 -36.39
N TYR G 68 -7.64 -19.68 -36.08
CA TYR G 68 -7.61 -18.24 -36.18
C TYR G 68 -7.99 -17.58 -34.87
N LEU G 69 -7.47 -16.37 -34.66
CA LEU G 69 -7.88 -15.57 -33.51
C LEU G 69 -9.38 -15.30 -33.60
N SER G 70 -10.11 -15.74 -32.58
CA SER G 70 -11.55 -15.62 -32.54
C SER G 70 -11.99 -15.18 -31.14
N TYR G 71 -13.24 -15.45 -30.78
CA TYR G 71 -13.69 -15.20 -29.41
C TYR G 71 -14.84 -16.11 -29.00
N ASP G 72 -14.88 -16.45 -27.72
CA ASP G 72 -15.93 -17.32 -27.19
C ASP G 72 -17.09 -16.55 -26.55
N ASN G 73 -18.04 -17.30 -25.99
CA ASN G 73 -19.23 -16.70 -25.39
C ASN G 73 -19.00 -16.18 -23.98
N PHE G 74 -17.74 -16.11 -23.56
CA PHE G 74 -17.42 -15.70 -22.21
C PHE G 74 -16.53 -14.47 -22.18
N GLY G 75 -16.25 -13.92 -23.36
CA GLY G 75 -15.49 -12.68 -23.46
C GLY G 75 -14.01 -12.90 -23.63
N PHE G 76 -13.60 -14.16 -23.81
CA PHE G 76 -12.21 -14.50 -24.05
C PHE G 76 -11.93 -14.57 -25.55
N ILE G 77 -10.81 -13.99 -25.96
CA ILE G 77 -10.30 -14.23 -27.31
C ILE G 77 -9.88 -15.70 -27.38
N SER G 78 -10.16 -16.34 -28.51
CA SER G 78 -9.88 -17.78 -28.66
C SER G 78 -9.13 -18.12 -29.94
N LEU G 79 -8.61 -19.35 -29.99
CA LEU G 79 -7.98 -19.90 -31.18
C LEU G 79 -8.85 -21.02 -31.72
N ASP G 80 -9.57 -20.78 -32.80
CA ASP G 80 -10.55 -21.74 -33.29
C ASP G 80 -10.57 -21.82 -34.82
N SER G 81 -11.46 -22.67 -35.34
CA SER G 81 -11.64 -22.76 -36.79
C SER G 81 -12.30 -21.49 -37.31
N LEU G 82 -12.14 -21.25 -38.61
CA LEU G 82 -12.57 -19.98 -39.21
C LEU G 82 -14.08 -19.77 -39.15
N SER G 83 -14.48 -18.59 -38.70
CA SER G 83 -15.88 -18.18 -38.66
C SER G 83 -15.93 -16.67 -38.66
N ASN G 84 -17.14 -16.11 -38.65
CA ASN G 84 -17.29 -14.65 -38.64
C ASN G 84 -16.71 -13.97 -37.40
N ARG G 85 -16.47 -14.75 -36.35
CA ARG G 85 -15.85 -14.22 -35.14
C ARG G 85 -14.34 -14.03 -35.32
N CYS G 86 -13.82 -14.55 -36.43
CA CYS G 86 -12.39 -14.43 -36.73
C CYS G 86 -12.14 -13.21 -37.60
N TYR G 87 -13.20 -12.47 -37.89
CA TYR G 87 -13.11 -11.31 -38.78
C TYR G 87 -12.79 -10.06 -37.99
N TRP G 88 -11.64 -9.45 -38.29
CA TRP G 88 -11.22 -8.27 -37.55
C TRP G 88 -11.13 -7.04 -38.45
N PHE G 89 -11.50 -5.90 -37.89
CA PHE G 89 -11.47 -4.60 -38.57
C PHE G 89 -10.48 -3.72 -37.82
N PRO G 90 -9.21 -3.73 -38.24
CA PRO G 90 -8.13 -3.01 -37.55
C PRO G 90 -8.20 -1.49 -37.77
N ILE G 91 -7.84 -0.74 -36.74
CA ILE G 91 -7.72 0.71 -36.84
C ILE G 91 -6.31 1.12 -36.43
N LYS G 92 -5.53 1.57 -37.41
CA LYS G 92 -4.19 2.07 -37.13
C LYS G 92 -4.29 3.44 -36.46
N ILE G 93 -3.72 3.56 -35.26
CA ILE G 93 -3.84 4.80 -34.51
C ILE G 93 -2.49 5.49 -34.35
N ALA G 94 -1.43 4.79 -34.73
CA ALA G 94 -0.07 5.30 -34.67
C ALA G 94 0.84 4.37 -35.44
N VAL G 95 2.14 4.64 -35.41
CA VAL G 95 3.12 3.78 -36.05
C VAL G 95 3.04 2.37 -35.46
N ASN G 96 2.69 1.41 -36.30
CA ASN G 96 2.58 0.00 -35.91
C ASN G 96 1.52 -0.31 -34.85
N THR G 97 0.79 0.70 -34.39
CA THR G 97 -0.20 0.51 -33.33
C THR G 97 -1.62 0.43 -33.88
N TYR G 98 -2.35 -0.60 -33.46
CA TYR G 98 -3.72 -0.82 -33.94
C TYR G 98 -4.70 -1.11 -32.82
N ILE G 99 -5.96 -0.76 -33.06
CA ILE G 99 -7.06 -1.25 -32.23
C ILE G 99 -7.81 -2.27 -33.08
N MET G 100 -7.94 -3.48 -32.55
CA MET G 100 -8.56 -4.56 -33.30
C MET G 100 -10.04 -4.71 -32.95
N LEU G 101 -10.90 -4.27 -33.85
CA LEU G 101 -12.35 -4.37 -33.65
C LEU G 101 -12.90 -5.63 -34.29
N SER G 102 -13.85 -6.27 -33.62
CA SER G 102 -14.61 -7.33 -34.24
C SER G 102 -15.39 -6.72 -35.39
N LEU G 103 -15.47 -7.44 -36.51
CA LEU G 103 -16.10 -6.89 -37.71
C LEU G 103 -17.58 -6.57 -37.49
N ASN G 104 -18.26 -7.46 -36.76
CA ASN G 104 -19.68 -7.28 -36.47
C ASN G 104 -19.93 -6.69 -35.10
N LYS G 105 -21.03 -5.96 -34.95
CA LYS G 105 -21.44 -5.40 -33.68
C LYS G 105 -21.66 -6.52 -32.67
N VAL G 106 -21.02 -6.40 -31.51
CA VAL G 106 -21.24 -7.32 -30.40
C VAL G 106 -22.03 -6.59 -29.31
N ASN G 107 -23.18 -7.15 -28.95
CA ASN G 107 -24.12 -6.49 -28.03
C ASN G 107 -24.42 -5.06 -28.47
N GLU G 108 -24.59 -4.89 -29.79
CA GLU G 108 -24.90 -3.59 -30.40
C GLU G 108 -23.80 -2.54 -30.21
N LEU G 109 -22.57 -2.99 -30.00
CA LEU G 109 -21.45 -2.07 -29.87
C LEU G 109 -20.21 -2.55 -30.62
N ASP G 110 -19.23 -1.67 -30.75
CA ASP G 110 -17.90 -2.09 -31.19
C ASP G 110 -17.19 -2.76 -30.01
N TYR G 111 -16.66 -3.94 -30.26
CA TYR G 111 -15.83 -4.63 -29.28
C TYR G 111 -14.42 -4.74 -29.82
N ALA G 112 -13.45 -4.79 -28.91
CA ALA G 112 -12.06 -4.80 -29.31
C ALA G 112 -11.22 -5.71 -28.42
N TRP G 113 -10.05 -6.10 -28.92
CA TRP G 113 -9.07 -6.81 -28.11
C TRP G 113 -8.76 -5.96 -26.89
N ASP G 114 -8.80 -6.57 -25.72
CA ASP G 114 -8.55 -5.84 -24.49
C ASP G 114 -7.65 -6.68 -23.59
N ILE G 115 -6.54 -6.08 -23.16
CA ILE G 115 -5.67 -6.73 -22.20
C ILE G 115 -5.63 -5.89 -20.91
N TYR G 116 -5.93 -6.53 -19.78
CA TYR G 116 -5.96 -5.86 -18.49
C TYR G 116 -4.56 -5.72 -17.95
N ASP G 117 -4.33 -4.69 -17.14
CA ASP G 117 -3.01 -4.45 -16.59
C ASP G 117 -3.07 -4.09 -15.10
N THR G 118 -1.95 -4.28 -14.43
CA THR G 118 -1.81 -3.89 -13.03
C THR G 118 -0.57 -3.02 -12.93
N ASN G 119 -0.76 -1.71 -13.06
CA ASN G 119 0.35 -0.78 -13.20
C ASN G 119 1.24 -1.16 -14.38
N GLU G 120 0.61 -1.35 -15.53
CA GLU G 120 1.29 -1.67 -16.79
C GLU G 120 1.90 -3.07 -16.81
N ASN G 121 1.56 -3.89 -15.82
CA ASN G 121 1.96 -5.29 -15.82
C ASN G 121 0.81 -6.14 -16.34
N ILE G 122 1.06 -6.88 -17.42
CA ILE G 122 0.02 -7.65 -18.07
C ILE G 122 0.30 -9.15 -18.03
N LEU G 123 1.28 -9.55 -17.23
CA LEU G 123 1.67 -10.95 -17.12
C LEU G 123 0.53 -11.82 -16.60
N SER G 124 0.37 -13.00 -17.21
CA SER G 124 -0.66 -13.98 -16.84
C SER G 124 -2.09 -13.55 -17.18
N GLN G 125 -2.26 -12.40 -17.82
CA GLN G 125 -3.59 -11.94 -18.19
C GLN G 125 -4.03 -12.53 -19.53
N PRO G 126 -5.30 -12.94 -19.63
CA PRO G 126 -5.87 -13.41 -20.89
C PRO G 126 -6.37 -12.26 -21.75
N LEU G 127 -6.21 -12.38 -23.06
CA LEU G 127 -6.74 -11.37 -23.97
C LEU G 127 -8.26 -11.51 -24.02
N LEU G 128 -8.95 -10.40 -23.76
CA LEU G 128 -10.41 -10.41 -23.72
C LEU G 128 -11.00 -9.55 -24.83
N LEU G 129 -12.30 -9.69 -25.05
CA LEU G 129 -13.03 -8.86 -26.00
C LEU G 129 -13.98 -7.95 -25.22
N LEU G 130 -13.69 -6.66 -25.20
CA LEU G 130 -14.47 -5.70 -24.41
C LEU G 130 -14.93 -4.51 -25.27
N PRO G 131 -15.97 -3.79 -24.83
CA PRO G 131 -16.49 -2.65 -25.59
C PRO G 131 -15.42 -1.58 -25.88
N ASN G 132 -15.54 -0.96 -27.05
CA ASN G 132 -14.63 0.12 -27.44
C ASN G 132 -15.40 1.41 -27.68
N PHE G 133 -14.86 2.52 -27.20
CA PHE G 133 -15.53 3.81 -27.35
C PHE G 133 -14.71 4.81 -28.16
N ASP G 134 -13.39 4.76 -28.02
CA ASP G 134 -12.52 5.73 -28.65
C ASP G 134 -11.15 5.16 -28.95
N ILE G 135 -10.18 6.04 -29.18
CA ILE G 135 -8.83 5.65 -29.52
C ILE G 135 -7.85 6.06 -28.42
N TYR G 136 -8.31 6.07 -27.18
CA TYR G 136 -7.48 6.54 -26.06
C TYR G 136 -7.30 5.49 -24.96
N ASN G 137 -7.80 4.29 -25.20
CA ASN G 137 -7.68 3.18 -24.25
C ASN G 137 -6.41 2.35 -24.49
N SER G 138 -5.42 2.51 -23.61
CA SER G 138 -4.17 1.78 -23.75
C SER G 138 -4.35 0.26 -23.73
N ASN G 139 -5.34 -0.20 -22.97
CA ASN G 139 -5.61 -1.62 -22.83
C ASN G 139 -6.11 -2.26 -24.13
N GLN G 140 -6.41 -1.44 -25.13
CA GLN G 140 -6.95 -1.94 -26.39
C GLN G 140 -6.04 -1.63 -27.57
N MET G 141 -4.80 -1.24 -27.27
CA MET G 141 -3.84 -0.85 -28.30
C MET G 141 -2.77 -1.91 -28.46
N PHE G 142 -2.51 -2.33 -29.69
CA PHE G 142 -1.61 -3.45 -29.93
C PHE G 142 -0.66 -3.18 -31.09
N LYS G 143 0.60 -3.58 -30.91
CA LYS G 143 1.60 -3.39 -31.94
C LYS G 143 1.74 -4.64 -32.81
N LEU G 144 1.50 -4.47 -34.11
CA LEU G 144 1.67 -5.55 -35.07
C LEU G 144 2.96 -5.31 -35.84
N GLU G 145 3.91 -6.22 -35.69
CA GLU G 145 5.26 -6.00 -36.22
C GLU G 145 5.74 -7.14 -37.12
N LYS G 146 6.04 -6.80 -38.37
CA LYS G 146 6.74 -7.72 -39.27
C LYS G 146 8.16 -7.87 -38.75
N ILE G 147 8.72 -9.08 -38.84
CA ILE G 147 8.03 -10.25 -39.38
C ILE G 147 8.17 -11.43 -38.43
N ASN H 8 -15.48 -7.57 6.15
CA ASN H 8 -15.38 -7.45 7.61
C ASN H 8 -16.60 -8.05 8.30
N SER H 9 -17.72 -8.10 7.60
CA SER H 9 -18.95 -8.67 8.14
C SER H 9 -19.06 -10.14 7.79
N LEU H 10 -18.30 -10.56 6.78
CA LEU H 10 -18.27 -11.96 6.37
C LEU H 10 -16.92 -12.58 6.72
N ASN H 11 -16.02 -11.76 7.25
CA ASN H 11 -14.68 -12.21 7.59
C ASN H 11 -14.67 -13.39 8.56
N ASP H 12 -13.88 -14.41 8.21
CA ASP H 12 -13.73 -15.62 9.03
C ASP H 12 -15.01 -16.44 9.19
N LYS H 13 -16.01 -16.14 8.37
CA LYS H 13 -17.25 -16.91 8.40
C LYS H 13 -17.14 -18.14 7.51
N ILE H 14 -17.60 -19.28 8.02
CA ILE H 14 -17.60 -20.51 7.25
C ILE H 14 -18.93 -20.66 6.54
N VAL H 15 -18.87 -20.78 5.22
CA VAL H 15 -20.07 -20.75 4.40
C VAL H 15 -20.12 -21.90 3.40
N THR H 16 -21.29 -22.13 2.84
CA THR H 16 -21.42 -22.92 1.63
C THR H 16 -21.72 -21.98 0.48
N ILE H 17 -21.30 -22.36 -0.72
CA ILE H 17 -21.55 -21.56 -1.92
C ILE H 17 -22.24 -22.42 -2.96
N SER H 18 -23.47 -22.03 -3.31
CA SER H 18 -24.26 -22.76 -4.30
C SER H 18 -24.70 -21.87 -5.46
N CYS H 19 -25.06 -22.50 -6.57
CA CYS H 19 -25.37 -21.78 -7.81
C CYS H 19 -26.82 -21.33 -7.85
N LYS H 20 -27.05 -20.13 -8.39
CA LYS H 20 -28.40 -19.62 -8.54
C LYS H 20 -29.08 -20.26 -9.75
N ALA H 21 -28.27 -20.69 -10.71
CA ALA H 21 -28.78 -21.39 -11.88
C ALA H 21 -29.25 -22.80 -11.52
N ASP H 22 -28.68 -23.32 -10.42
CA ASP H 22 -29.03 -24.66 -9.95
C ASP H 22 -28.73 -24.74 -8.45
N THR H 23 -29.76 -24.54 -7.63
CA THR H 23 -29.59 -24.47 -6.19
C THR H 23 -29.27 -25.82 -5.56
N ASN H 24 -29.21 -26.86 -6.38
CA ASN H 24 -28.81 -28.18 -5.92
C ASN H 24 -27.31 -28.43 -6.12
N LEU H 25 -26.61 -27.46 -6.71
CA LEU H 25 -25.17 -27.58 -6.93
C LEU H 25 -24.38 -26.66 -6.01
N PHE H 26 -23.39 -27.24 -5.33
CA PHE H 26 -22.57 -26.51 -4.37
C PHE H 26 -21.09 -26.60 -4.74
N PHE H 27 -20.30 -25.63 -4.30
CA PHE H 27 -18.85 -25.68 -4.49
C PHE H 27 -18.30 -26.83 -3.65
N TYR H 28 -17.65 -27.78 -4.30
CA TYR H 28 -17.19 -29.00 -3.67
C TYR H 28 -15.69 -29.16 -3.94
N GLN H 29 -14.93 -29.38 -2.89
CA GLN H 29 -13.47 -29.45 -3.00
C GLN H 29 -12.90 -30.78 -2.49
N VAL H 30 -12.06 -31.40 -3.32
CA VAL H 30 -11.31 -32.58 -2.88
C VAL H 30 -9.99 -32.69 -3.64
N ALA H 31 -8.89 -32.79 -2.89
CA ALA H 31 -7.56 -32.99 -3.46
C ALA H 31 -7.14 -31.92 -4.47
N GLY H 32 -7.47 -30.67 -4.16
CA GLY H 32 -7.04 -29.56 -4.99
C GLY H 32 -7.93 -29.27 -6.19
N ASN H 33 -8.97 -30.09 -6.37
CA ASN H 33 -9.92 -29.88 -7.45
C ASN H 33 -11.25 -29.31 -6.96
N VAL H 34 -11.77 -28.34 -7.69
CA VAL H 34 -13.07 -27.78 -7.37
C VAL H 34 -14.09 -28.25 -8.39
N SER H 35 -15.29 -28.58 -7.91
CA SER H 35 -16.37 -29.00 -8.79
C SER H 35 -17.71 -28.57 -8.21
N LEU H 36 -18.77 -28.76 -8.99
CA LEU H 36 -20.12 -28.48 -8.52
C LEU H 36 -20.80 -29.81 -8.20
N PHE H 37 -21.27 -29.94 -6.96
CA PHE H 37 -21.82 -31.21 -6.52
C PHE H 37 -23.06 -31.04 -5.64
N GLN H 38 -23.85 -32.11 -5.59
CA GLN H 38 -25.02 -32.22 -4.73
C GLN H 38 -24.69 -31.85 -3.27
N GLN H 39 -25.67 -31.30 -2.57
CA GLN H 39 -25.49 -30.90 -1.16
C GLN H 39 -25.02 -32.06 -0.29
N THR H 40 -23.98 -31.83 0.52
CA THR H 40 -23.39 -32.88 1.32
C THR H 40 -23.47 -32.64 2.83
N ARG H 41 -23.61 -31.38 3.22
CA ARG H 41 -23.66 -31.00 4.64
C ARG H 41 -22.42 -31.46 5.39
N ASN H 42 -21.26 -31.32 4.76
CA ASN H 42 -19.99 -31.58 5.45
C ASN H 42 -18.89 -30.64 4.95
N TYR H 43 -17.69 -30.80 5.51
CA TYR H 43 -16.57 -29.90 5.24
C TYR H 43 -16.20 -29.81 3.76
N LEU H 44 -16.50 -30.86 2.99
CA LEU H 44 -16.18 -30.92 1.57
C LEU H 44 -16.79 -29.77 0.77
N GLU H 45 -17.86 -29.17 1.31
CA GLU H 45 -18.51 -28.05 0.64
C GLU H 45 -18.56 -26.83 1.53
N ARG H 46 -17.55 -26.68 2.39
CA ARG H 46 -17.48 -25.56 3.32
C ARG H 46 -16.24 -24.70 3.05
N TRP H 47 -16.42 -23.38 3.08
CA TRP H 47 -15.35 -22.45 2.78
C TRP H 47 -15.33 -21.33 3.80
N ARG H 48 -14.14 -20.98 4.29
CA ARG H 48 -13.98 -19.83 5.17
C ARG H 48 -13.62 -18.60 4.35
N LEU H 49 -14.41 -17.54 4.49
CA LEU H 49 -14.13 -16.28 3.81
C LEU H 49 -13.13 -15.46 4.63
N ILE H 50 -11.97 -15.17 4.05
CA ILE H 50 -10.93 -14.40 4.73
C ILE H 50 -10.74 -13.04 4.07
N TYR H 51 -10.94 -11.97 4.84
CA TYR H 51 -10.93 -10.62 4.29
C TYR H 51 -9.60 -9.91 4.46
N ASP H 52 -9.11 -9.31 3.38
CA ASP H 52 -7.93 -8.47 3.42
C ASP H 52 -8.37 -7.02 3.37
N SER H 53 -8.06 -6.27 4.43
CA SER H 53 -8.41 -4.86 4.50
C SER H 53 -7.74 -4.04 3.41
N ASN H 54 -6.44 -4.28 3.20
CA ASN H 54 -5.68 -3.54 2.21
C ASN H 54 -6.12 -3.81 0.77
N LYS H 55 -6.35 -5.08 0.45
CA LYS H 55 -6.77 -5.46 -0.89
C LYS H 55 -8.25 -5.17 -1.15
N ALA H 56 -9.02 -5.04 -0.07
CA ALA H 56 -10.47 -4.92 -0.15
C ALA H 56 -11.07 -6.08 -0.93
N ALA H 57 -10.61 -7.29 -0.60
CA ALA H 57 -11.04 -8.51 -1.29
C ALA H 57 -10.99 -9.71 -0.35
N TYR H 58 -11.38 -10.87 -0.87
CA TYR H 58 -11.51 -12.06 -0.05
C TYR H 58 -10.75 -13.27 -0.58
N LYS H 59 -10.11 -14.01 0.33
CA LYS H 59 -9.63 -15.34 0.03
C LYS H 59 -10.71 -16.34 0.43
N ILE H 60 -11.00 -17.28 -0.45
CA ILE H 60 -12.01 -18.30 -0.19
C ILE H 60 -11.32 -19.63 0.12
N LYS H 61 -11.06 -19.87 1.40
CA LYS H 61 -10.29 -21.03 1.84
C LYS H 61 -11.17 -22.23 2.16
N SER H 62 -10.78 -23.39 1.66
CA SER H 62 -11.52 -24.64 1.89
C SER H 62 -11.37 -25.12 3.32
N MET H 63 -12.42 -25.75 3.83
CA MET H 63 -12.41 -26.27 5.20
C MET H 63 -12.04 -27.75 5.26
N ASP H 64 -11.28 -28.20 4.26
CA ASP H 64 -10.78 -29.57 4.23
C ASP H 64 -9.91 -29.82 5.47
N ILE H 65 -10.17 -30.92 6.15
CA ILE H 65 -9.50 -31.24 7.42
C ILE H 65 -8.10 -31.83 7.24
N HIS H 66 -7.75 -32.21 6.02
CA HIS H 66 -6.48 -32.88 5.77
C HIS H 66 -5.42 -31.92 5.22
N ASN H 67 -5.76 -31.18 4.18
CA ASN H 67 -4.95 -30.05 3.74
C ASN H 67 -5.72 -28.77 4.05
N THR H 68 -5.20 -27.99 5.00
CA THR H 68 -5.96 -26.90 5.59
C THR H 68 -5.65 -25.51 5.01
N ASN H 69 -4.71 -25.45 4.07
CA ASN H 69 -4.34 -24.17 3.47
C ASN H 69 -4.61 -24.09 1.98
N LEU H 70 -5.76 -24.61 1.55
CA LEU H 70 -6.15 -24.53 0.14
C LEU H 70 -7.22 -23.47 -0.08
N VAL H 71 -6.96 -22.58 -1.03
CA VAL H 71 -7.88 -21.50 -1.34
C VAL H 71 -8.31 -21.56 -2.80
N LEU H 72 -9.47 -20.99 -3.09
CA LEU H 72 -9.97 -20.94 -4.46
C LEU H 72 -9.04 -20.09 -5.33
N THR H 73 -8.59 -20.66 -6.45
CA THR H 73 -7.54 -20.04 -7.24
C THR H 73 -7.82 -20.04 -8.74
N TRP H 74 -7.59 -18.89 -9.38
CA TRP H 74 -7.69 -18.81 -10.83
C TRP H 74 -6.33 -19.08 -11.47
N ASN H 75 -6.28 -20.12 -12.28
CA ASN H 75 -5.05 -20.49 -12.98
C ASN H 75 -4.84 -19.65 -14.26
N ALA H 76 -4.65 -18.35 -14.06
CA ALA H 76 -4.48 -17.40 -15.14
C ALA H 76 -3.28 -17.76 -16.03
N PRO H 77 -3.42 -17.58 -17.35
CA PRO H 77 -4.56 -16.95 -18.03
C PRO H 77 -5.62 -17.94 -18.52
N THR H 78 -5.52 -19.20 -18.12
CA THR H 78 -6.48 -20.22 -18.57
C THR H 78 -7.88 -20.00 -17.98
N HIS H 79 -8.82 -20.84 -18.41
CA HIS H 79 -10.20 -20.77 -17.94
C HIS H 79 -10.43 -21.60 -16.67
N ASN H 80 -9.35 -22.12 -16.10
CA ASN H 80 -9.46 -23.10 -15.03
C ASN H 80 -9.49 -22.53 -13.61
N ILE H 81 -10.32 -23.13 -12.78
CA ILE H 81 -10.46 -22.74 -11.38
C ILE H 81 -10.22 -23.95 -10.48
N SER H 82 -9.19 -23.88 -9.65
CA SER H 82 -8.84 -24.98 -8.76
C SER H 82 -8.60 -24.51 -7.33
N THR H 83 -8.02 -25.38 -6.53
CA THR H 83 -7.64 -25.04 -5.17
C THR H 83 -6.16 -25.29 -4.96
N GLN H 84 -5.41 -24.22 -4.69
CA GLN H 84 -3.97 -24.34 -4.54
C GLN H 84 -3.54 -23.85 -3.15
N GLN H 85 -2.29 -24.09 -2.81
CA GLN H 85 -1.74 -23.63 -1.54
C GLN H 85 -1.80 -22.11 -1.45
N ASP H 86 -2.32 -21.62 -0.33
CA ASP H 86 -2.45 -20.19 -0.10
C ASP H 86 -1.09 -19.50 -0.04
N SER H 87 -0.78 -18.73 -1.07
CA SER H 87 0.46 -17.94 -1.12
C SER H 87 0.13 -16.46 -1.14
N ASN H 88 -1.14 -16.15 -0.87
CA ASN H 88 -1.63 -14.77 -0.81
C ASN H 88 -1.43 -14.03 -2.13
N ALA H 89 -1.73 -14.70 -3.23
CA ALA H 89 -1.53 -14.13 -4.56
C ALA H 89 -2.82 -13.51 -5.09
N ASP H 90 -2.67 -12.63 -6.08
CA ASP H 90 -3.80 -11.89 -6.62
C ASP H 90 -4.85 -12.79 -7.27
N ASN H 91 -4.41 -13.93 -7.78
CA ASN H 91 -5.34 -14.88 -8.39
C ASN H 91 -5.99 -15.79 -7.34
N GLN H 92 -5.71 -15.50 -6.08
CA GLN H 92 -6.35 -16.20 -4.98
C GLN H 92 -7.27 -15.27 -4.21
N TYR H 93 -7.44 -14.04 -4.71
CA TYR H 93 -8.34 -13.07 -4.09
C TYR H 93 -9.56 -12.77 -4.95
N TRP H 94 -10.68 -12.47 -4.29
CA TRP H 94 -11.96 -12.32 -4.97
C TRP H 94 -12.79 -11.18 -4.40
N LEU H 95 -13.55 -10.54 -5.28
CA LEU H 95 -14.47 -9.49 -4.87
C LEU H 95 -15.87 -10.08 -4.73
N LEU H 96 -16.42 -9.99 -3.52
CA LEU H 96 -17.77 -10.48 -3.29
C LEU H 96 -18.75 -9.34 -3.49
N LEU H 97 -19.44 -9.37 -4.64
CA LEU H 97 -20.37 -8.32 -5.01
C LEU H 97 -21.80 -8.82 -4.84
N LYS H 98 -22.53 -8.18 -3.94
CA LYS H 98 -23.90 -8.60 -3.66
C LYS H 98 -24.88 -7.80 -4.50
N ASP H 99 -25.57 -8.48 -5.41
CA ASP H 99 -26.61 -7.86 -6.20
C ASP H 99 -27.84 -7.68 -5.33
N ILE H 100 -28.09 -6.44 -4.92
CA ILE H 100 -29.18 -6.13 -4.02
C ILE H 100 -30.53 -6.37 -4.69
N GLY H 101 -30.56 -6.30 -6.01
CA GLY H 101 -31.76 -6.58 -6.77
C GLY H 101 -31.97 -8.08 -6.97
N ASN H 102 -31.21 -8.87 -6.24
CA ASN H 102 -31.26 -10.32 -6.39
C ASN H 102 -30.99 -11.02 -5.07
N ASN H 103 -30.22 -10.34 -4.22
CA ASN H 103 -29.67 -10.92 -3.00
C ASN H 103 -28.85 -12.19 -3.25
N SER H 104 -28.10 -12.17 -4.34
CA SER H 104 -27.13 -13.22 -4.64
C SER H 104 -25.80 -12.55 -4.92
N PHE H 105 -24.74 -13.36 -5.07
CA PHE H 105 -23.40 -12.82 -5.23
C PHE H 105 -22.80 -13.03 -6.62
N ILE H 106 -22.05 -12.03 -7.05
CA ILE H 106 -21.14 -12.17 -8.18
C ILE H 106 -19.75 -12.24 -7.57
N ILE H 107 -18.95 -13.22 -7.99
CA ILE H 107 -17.61 -13.39 -7.44
C ILE H 107 -16.56 -13.03 -8.51
N ALA H 108 -16.04 -11.82 -8.43
CA ALA H 108 -15.10 -11.33 -9.44
C ALA H 108 -13.65 -11.52 -8.98
N SER H 109 -12.78 -11.81 -9.93
CA SER H 109 -11.35 -11.99 -9.64
C SER H 109 -10.68 -10.67 -9.34
N TYR H 110 -9.79 -10.68 -8.36
CA TYR H 110 -9.04 -9.49 -7.99
C TYR H 110 -7.93 -9.21 -9.00
N LYS H 111 -7.40 -10.26 -9.61
CA LYS H 111 -6.35 -10.10 -10.60
C LYS H 111 -6.90 -9.47 -11.88
N ASN H 112 -8.16 -9.78 -12.17
CA ASN H 112 -8.84 -9.22 -13.34
C ASN H 112 -10.35 -9.10 -13.10
N PRO H 113 -10.77 -7.97 -12.51
CA PRO H 113 -12.16 -7.66 -12.15
C PRO H 113 -13.16 -7.77 -13.31
N ASN H 114 -12.68 -7.86 -14.54
CA ASN H 114 -13.56 -8.06 -15.68
C ASN H 114 -14.09 -9.48 -15.72
N LEU H 115 -13.38 -10.39 -15.06
CA LEU H 115 -13.72 -11.81 -15.09
C LEU H 115 -14.38 -12.27 -13.79
N VAL H 116 -15.48 -13.01 -13.90
CA VAL H 116 -16.18 -13.52 -12.73
C VAL H 116 -16.43 -15.02 -12.87
N LEU H 117 -16.76 -15.67 -11.75
CA LEU H 117 -17.04 -17.10 -11.78
C LEU H 117 -18.28 -17.41 -12.60
N TYR H 118 -18.16 -18.43 -13.45
CA TYR H 118 -19.27 -18.90 -14.26
C TYR H 118 -19.49 -20.37 -13.91
N ALA H 119 -20.74 -20.74 -13.64
CA ALA H 119 -21.07 -22.10 -13.25
C ALA H 119 -21.40 -22.98 -14.44
N ASP H 120 -20.48 -23.85 -14.83
CA ASP H 120 -20.74 -24.83 -15.88
C ASP H 120 -21.49 -26.01 -15.26
N THR H 121 -22.78 -26.11 -15.56
CA THR H 121 -23.63 -27.10 -14.89
C THR H 121 -23.75 -28.41 -15.67
N VAL H 122 -23.18 -28.47 -16.86
CA VAL H 122 -23.07 -29.73 -17.60
C VAL H 122 -21.74 -30.42 -17.30
N ALA H 123 -20.69 -29.61 -17.15
CA ALA H 123 -19.37 -30.13 -16.84
C ALA H 123 -19.17 -30.23 -15.33
N ARG H 124 -20.06 -29.60 -14.57
CA ARG H 124 -20.04 -29.62 -13.11
C ARG H 124 -18.72 -29.08 -12.53
N ASN H 125 -18.34 -27.89 -12.97
CA ASN H 125 -17.19 -27.20 -12.42
C ASN H 125 -17.27 -25.69 -12.69
N LEU H 126 -16.26 -24.97 -12.23
CA LEU H 126 -16.26 -23.52 -12.37
C LEU H 126 -15.37 -23.06 -13.51
N LYS H 127 -15.81 -22.05 -14.23
CA LYS H 127 -14.96 -21.34 -15.19
C LYS H 127 -15.16 -19.84 -15.05
N LEU H 128 -14.79 -19.08 -16.07
CA LEU H 128 -14.86 -17.63 -15.99
C LEU H 128 -15.63 -16.99 -17.12
N SER H 129 -16.07 -15.76 -16.88
CA SER H 129 -16.85 -15.01 -17.85
C SER H 129 -16.75 -13.52 -17.54
N THR H 130 -17.02 -12.69 -18.54
CA THR H 130 -17.21 -11.27 -18.31
C THR H 130 -18.63 -11.08 -17.77
N LEU H 131 -18.91 -9.91 -17.21
CA LEU H 131 -20.21 -9.65 -16.59
C LEU H 131 -21.37 -9.65 -17.57
N ASN H 132 -22.44 -10.34 -17.20
CA ASN H 132 -23.66 -10.35 -17.99
C ASN H 132 -24.88 -10.47 -17.07
N ASN H 133 -26.06 -10.70 -17.64
CA ASN H 133 -27.27 -10.78 -16.82
C ASN H 133 -27.72 -12.21 -16.55
N SER H 134 -26.90 -13.19 -16.90
CA SER H 134 -27.29 -14.59 -16.71
C SER H 134 -27.09 -15.02 -15.26
N ASN H 135 -27.87 -16.00 -14.83
CA ASN H 135 -27.78 -16.51 -13.47
C ASN H 135 -26.62 -17.47 -13.27
N TYR H 136 -25.92 -17.78 -14.35
CA TYR H 136 -24.79 -18.71 -14.30
C TYR H 136 -23.58 -18.10 -13.61
N ILE H 137 -23.65 -16.80 -13.32
CA ILE H 137 -22.58 -16.12 -12.60
C ILE H 137 -23.07 -15.63 -11.24
N LYS H 138 -24.30 -15.98 -10.89
CA LYS H 138 -24.88 -15.59 -9.61
C LYS H 138 -24.78 -16.73 -8.59
N PHE H 139 -24.41 -16.39 -7.36
CA PHE H 139 -24.15 -17.41 -6.36
C PHE H 139 -24.77 -17.13 -4.98
N ILE H 140 -25.26 -18.18 -4.35
CA ILE H 140 -25.80 -18.07 -3.01
C ILE H 140 -24.71 -18.37 -1.98
N ILE H 141 -24.37 -17.37 -1.19
CA ILE H 141 -23.41 -17.56 -0.10
C ILE H 141 -24.14 -17.58 1.23
N GLU H 142 -24.00 -18.67 1.96
CA GLU H 142 -24.79 -18.88 3.17
C GLU H 142 -23.99 -19.53 4.30
N ASP H 143 -24.24 -19.09 5.52
CA ASP H 143 -23.67 -19.71 6.72
C ASP H 143 -23.93 -21.21 6.67
N TYR H 144 -22.90 -22.01 6.95
CA TYR H 144 -22.97 -23.45 6.70
C TYR H 144 -24.02 -24.18 7.56
N ILE H 145 -24.23 -23.68 8.77
CA ILE H 145 -25.21 -24.27 9.67
C ILE H 145 -26.64 -24.03 9.14
N ILE H 146 -26.92 -22.80 8.75
CA ILE H 146 -28.21 -22.47 8.15
C ILE H 146 -28.40 -23.25 6.85
N SER H 147 -27.35 -23.30 6.04
CA SER H 147 -27.38 -24.03 4.78
C SER H 147 -27.72 -25.51 4.99
N ASP H 148 -27.03 -26.12 5.94
CA ASP H 148 -27.24 -27.53 6.26
C ASP H 148 -28.65 -27.83 6.76
N LEU H 149 -29.15 -26.99 7.68
CA LEU H 149 -30.38 -27.30 8.39
C LEU H 149 -31.67 -26.81 7.74
N ASN H 150 -31.61 -25.69 7.03
CA ASN H 150 -32.81 -25.12 6.43
C ASN H 150 -33.42 -26.04 5.39
N ASN H 151 -34.71 -26.31 5.52
CA ASN H 151 -35.45 -27.18 4.60
C ASN H 151 -34.86 -28.59 4.54
N PHE H 152 -34.30 -29.04 5.67
CA PHE H 152 -33.70 -30.36 5.76
C PHE H 152 -34.72 -31.35 6.33
N THR H 153 -35.14 -32.31 5.51
CA THR H 153 -35.99 -33.40 5.98
C THR H 153 -35.10 -34.53 6.50
N CYS H 154 -35.13 -34.72 7.82
CA CYS H 154 -34.15 -35.58 8.47
C CYS H 154 -34.78 -36.49 9.50
N LYS H 155 -33.98 -37.40 10.04
CA LYS H 155 -34.38 -38.20 11.19
C LYS H 155 -33.49 -37.87 12.39
N ILE H 156 -34.10 -37.72 13.56
CA ILE H 156 -33.36 -37.30 14.75
C ILE H 156 -33.10 -38.48 15.69
N SER H 157 -31.83 -38.74 15.95
CA SER H 157 -31.44 -39.84 16.84
C SER H 157 -30.63 -39.34 18.01
N PRO H 158 -30.92 -39.86 19.22
CA PRO H 158 -30.09 -39.57 20.39
C PRO H 158 -28.75 -40.27 20.23
N ILE H 159 -27.68 -39.67 20.75
CA ILE H 159 -26.35 -40.25 20.58
C ILE H 159 -26.16 -41.51 21.43
N LEU H 160 -27.09 -41.75 22.35
CA LEU H 160 -27.04 -42.95 23.19
C LEU H 160 -27.32 -44.20 22.37
N ASP H 161 -28.29 -44.09 21.46
CA ASP H 161 -28.60 -45.18 20.54
C ASP H 161 -28.96 -44.61 19.17
N LEU H 162 -28.22 -45.02 18.14
CA LEU H 162 -28.38 -44.45 16.80
C LEU H 162 -29.30 -45.27 15.90
N ASN H 163 -29.90 -46.32 16.46
CA ASN H 163 -30.88 -47.12 15.74
C ASN H 163 -32.30 -46.67 16.06
N LYS H 164 -32.41 -45.76 17.03
CA LYS H 164 -33.71 -45.24 17.45
C LYS H 164 -33.90 -43.78 17.05
N VAL H 165 -35.16 -43.37 16.89
CA VAL H 165 -35.47 -42.03 16.42
C VAL H 165 -36.47 -41.28 17.29
N VAL H 166 -36.41 -39.95 17.22
CA VAL H 166 -37.42 -39.09 17.80
C VAL H 166 -38.62 -39.06 16.86
N GLN H 167 -39.77 -39.53 17.34
CA GLN H 167 -40.92 -39.71 16.46
C GLN H 167 -42.25 -39.37 17.12
N GLN H 168 -43.26 -39.13 16.31
CA GLN H 168 -44.64 -39.18 16.76
C GLN H 168 -45.06 -40.64 16.80
N VAL H 169 -45.96 -40.99 17.72
CA VAL H 169 -46.44 -42.36 17.80
C VAL H 169 -47.16 -42.74 16.51
N ASP H 170 -48.21 -42.00 16.19
CA ASP H 170 -48.88 -42.12 14.90
C ASP H 170 -49.65 -40.83 14.57
N VAL H 171 -50.44 -40.86 13.50
CA VAL H 171 -51.09 -39.66 13.00
C VAL H 171 -52.13 -39.06 13.96
N THR H 172 -52.61 -39.88 14.90
CA THR H 172 -53.57 -39.40 15.89
C THR H 172 -52.97 -39.29 17.30
N ASN H 173 -52.02 -40.17 17.61
CA ASN H 173 -51.25 -40.06 18.85
C ASN H 173 -50.08 -39.10 18.64
N LEU H 174 -50.24 -37.88 19.10
CA LEU H 174 -49.34 -36.78 18.73
C LEU H 174 -48.12 -36.61 19.62
N ASN H 175 -48.09 -37.31 20.75
CA ASN H 175 -46.96 -37.20 21.67
C ASN H 175 -45.65 -37.68 21.06
N VAL H 176 -44.54 -37.11 21.51
CA VAL H 176 -43.23 -37.44 20.94
C VAL H 176 -42.41 -38.33 21.86
N ASN H 177 -41.94 -39.45 21.32
CA ASN H 177 -41.14 -40.40 22.09
C ASN H 177 -40.12 -41.16 21.24
N LEU H 178 -39.42 -42.10 21.88
CA LEU H 178 -38.38 -42.87 21.21
C LEU H 178 -38.94 -44.15 20.60
N TYR H 179 -38.44 -44.54 19.44
CA TYR H 179 -38.80 -45.81 18.83
C TYR H 179 -37.79 -46.18 17.74
N THR H 180 -37.62 -47.48 17.52
CA THR H 180 -36.72 -47.98 16.49
C THR H 180 -37.09 -47.47 15.11
N TRP H 181 -36.10 -47.41 14.22
CA TRP H 181 -36.26 -46.84 12.89
C TRP H 181 -36.82 -47.84 11.89
N ASP H 182 -38.04 -47.58 11.42
CA ASP H 182 -38.66 -48.43 10.39
C ASP H 182 -39.20 -47.61 9.23
N TYR H 183 -38.48 -46.53 8.89
CA TYR H 183 -38.75 -45.72 7.71
C TYR H 183 -40.16 -45.11 7.67
N GLY H 184 -40.70 -44.78 8.83
CA GLY H 184 -42.03 -44.21 8.91
C GLY H 184 -42.04 -42.70 8.79
N ARG H 185 -43.12 -42.15 8.24
CA ARG H 185 -43.23 -40.71 8.03
C ARG H 185 -43.48 -39.94 9.32
N ASN H 186 -43.51 -40.65 10.44
CA ASN H 186 -43.61 -40.02 11.74
C ASN H 186 -42.24 -39.94 12.39
N GLN H 187 -41.27 -40.61 11.76
CA GLN H 187 -39.91 -40.66 12.27
C GLN H 187 -39.00 -39.70 11.51
N LYS H 188 -39.59 -38.76 10.79
CA LYS H 188 -38.83 -37.78 10.04
C LYS H 188 -39.33 -36.36 10.33
N TRP H 189 -38.41 -35.40 10.25
CA TRP H 189 -38.73 -34.01 10.53
C TRP H 189 -38.15 -33.09 9.46
N THR H 190 -38.92 -32.10 9.05
CA THR H 190 -38.42 -31.08 8.13
C THR H 190 -38.05 -29.83 8.90
N ILE H 191 -36.75 -29.58 9.03
CA ILE H 191 -36.25 -28.40 9.72
C ILE H 191 -36.38 -27.18 8.83
N ARG H 192 -37.04 -26.14 9.32
CA ARG H 192 -37.16 -24.90 8.56
C ARG H 192 -36.70 -23.71 9.40
N TYR H 193 -35.90 -22.85 8.78
CA TYR H 193 -35.32 -21.70 9.47
C TYR H 193 -36.18 -20.45 9.32
N ASN H 194 -36.27 -19.68 10.40
CA ASN H 194 -37.00 -18.44 10.41
C ASN H 194 -36.05 -17.29 10.69
N GLU H 195 -35.71 -16.52 9.65
CA GLU H 195 -34.67 -15.51 9.76
C GLU H 195 -35.07 -14.35 10.69
N GLU H 196 -36.36 -14.15 10.87
CA GLU H 196 -36.87 -13.12 11.77
C GLU H 196 -36.53 -13.45 13.21
N LYS H 197 -36.88 -14.67 13.62
CA LYS H 197 -36.65 -15.15 14.98
C LYS H 197 -35.20 -15.57 15.15
N ALA H 198 -34.51 -15.77 14.02
CA ALA H 198 -33.20 -16.42 13.98
C ALA H 198 -33.27 -17.75 14.73
N ALA H 199 -34.30 -18.53 14.43
CA ALA H 199 -34.52 -19.81 15.09
C ALA H 199 -35.12 -20.82 14.10
N TYR H 200 -35.19 -22.09 14.52
CA TYR H 200 -35.66 -23.16 13.66
C TYR H 200 -37.00 -23.74 14.11
N GLN H 201 -37.68 -24.44 13.20
CA GLN H 201 -38.88 -25.19 13.54
C GLN H 201 -38.79 -26.62 13.02
N PHE H 202 -39.35 -27.56 13.77
CA PHE H 202 -39.37 -28.96 13.34
C PHE H 202 -40.75 -29.36 12.86
N PHE H 203 -40.88 -29.57 11.55
CA PHE H 203 -42.16 -29.99 10.97
C PHE H 203 -42.20 -31.50 10.76
N ASN H 204 -43.14 -32.16 11.43
CA ASN H 204 -43.35 -33.58 11.25
C ASN H 204 -44.00 -33.85 9.90
N THR H 205 -43.72 -35.01 9.31
CA THR H 205 -44.19 -35.31 7.96
C THR H 205 -45.36 -36.29 7.88
N ILE H 206 -46.39 -36.05 8.67
CA ILE H 206 -47.68 -36.70 8.48
C ILE H 206 -48.76 -35.63 8.49
N LEU H 207 -48.85 -34.92 9.60
CA LEU H 207 -49.62 -33.68 9.65
C LEU H 207 -48.76 -32.59 9.02
N SER H 208 -49.30 -31.91 8.03
CA SER H 208 -48.56 -30.88 7.32
C SER H 208 -48.28 -29.66 8.20
N ASN H 209 -49.03 -29.53 9.29
CA ASN H 209 -48.88 -28.39 10.18
C ASN H 209 -48.30 -28.78 11.54
N GLY H 210 -47.74 -29.98 11.62
CA GLY H 210 -47.21 -30.50 12.87
C GLY H 210 -45.83 -29.97 13.23
N VAL H 211 -45.80 -29.05 14.18
CA VAL H 211 -44.54 -28.47 14.65
C VAL H 211 -44.19 -28.97 16.05
N LEU H 212 -42.93 -29.36 16.24
CA LEU H 212 -42.44 -29.79 17.55
C LEU H 212 -42.49 -28.62 18.54
N THR H 213 -43.33 -28.75 19.57
CA THR H 213 -43.49 -27.67 20.53
C THR H 213 -43.27 -28.14 21.96
N TRP H 214 -42.80 -27.22 22.80
CA TRP H 214 -42.71 -27.47 24.24
C TRP H 214 -44.00 -27.02 24.90
N ILE H 215 -44.84 -27.98 25.27
CA ILE H 215 -46.10 -27.69 25.95
C ILE H 215 -45.84 -27.08 27.32
N PHE H 216 -45.71 -25.76 27.36
CA PHE H 216 -45.41 -25.05 28.61
C PHE H 216 -46.57 -25.08 29.58
N SER H 217 -47.75 -25.46 29.09
CA SER H 217 -48.94 -25.59 29.93
C SER H 217 -48.96 -26.94 30.66
N ASN H 218 -47.81 -27.61 30.66
CA ASN H 218 -47.66 -28.86 31.39
C ASN H 218 -46.20 -29.10 31.80
N GLY H 219 -45.57 -28.06 32.36
CA GLY H 219 -44.23 -28.17 32.87
C GLY H 219 -43.16 -28.40 31.82
N ASN H 220 -42.77 -29.65 31.63
CA ASN H 220 -41.66 -30.01 30.75
C ASN H 220 -42.09 -30.82 29.53
N THR H 221 -43.39 -30.82 29.22
CA THR H 221 -43.93 -31.69 28.18
C THR H 221 -43.62 -31.22 26.76
N VAL H 222 -43.30 -32.17 25.89
CA VAL H 222 -43.05 -31.89 24.48
C VAL H 222 -43.87 -32.78 23.56
N ARG H 223 -44.65 -32.16 22.68
CA ARG H 223 -45.34 -32.86 21.60
C ARG H 223 -45.55 -31.92 20.42
N VAL H 224 -46.17 -32.43 19.36
CA VAL H 224 -46.42 -31.61 18.17
C VAL H 224 -47.76 -30.88 18.30
N SER H 225 -47.91 -29.79 17.55
CA SER H 225 -49.11 -28.96 17.66
C SER H 225 -49.58 -28.46 16.30
N SER H 226 -50.58 -27.59 16.33
CA SER H 226 -51.02 -26.88 15.14
C SER H 226 -50.41 -25.48 15.16
N SER H 227 -49.33 -25.31 14.41
CA SER H 227 -48.53 -24.09 14.47
C SER H 227 -49.14 -22.94 13.67
N ASN H 228 -50.19 -22.37 14.22
CA ASN H 228 -50.80 -21.18 13.64
C ASN H 228 -50.65 -20.00 14.58
N ASP H 229 -49.68 -20.11 15.48
CA ASP H 229 -49.48 -19.12 16.54
C ASP H 229 -48.40 -18.11 16.19
N GLN H 230 -47.27 -18.61 15.68
CA GLN H 230 -46.15 -17.77 15.22
C GLN H 230 -45.47 -16.93 16.31
N ASN H 231 -46.18 -16.64 17.39
CA ASN H 231 -45.61 -15.88 18.50
C ASN H 231 -45.35 -16.77 19.71
N ASN H 232 -45.75 -18.02 19.61
CA ASN H 232 -45.41 -19.02 20.61
C ASN H 232 -43.97 -19.44 20.41
N ASP H 233 -43.07 -18.92 21.24
CA ASP H 233 -41.65 -19.17 21.10
C ASP H 233 -41.26 -20.59 21.53
N ALA H 234 -42.22 -21.33 22.03
CA ALA H 234 -41.99 -22.73 22.39
C ALA H 234 -42.05 -23.61 21.14
N GLN H 235 -42.48 -23.02 20.03
CA GLN H 235 -42.56 -23.74 18.76
C GLN H 235 -41.28 -23.56 17.95
N TYR H 236 -40.40 -22.69 18.44
CA TYR H 236 -39.14 -22.40 17.74
C TYR H 236 -37.94 -22.88 18.55
N TRP H 237 -36.83 -23.16 17.86
CA TRP H 237 -35.66 -23.74 18.51
C TRP H 237 -34.34 -23.19 17.98
N LEU H 238 -33.31 -23.27 18.80
CA LEU H 238 -31.95 -22.93 18.39
C LEU H 238 -31.11 -24.19 18.28
N ILE H 239 -30.53 -24.43 17.11
CA ILE H 239 -29.75 -25.64 16.88
C ILE H 239 -28.26 -25.31 16.79
N ASN H 240 -27.54 -25.58 17.88
CA ASN H 240 -26.11 -25.30 17.96
C ASN H 240 -25.29 -26.57 17.82
N PRO H 241 -24.31 -26.57 16.90
CA PRO H 241 -23.47 -27.76 16.72
C PRO H 241 -22.51 -27.96 17.87
N VAL H 242 -22.36 -29.21 18.32
CA VAL H 242 -21.40 -29.54 19.37
C VAL H 242 -19.99 -29.55 18.78
N SER H 243 -19.07 -28.91 19.50
CA SER H 243 -17.68 -28.76 19.05
C SER H 243 -17.02 -30.09 18.69
N ASP H 244 -16.29 -30.08 17.56
CA ASP H 244 -15.54 -31.24 17.08
C ASP H 244 -16.42 -32.47 16.82
N THR H 245 -17.61 -32.23 16.30
CA THR H 245 -18.53 -33.32 15.97
C THR H 245 -19.17 -33.11 14.61
N ASP H 246 -19.37 -34.19 13.87
CA ASP H 246 -19.88 -34.12 12.51
C ASP H 246 -21.30 -33.57 12.42
N GLU H 247 -22.28 -34.39 12.79
CA GLU H 247 -23.68 -34.01 12.72
C GLU H 247 -24.36 -34.09 14.08
N THR H 248 -23.71 -33.54 15.09
CA THR H 248 -24.25 -33.55 16.45
C THR H 248 -24.54 -32.13 16.92
N TYR H 249 -25.77 -31.90 17.38
CA TYR H 249 -26.18 -30.57 17.81
C TYR H 249 -26.84 -30.60 19.18
N THR H 250 -26.92 -29.43 19.82
CA THR H 250 -27.79 -29.25 20.96
C THR H 250 -29.01 -28.48 20.50
N ILE H 251 -30.18 -28.85 21.01
CA ILE H 251 -31.43 -28.20 20.61
C ILE H 251 -32.07 -27.49 21.80
N THR H 252 -32.05 -26.16 21.77
CA THR H 252 -32.58 -25.37 22.86
C THR H 252 -33.77 -24.51 22.43
N ASN H 253 -34.65 -24.21 23.38
CA ASN H 253 -35.89 -23.49 23.11
C ASN H 253 -35.69 -21.98 23.00
N LEU H 254 -36.53 -21.32 22.22
CA LEU H 254 -36.43 -19.89 22.02
C LEU H 254 -37.03 -19.11 23.19
N ARG H 255 -38.13 -19.62 23.73
CA ARG H 255 -38.81 -18.99 24.86
C ARG H 255 -37.96 -19.07 26.12
N ASP H 256 -37.19 -20.14 26.23
CA ASP H 256 -36.32 -20.34 27.39
C ASP H 256 -35.05 -21.07 26.95
N THR H 257 -34.00 -20.31 26.65
CA THR H 257 -32.76 -20.89 26.11
C THR H 257 -31.99 -21.73 27.12
N THR H 258 -32.45 -21.74 28.37
CA THR H 258 -31.82 -22.55 29.40
C THR H 258 -32.45 -23.93 29.47
N LYS H 259 -33.42 -24.18 28.60
CA LYS H 259 -34.13 -25.46 28.58
C LYS H 259 -33.93 -26.20 27.26
N ALA H 260 -32.98 -27.13 27.25
CA ALA H 260 -32.64 -27.87 26.03
C ALA H 260 -33.54 -29.08 25.83
N LEU H 261 -33.52 -29.65 24.63
CA LEU H 261 -34.28 -30.84 24.31
C LEU H 261 -33.68 -32.04 25.04
N ASP H 262 -34.53 -32.80 25.71
CA ASP H 262 -34.05 -33.83 26.63
C ASP H 262 -34.74 -35.19 26.42
N LEU H 263 -33.94 -36.25 26.38
CA LEU H 263 -34.44 -37.61 26.38
C LEU H 263 -34.59 -38.04 27.84
N TYR H 264 -35.78 -38.53 28.20
CA TYR H 264 -36.07 -38.88 29.59
C TYR H 264 -35.06 -39.86 30.15
N GLY H 265 -34.62 -39.63 31.38
CA GLY H 265 -33.40 -40.24 31.87
C GLY H 265 -32.27 -39.48 31.21
N GLY H 266 -31.24 -40.17 30.75
CA GLY H 266 -31.10 -41.60 30.98
C GLY H 266 -31.51 -42.53 29.85
N GLN H 267 -32.77 -42.95 29.89
CA GLN H 267 -33.22 -44.14 29.16
C GLN H 267 -33.12 -44.09 27.63
N THR H 268 -32.58 -45.16 27.06
CA THR H 268 -32.47 -45.30 25.62
C THR H 268 -33.42 -46.40 25.13
N ALA H 269 -34.35 -46.80 26.00
CA ALA H 269 -35.31 -47.85 25.68
C ALA H 269 -36.28 -47.42 24.58
N ASN H 270 -37.19 -48.32 24.21
CA ASN H 270 -38.00 -48.14 23.00
C ASN H 270 -39.31 -47.37 23.19
N GLY H 271 -39.49 -46.74 24.34
CA GLY H 271 -40.70 -45.96 24.60
C GLY H 271 -40.43 -44.70 25.39
N THR H 272 -39.16 -44.40 25.58
CA THR H 272 -38.73 -43.29 26.42
C THR H 272 -39.25 -41.95 25.92
N ALA H 273 -39.71 -41.11 26.83
CA ALA H 273 -40.32 -39.83 26.49
C ALA H 273 -39.31 -38.78 26.00
N ILE H 274 -39.77 -37.92 25.10
CA ILE H 274 -38.98 -36.76 24.69
C ILE H 274 -39.53 -35.53 25.39
N GLN H 275 -38.64 -34.73 25.96
CA GLN H 275 -39.06 -33.57 26.74
C GLN H 275 -38.00 -32.47 26.72
N VAL H 276 -38.20 -31.46 27.56
CA VAL H 276 -37.21 -30.44 27.78
C VAL H 276 -36.76 -30.48 29.24
N PHE H 277 -35.54 -30.01 29.49
CA PHE H 277 -35.01 -29.94 30.84
C PHE H 277 -33.91 -28.90 30.87
N ASN H 278 -33.59 -28.41 32.07
CA ASN H 278 -32.53 -27.41 32.22
C ASN H 278 -31.20 -27.87 31.66
N TYR H 279 -30.68 -27.11 30.70
CA TYR H 279 -29.48 -27.48 29.96
C TYR H 279 -28.25 -27.63 30.85
N HIS H 280 -27.63 -28.81 30.77
CA HIS H 280 -26.39 -29.07 31.49
C HIS H 280 -25.28 -29.52 30.54
N GLY H 281 -25.68 -30.12 29.42
CA GLY H 281 -24.74 -30.51 28.39
C GLY H 281 -24.33 -31.96 28.44
N ASP H 282 -25.21 -32.83 28.94
CA ASP H 282 -24.95 -34.26 28.94
C ASP H 282 -25.31 -34.89 27.61
N ASP H 283 -25.29 -36.22 27.56
CA ASP H 283 -25.48 -36.95 26.31
C ASP H 283 -26.94 -37.27 26.02
N ASN H 284 -27.80 -37.07 27.01
CA ASN H 284 -29.23 -37.21 26.80
C ASN H 284 -29.82 -35.90 26.27
N GLN H 285 -28.95 -34.92 26.06
CA GLN H 285 -29.36 -33.61 25.57
C GLN H 285 -28.81 -33.30 24.17
N LYS H 286 -27.79 -34.05 23.75
CA LYS H 286 -27.22 -33.84 22.42
C LYS H 286 -27.77 -34.83 21.40
N TRP H 287 -28.02 -34.34 20.18
CA TRP H 287 -28.75 -35.10 19.19
C TRP H 287 -28.02 -35.20 17.85
N ASN H 288 -28.31 -36.28 17.12
CA ASN H 288 -27.67 -36.53 15.84
C ASN H 288 -28.65 -36.37 14.68
N ILE H 289 -28.58 -35.20 14.03
CA ILE H 289 -29.44 -34.90 12.89
C ILE H 289 -28.87 -35.51 11.62
N ARG H 290 -29.63 -36.43 11.03
CA ARG H 290 -29.07 -37.30 9.99
C ARG H 290 -29.97 -37.40 8.76
N ASN H 291 -29.34 -37.51 7.59
CA ASN H 291 -30.05 -37.72 6.34
C ASN H 291 -30.61 -39.14 6.26
N PRO H 292 -31.94 -39.26 6.14
CA PRO H 292 -32.64 -40.55 6.25
C PRO H 292 -32.79 -41.30 4.93
N PRO H 293 -32.39 -42.58 4.90
CA PRO H 293 -32.58 -43.45 3.74
C PRO H 293 -34.03 -43.92 3.61
N GLU I 8 4.86 20.41 -76.15
CA GLU I 8 3.94 19.63 -75.35
C GLU I 8 4.27 18.14 -75.41
N ASN I 9 3.64 17.37 -74.53
CA ASN I 9 3.81 15.92 -74.52
C ASN I 9 2.65 15.26 -73.79
N ILE I 10 1.46 15.36 -74.38
CA ILE I 10 0.23 14.89 -73.74
C ILE I 10 0.00 13.39 -73.93
N GLN I 11 0.27 12.61 -72.89
CA GLN I 11 -0.13 11.21 -72.87
C GLN I 11 -1.59 11.15 -72.41
N GLU I 12 -2.33 10.17 -72.90
CA GLU I 12 -3.78 10.16 -72.73
C GLU I 12 -4.35 8.82 -72.25
N ILE I 13 -5.30 8.89 -71.32
CA ILE I 13 -6.03 7.72 -70.87
C ILE I 13 -7.47 7.80 -71.40
N ASN I 14 -7.74 7.03 -72.46
CA ASN I 14 -9.03 7.10 -73.14
C ASN I 14 -10.21 6.63 -72.31
N THR I 15 -10.02 5.56 -71.54
CA THR I 15 -11.07 5.01 -70.70
C THR I 15 -11.17 5.77 -69.37
N ALA I 16 -12.37 6.25 -69.05
CA ALA I 16 -12.61 7.01 -67.83
C ALA I 16 -12.34 6.17 -66.59
N ILE I 17 -11.45 6.63 -65.72
CA ILE I 17 -11.07 5.89 -64.53
C ILE I 17 -12.20 5.81 -63.53
N SER I 18 -12.32 4.66 -62.88
CA SER I 18 -13.47 4.38 -62.04
C SER I 18 -13.32 4.81 -60.60
N ASP I 19 -12.68 3.96 -59.81
CA ASP I 19 -12.50 4.22 -58.39
C ASP I 19 -11.06 3.99 -57.98
N ASN I 20 -10.40 3.09 -58.69
CA ASN I 20 -8.99 2.81 -58.47
C ASN I 20 -8.35 2.67 -59.83
N TYR I 21 -7.24 3.37 -60.02
CA TYR I 21 -6.49 3.25 -61.26
C TYR I 21 -5.01 3.51 -61.08
N THR I 22 -4.20 2.69 -61.74
CA THR I 22 -2.76 2.83 -61.73
C THR I 22 -2.26 3.00 -63.16
N TYR I 23 -1.44 4.02 -63.38
CA TYR I 23 -0.94 4.31 -64.73
C TYR I 23 0.59 4.30 -64.77
N ASN I 24 1.14 3.31 -65.44
CA ASN I 24 2.59 3.16 -65.57
C ASN I 24 3.21 4.23 -66.46
N ILE I 25 4.51 4.48 -66.26
CA ILE I 25 5.23 5.47 -67.04
C ILE I 25 6.56 4.90 -67.56
N ASN I 30 12.43 10.31 -68.97
CA ASN I 30 12.01 10.67 -67.62
C ASN I 30 12.46 12.08 -67.26
N ASN I 31 13.32 12.66 -68.09
CA ASN I 31 13.97 13.92 -67.77
C ASN I 31 13.38 15.14 -68.48
N ASN I 32 12.15 14.99 -68.97
CA ASN I 32 11.45 16.12 -69.60
C ASN I 32 9.95 16.06 -69.28
N PRO I 33 9.43 17.10 -68.62
CA PRO I 33 8.06 17.17 -68.09
C PRO I 33 6.99 16.83 -69.12
N PHE I 34 6.03 16.00 -68.72
CA PHE I 34 4.92 15.66 -69.60
C PHE I 34 3.59 15.67 -68.84
N TYR I 35 2.49 15.74 -69.60
CA TYR I 35 1.16 15.87 -69.03
C TYR I 35 0.30 14.64 -69.28
N ILE I 36 -0.62 14.36 -68.36
CA ILE I 36 -1.50 13.21 -68.48
C ILE I 36 -2.98 13.64 -68.49
N LEU I 37 -3.64 13.40 -69.61
CA LEU I 37 -5.06 13.76 -69.77
C LEU I 37 -5.97 12.61 -69.36
N PHE I 38 -6.98 12.91 -68.55
CA PHE I 38 -7.90 11.90 -68.06
C PHE I 38 -9.21 12.48 -67.56
N THR I 39 -10.23 11.63 -67.46
CA THR I 39 -11.50 11.99 -66.81
C THR I 39 -11.83 10.94 -65.77
N VAL I 40 -12.89 11.20 -64.99
CA VAL I 40 -13.37 10.22 -64.03
C VAL I 40 -14.82 9.86 -64.31
N ASN I 41 -15.22 8.65 -63.93
CA ASN I 41 -16.58 8.19 -64.18
C ASN I 41 -17.55 8.71 -63.13
N THR I 42 -17.06 8.88 -61.91
CA THR I 42 -17.87 9.38 -60.80
C THR I 42 -17.25 10.64 -60.20
N THR I 43 -18.07 11.66 -59.96
CA THR I 43 -17.61 12.88 -59.31
C THR I 43 -17.27 12.60 -57.85
N GLY I 44 -16.17 13.16 -57.37
CA GLY I 44 -15.80 13.02 -55.98
C GLY I 44 -14.36 13.37 -55.65
N ILE I 45 -14.02 13.23 -54.37
CA ILE I 45 -12.66 13.46 -53.90
C ILE I 45 -11.75 12.33 -54.40
N TYR I 46 -10.56 12.71 -54.86
CA TYR I 46 -9.60 11.72 -55.32
C TYR I 46 -8.22 11.94 -54.68
N LYS I 47 -7.58 10.85 -54.31
CA LYS I 47 -6.19 10.90 -53.88
C LYS I 47 -5.30 10.52 -55.05
N ILE I 48 -4.45 11.45 -55.46
CA ILE I 48 -3.58 11.22 -56.61
C ILE I 48 -2.12 11.38 -56.21
N ASN I 49 -1.31 10.38 -56.57
CA ASN I 49 0.10 10.41 -56.21
C ASN I 49 0.95 9.54 -57.14
N ALA I 50 2.26 9.68 -57.02
CA ALA I 50 3.18 8.78 -57.67
C ALA I 50 3.68 7.81 -56.60
N GLN I 51 4.26 6.71 -57.03
CA GLN I 51 4.85 5.76 -56.10
C GLN I 51 6.29 6.17 -55.85
N ASN I 52 6.62 6.49 -54.61
CA ASN I 52 5.65 6.58 -53.53
C ASN I 52 5.62 8.01 -52.98
N ASN I 53 4.62 8.76 -53.43
CA ASN I 53 4.53 10.20 -53.18
C ASN I 53 5.74 10.94 -53.77
N LEU I 54 6.38 10.32 -54.75
CA LEU I 54 7.55 10.89 -55.39
C LEU I 54 7.61 10.52 -56.87
N PRO I 55 7.76 11.51 -57.75
CA PRO I 55 7.89 12.94 -57.38
C PRO I 55 6.55 13.60 -57.12
N SER I 56 6.57 14.81 -56.61
CA SER I 56 5.35 15.59 -56.39
C SER I 56 4.71 15.94 -57.74
N LEU I 57 3.38 15.87 -57.78
CA LEU I 57 2.63 16.14 -59.00
C LEU I 57 1.88 17.46 -58.92
N LYS I 58 1.41 17.94 -60.06
CA LYS I 58 0.51 19.09 -60.12
C LYS I 58 -0.65 18.70 -61.03
N ILE I 59 -1.84 19.21 -60.72
CA ILE I 59 -3.02 18.88 -61.50
C ILE I 59 -3.73 20.12 -62.05
N TYR I 60 -4.17 20.03 -63.31
CA TYR I 60 -4.85 21.14 -63.96
C TYR I 60 -6.23 20.72 -64.43
N GLU I 61 -7.06 21.70 -64.78
CA GLU I 61 -8.37 21.44 -65.35
C GLU I 61 -8.49 22.05 -66.74
N ALA I 62 -9.06 21.28 -67.67
CA ALA I 62 -9.30 21.76 -69.02
C ALA I 62 -10.52 22.68 -69.04
N ILE I 63 -10.27 23.98 -69.21
CA ILE I 63 -11.35 24.96 -69.22
C ILE I 63 -12.14 24.89 -70.54
N GLY I 64 -13.46 24.73 -70.42
CA GLY I 64 -14.32 24.66 -71.57
C GLY I 64 -15.79 24.77 -71.20
N ILE I 83 -6.48 25.85 -69.87
CA ILE I 83 -6.00 25.12 -68.69
C ILE I 83 -5.90 26.03 -67.47
N ASN I 84 -6.47 25.58 -66.35
CA ASN I 84 -6.39 26.31 -65.09
C ASN I 84 -5.78 25.45 -63.98
N TYR I 85 -4.82 26.02 -63.26
CA TYR I 85 -4.15 25.33 -62.17
C TYR I 85 -5.10 25.08 -61.00
N ILE I 86 -5.04 23.87 -60.44
CA ILE I 86 -5.86 23.53 -59.29
C ILE I 86 -5.03 23.54 -58.01
N THR I 87 -4.12 22.58 -57.90
CA THR I 87 -3.26 22.45 -56.73
C THR I 87 -2.00 21.65 -57.06
N GLY I 88 -1.03 21.69 -56.15
CA GLY I 88 0.22 20.98 -56.35
C GLY I 88 1.40 21.92 -56.55
N PHE I 89 2.58 21.50 -56.09
CA PHE I 89 3.79 22.31 -56.23
C PHE I 89 4.86 21.53 -56.99
N ASP I 90 5.94 22.23 -57.35
CA ASP I 90 7.03 21.61 -58.09
C ASP I 90 8.36 21.73 -57.34
N SER I 91 8.52 20.91 -56.30
CA SER I 91 9.80 20.79 -55.62
C SER I 91 10.40 19.42 -55.92
N PRO I 92 11.60 19.41 -56.51
CA PRO I 92 12.31 18.21 -56.99
C PRO I 92 12.29 17.03 -56.01
N ASN I 93 12.98 17.17 -54.89
CA ASN I 93 13.09 16.08 -53.93
C ASN I 93 12.10 16.19 -52.78
N ALA I 94 10.83 16.46 -53.11
CA ALA I 94 9.81 16.60 -52.09
C ALA I 94 8.73 15.53 -52.21
N LYS I 95 8.48 14.83 -51.11
CA LYS I 95 7.39 13.86 -51.04
C LYS I 95 6.05 14.56 -50.84
N SER I 96 5.07 14.23 -51.66
CA SER I 96 3.70 14.73 -51.49
C SER I 96 2.68 13.97 -52.32
N TYR I 97 1.41 14.09 -51.94
CA TYR I 97 0.31 13.62 -52.77
C TYR I 97 -0.79 14.68 -52.91
N LEU I 98 -1.73 14.44 -53.81
CA LEU I 98 -2.79 15.39 -54.10
C LEU I 98 -4.16 14.89 -53.64
N VAL I 99 -4.92 15.77 -52.99
CA VAL I 99 -6.31 15.52 -52.69
C VAL I 99 -7.16 16.54 -53.43
N VAL I 100 -7.90 16.07 -54.43
CA VAL I 100 -8.58 16.97 -55.35
C VAL I 100 -10.01 16.54 -55.66
N LEU I 101 -10.90 17.52 -55.80
CA LEU I 101 -12.27 17.29 -56.23
C LEU I 101 -12.33 17.19 -57.75
N LEU I 102 -12.68 16.01 -58.25
CA LEU I 102 -12.73 15.77 -59.69
C LEU I 102 -14.16 15.55 -60.18
N ASN I 103 -14.52 16.23 -61.26
CA ASN I 103 -15.88 16.20 -61.77
C ASN I 103 -16.11 15.18 -62.87
N LYS I 104 -17.37 14.79 -63.04
CA LYS I 104 -17.75 13.73 -63.98
C LYS I 104 -17.40 14.08 -65.43
N ASP I 105 -18.10 15.04 -66.01
CA ASP I 105 -17.93 15.36 -67.42
C ASP I 105 -16.92 16.47 -67.68
N LYS I 106 -15.77 16.40 -67.00
CA LYS I 106 -14.71 17.40 -67.21
C LYS I 106 -13.36 16.72 -67.40
N ASN I 107 -12.44 17.42 -68.07
CA ASN I 107 -11.11 16.89 -68.33
C ASN I 107 -10.04 17.47 -67.42
N TYR I 108 -9.03 16.67 -67.10
CA TYR I 108 -7.96 17.10 -66.20
C TYR I 108 -6.58 16.74 -66.72
N TYR I 109 -5.56 17.42 -66.18
CA TYR I 109 -4.18 17.20 -66.59
C TYR I 109 -3.26 17.00 -65.40
N ILE I 110 -2.59 15.85 -65.35
CA ILE I 110 -1.56 15.60 -64.35
C ILE I 110 -0.19 15.98 -64.94
N ARG I 111 0.52 16.89 -64.27
CA ARG I 111 1.85 17.27 -64.71
C ARG I 111 2.93 16.61 -63.88
N VAL I 112 3.55 15.58 -64.44
CA VAL I 112 4.72 14.97 -63.80
C VAL I 112 5.98 15.60 -64.39
N PRO I 113 6.88 16.07 -63.50
CA PRO I 113 8.05 16.86 -63.89
C PRO I 113 9.28 16.01 -64.21
N GLN I 114 10.38 16.67 -64.56
CA GLN I 114 11.63 15.98 -64.84
C GLN I 114 12.26 15.47 -63.55
N THR I 115 12.86 14.28 -63.63
CA THR I 115 13.49 13.66 -62.47
C THR I 115 14.72 12.83 -62.85
N SER I 116 14.70 11.56 -62.45
CA SER I 116 15.82 10.67 -62.72
C SER I 116 15.35 9.37 -63.38
N SER I 117 16.25 8.71 -64.10
CA SER I 117 15.87 7.57 -64.92
C SER I 117 16.53 6.28 -64.46
N ASN I 118 16.29 5.91 -63.21
CA ASN I 118 16.83 4.67 -62.67
C ASN I 118 15.70 3.77 -62.16
N ILE I 119 14.48 4.28 -62.12
CA ILE I 119 13.33 3.48 -61.72
C ILE I 119 12.12 3.74 -62.60
N GLU I 120 11.30 2.70 -62.77
CA GLU I 120 10.02 2.85 -63.44
C GLU I 120 9.01 3.37 -62.43
N ASN I 121 8.23 4.37 -62.83
CA ASN I 121 7.25 4.96 -61.94
C ASN I 121 5.82 4.80 -62.44
N GLN I 122 4.86 5.11 -61.57
CA GLN I 122 3.45 5.02 -61.91
C GLN I 122 2.61 6.02 -61.12
N ILE I 123 1.48 6.42 -61.68
CA ILE I 123 0.57 7.35 -61.03
C ILE I 123 -0.62 6.60 -60.44
N GLN I 124 -0.97 6.92 -59.20
CA GLN I 124 -2.08 6.26 -58.52
C GLN I 124 -3.31 7.17 -58.40
N PHE I 125 -4.48 6.62 -58.74
CA PHE I 125 -5.73 7.35 -58.61
C PHE I 125 -6.69 6.57 -57.71
N LYS I 126 -7.07 7.17 -56.58
CA LYS I 126 -8.00 6.52 -55.67
C LYS I 126 -9.11 7.46 -55.20
N ARG I 127 -10.35 7.08 -55.49
CA ARG I 127 -11.51 7.85 -55.07
C ARG I 127 -11.74 7.72 -53.56
N GLU I 128 -11.91 8.86 -52.90
CA GLU I 128 -12.05 8.89 -51.45
C GLU I 128 -13.40 9.47 -51.02
N GLU I 129 -14.11 8.72 -50.18
CA GLU I 129 -15.41 9.15 -49.69
C GLU I 129 -15.38 9.43 -48.19
N GLY I 130 -14.18 9.41 -47.61
CA GLY I 130 -14.02 9.58 -46.18
C GLY I 130 -13.61 10.98 -45.75
N ASP I 131 -12.90 11.06 -44.63
CA ASP I 131 -12.53 12.34 -44.03
C ASP I 131 -11.50 13.14 -44.84
N LEU I 132 -10.98 12.54 -45.90
CA LEU I 132 -10.01 13.24 -46.75
C LEU I 132 -10.68 14.41 -47.47
N ARG I 133 -12.01 14.37 -47.47
CA ARG I 133 -12.87 15.45 -47.94
C ARG I 133 -12.42 16.78 -47.34
N ASN I 134 -11.96 16.73 -46.09
CA ASN I 134 -11.52 17.91 -45.35
C ASN I 134 -10.26 18.56 -45.92
N LEU I 135 -9.61 17.88 -46.86
CA LEU I 135 -8.35 18.38 -47.41
C LEU I 135 -8.41 18.64 -48.91
N MET I 136 -9.57 19.05 -49.42
CA MET I 136 -9.67 19.46 -50.81
C MET I 136 -9.68 20.99 -50.90
N ASN I 137 -9.09 21.56 -51.95
CA ASN I 137 -8.23 20.86 -52.90
C ASN I 137 -6.79 21.16 -52.50
N SER I 138 -6.12 20.20 -51.87
CA SER I 138 -4.83 20.48 -51.25
C SER I 138 -3.76 19.47 -51.63
N SER I 139 -2.51 19.94 -51.63
CA SER I 139 -1.37 19.05 -51.69
C SER I 139 -1.03 18.69 -50.26
N VAL I 140 -0.58 17.46 -50.04
CA VAL I 140 -0.20 17.03 -48.71
C VAL I 140 1.27 16.65 -48.69
N ASN I 141 2.09 17.50 -48.06
CA ASN I 141 3.50 17.21 -47.93
C ASN I 141 3.76 16.08 -46.94
N ILE I 142 4.49 15.06 -47.39
CA ILE I 142 4.88 13.98 -46.50
C ILE I 142 6.17 14.36 -45.77
N ILE I 143 6.08 14.50 -44.45
CA ILE I 143 7.24 14.83 -43.63
C ILE I 143 7.79 13.56 -42.98
N ASP I 144 9.06 13.28 -43.21
CA ASP I 144 9.70 12.13 -42.58
C ASP I 144 11.20 12.31 -42.35
N ASN I 145 11.57 13.49 -41.85
CA ASN I 145 12.94 13.72 -41.41
C ASN I 145 12.97 14.37 -40.03
N LEU I 146 11.88 14.17 -39.29
CA LEU I 146 11.80 14.68 -37.92
C LEU I 146 12.58 13.81 -36.96
N ASN I 147 13.81 14.23 -36.65
CA ASN I 147 14.57 13.57 -35.61
C ASN I 147 14.01 13.98 -34.25
N SER I 148 14.51 13.34 -33.20
CA SER I 148 13.98 13.48 -31.84
C SER I 148 13.65 14.92 -31.43
N THR I 149 14.67 15.73 -31.21
CA THR I 149 14.48 17.12 -30.82
C THR I 149 15.17 18.04 -31.80
N GLY I 150 14.63 19.25 -31.95
CA GLY I 150 15.25 20.25 -32.81
C GLY I 150 14.29 20.96 -33.73
N ALA I 151 14.79 21.99 -34.41
CA ALA I 151 13.99 22.78 -35.33
C ALA I 151 14.02 22.18 -36.72
N HIS I 152 12.87 22.21 -37.39
CA HIS I 152 12.76 21.75 -38.77
C HIS I 152 11.93 22.76 -39.54
N TYR I 153 12.32 23.01 -40.79
CA TYR I 153 11.49 23.85 -41.66
C TYR I 153 11.39 23.28 -43.07
N TYR I 154 10.31 23.62 -43.76
CA TYR I 154 10.02 23.08 -45.09
C TYR I 154 9.48 24.17 -46.01
N THR I 155 10.21 24.46 -47.07
CA THR I 155 9.86 25.52 -47.99
C THR I 155 9.22 24.99 -49.27
N ARG I 156 8.02 25.47 -49.58
CA ARG I 156 7.33 25.08 -50.79
C ARG I 156 6.76 26.33 -51.45
N GLN I 157 6.40 26.23 -52.73
CA GLN I 157 5.70 27.31 -53.41
C GLN I 157 4.38 27.57 -52.70
N SER I 158 4.16 28.82 -52.30
CA SER I 158 2.95 29.18 -51.57
C SER I 158 1.72 29.22 -52.47
N PRO I 159 0.61 28.63 -51.99
CA PRO I 159 -0.69 28.75 -52.66
C PRO I 159 -1.18 30.19 -52.62
N ASP I 160 -2.18 30.50 -53.45
CA ASP I 160 -2.78 31.83 -53.46
C ASP I 160 -3.67 32.02 -52.23
N VAL I 161 -4.17 33.24 -52.04
CA VAL I 161 -5.06 33.55 -50.92
C VAL I 161 -6.29 32.64 -50.93
N HIS I 162 -6.57 32.07 -49.77
CA HIS I 162 -7.69 31.13 -49.58
C HIS I 162 -7.49 29.76 -50.26
N ASP I 163 -6.27 29.50 -50.72
CA ASP I 163 -5.93 28.17 -51.22
C ASP I 163 -5.17 27.36 -50.18
N TYR I 164 -4.98 26.07 -50.44
CA TYR I 164 -4.53 25.15 -49.40
C TYR I 164 -3.20 24.43 -49.65
N ILE I 165 -2.46 24.25 -48.57
CA ILE I 165 -1.29 23.37 -48.56
C ILE I 165 -1.24 22.62 -47.23
N SER I 166 -1.04 21.31 -47.28
CA SER I 166 -1.11 20.48 -46.09
C SER I 166 0.17 19.71 -45.78
N TYR I 167 0.33 19.31 -44.51
CA TYR I 167 1.53 18.61 -44.08
C TYR I 167 1.19 17.39 -43.21
N GLU I 168 1.59 16.21 -43.68
CA GLU I 168 1.42 14.98 -42.93
C GLU I 168 2.73 14.59 -42.25
N PHE I 169 2.73 14.59 -40.93
CA PHE I 169 3.96 14.30 -40.18
C PHE I 169 3.74 13.36 -39.00
N THR I 170 4.78 12.62 -38.66
CA THR I 170 4.74 11.69 -37.55
C THR I 170 5.66 12.16 -36.42
N ILE I 171 5.15 12.16 -35.20
CA ILE I 171 5.94 12.59 -34.05
C ILE I 171 6.99 11.52 -33.71
N PRO I 172 8.26 11.94 -33.64
CA PRO I 172 9.39 11.04 -33.37
C PRO I 172 9.24 10.27 -32.07
N GLY I 173 9.77 9.06 -32.03
CA GLY I 173 9.75 8.25 -30.82
C GLY I 173 8.70 7.16 -30.84
N ASN I 174 8.79 6.25 -29.87
CA ASN I 174 7.85 5.14 -29.78
C ASN I 174 6.50 5.55 -29.20
N PHE I 175 5.42 5.02 -29.76
CA PHE I 175 4.08 5.28 -29.28
C PHE I 175 3.74 4.41 -28.07
N ASN I 176 3.15 5.02 -27.04
CA ASN I 176 2.71 4.30 -25.86
C ASN I 176 1.48 4.93 -25.24
N ASN I 177 0.84 5.81 -26.01
CA ASN I 177 -0.36 6.53 -25.56
C ASN I 177 -0.10 7.35 -24.30
N LYS I 178 1.15 7.73 -24.08
CA LYS I 178 1.53 8.44 -22.86
C LYS I 178 2.62 9.48 -23.10
N ASP I 179 3.64 9.11 -23.85
CA ASP I 179 4.74 10.02 -24.14
C ASP I 179 4.34 11.10 -25.12
N THR I 180 4.77 12.34 -24.86
CA THR I 180 4.44 13.46 -25.72
C THR I 180 5.65 14.36 -25.97
N SER I 181 5.60 15.08 -27.09
CA SER I 181 6.61 16.08 -27.40
C SER I 181 5.92 17.42 -27.64
N ASN I 182 6.60 18.51 -27.29
CA ASN I 182 6.04 19.84 -27.47
C ASN I 182 6.26 20.33 -28.89
N ILE I 183 5.18 20.57 -29.61
CA ILE I 183 5.27 20.92 -31.04
C ILE I 183 4.90 22.37 -31.31
N ARG I 184 5.82 23.11 -31.92
CA ARG I 184 5.57 24.49 -32.30
C ARG I 184 5.47 24.62 -33.81
N LEU I 185 4.26 24.85 -34.30
CA LEU I 185 4.03 25.02 -35.73
C LEU I 185 3.88 26.51 -36.09
N TYR I 186 4.67 26.96 -37.05
CA TYR I 186 4.59 28.35 -37.50
C TYR I 186 5.16 28.57 -38.89
N THR I 187 4.81 29.71 -39.48
CA THR I 187 5.31 30.09 -40.80
C THR I 187 6.20 31.33 -40.68
N SER I 188 6.91 31.65 -41.76
CA SER I 188 7.95 32.69 -41.71
C SER I 188 7.46 34.08 -42.12
N TYR I 189 6.86 34.19 -43.30
CA TYR I 189 6.46 35.49 -43.82
C TYR I 189 5.02 35.55 -44.31
N ASN I 190 4.48 34.41 -44.73
CA ASN I 190 3.09 34.34 -45.15
C ASN I 190 2.16 33.98 -44.00
N GLN I 191 1.01 34.62 -43.95
CA GLN I 191 0.03 34.33 -42.91
C GLN I 191 -0.98 33.31 -43.41
N GLY I 192 -1.40 32.42 -42.52
CA GLY I 192 -2.37 31.40 -42.89
C GLY I 192 -3.11 30.85 -41.68
N ILE I 193 -4.30 30.31 -41.93
CA ILE I 193 -5.09 29.67 -40.90
C ILE I 193 -4.87 28.17 -40.96
N GLY I 194 -4.51 27.58 -39.82
CA GLY I 194 -4.22 26.15 -39.79
C GLY I 194 -5.24 25.35 -39.00
N THR I 195 -5.55 24.16 -39.51
CA THR I 195 -6.39 23.21 -38.81
C THR I 195 -5.56 21.95 -38.60
N LEU I 196 -5.39 21.57 -37.33
CA LEU I 196 -4.59 20.39 -37.01
C LEU I 196 -5.47 19.18 -36.77
N PHE I 197 -5.23 18.11 -37.53
CA PHE I 197 -5.96 16.85 -37.37
C PHE I 197 -5.01 15.76 -36.88
N ARG I 198 -5.54 14.81 -36.11
CA ARG I 198 -4.83 13.57 -35.87
C ARG I 198 -5.41 12.50 -36.79
N VAL I 199 -4.56 11.70 -37.41
CA VAL I 199 -5.05 10.72 -38.36
C VAL I 199 -5.00 9.28 -37.86
N THR I 200 -6.12 8.59 -38.02
CA THR I 200 -6.17 7.14 -37.86
C THR I 200 -6.50 6.56 -39.22
N GLU I 201 -6.28 5.27 -39.40
CA GLU I 201 -6.50 4.65 -40.71
C GLU I 201 -7.16 3.28 -40.61
N THR I 202 -8.12 3.03 -41.48
CA THR I 202 -8.76 1.72 -41.58
C THR I 202 -8.59 1.20 -43.01
N ILE I 203 -9.30 0.12 -43.33
CA ILE I 203 -9.31 -0.39 -44.69
C ILE I 203 -10.04 0.59 -45.62
N ASP I 204 -10.78 1.50 -45.03
CA ASP I 204 -11.58 2.47 -45.79
C ASP I 204 -10.90 3.82 -45.95
N GLY I 205 -9.70 3.96 -45.38
CA GLY I 205 -8.93 5.18 -45.54
C GLY I 205 -8.70 5.93 -44.24
N TYR I 206 -8.39 7.21 -44.37
CA TYR I 206 -8.07 8.06 -43.23
C TYR I 206 -9.29 8.50 -42.45
N ASN I 207 -9.15 8.51 -41.12
CA ASN I 207 -10.09 9.24 -40.29
C ASN I 207 -9.36 10.44 -39.70
N LEU I 208 -10.00 11.59 -39.75
CA LEU I 208 -9.37 12.80 -39.24
C LEU I 208 -10.07 13.25 -37.97
N ILE I 209 -9.30 13.35 -36.89
CA ILE I 209 -9.82 13.77 -35.60
C ILE I 209 -9.35 15.18 -35.26
N ASN I 210 -10.29 16.07 -34.96
CA ASN I 210 -9.98 17.44 -34.59
C ASN I 210 -9.06 17.55 -33.38
N ILE I 211 -7.92 18.20 -33.57
CA ILE I 211 -6.99 18.45 -32.48
C ILE I 211 -6.97 19.93 -32.10
N GLN I 212 -6.86 20.80 -33.11
CA GLN I 212 -6.80 22.24 -32.86
C GLN I 212 -7.27 23.02 -34.09
N GLN I 213 -8.12 24.02 -33.85
CA GLN I 213 -8.72 24.81 -34.92
C GLN I 213 -8.28 26.27 -34.90
N ASN I 214 -8.38 26.93 -36.05
CA ASN I 214 -8.09 28.36 -36.18
C ASN I 214 -6.71 28.78 -35.69
N LEU I 215 -5.68 28.10 -36.16
CA LEU I 215 -4.32 28.40 -35.76
C LEU I 215 -3.71 29.44 -36.70
N HIS I 216 -3.28 30.56 -36.14
CA HIS I 216 -2.65 31.62 -36.93
C HIS I 216 -1.15 31.39 -37.00
N LEU I 217 -0.70 30.80 -38.09
CA LEU I 217 0.67 30.29 -38.20
C LEU I 217 1.79 31.33 -38.10
N LEU I 218 1.60 32.50 -38.72
CA LEU I 218 2.69 33.49 -38.83
C LEU I 218 3.34 33.86 -37.50
N ASN I 219 4.56 33.38 -37.31
CA ASN I 219 5.32 33.59 -36.08
C ASN I 219 4.57 33.12 -34.82
N ASN I 220 3.85 32.01 -34.95
CA ASN I 220 3.07 31.46 -33.85
C ASN I 220 3.96 31.08 -32.66
N THR I 221 3.48 31.39 -31.46
CA THR I 221 4.22 31.11 -30.24
C THR I 221 3.63 29.92 -29.49
N ASN I 222 2.36 29.63 -29.75
CA ASN I 222 1.67 28.51 -29.11
C ASN I 222 2.29 27.16 -29.43
N SER I 223 2.59 26.40 -28.39
CA SER I 223 3.07 25.04 -28.55
C SER I 223 1.98 24.08 -28.13
N ILE I 224 1.93 22.93 -28.79
CA ILE I 224 0.96 21.90 -28.43
C ILE I 224 1.63 20.54 -28.23
N ARG I 225 1.26 19.85 -27.15
CA ARG I 225 1.82 18.55 -26.87
C ARG I 225 1.13 17.45 -27.69
N LEU I 226 1.90 16.83 -28.57
CA LEU I 226 1.38 15.75 -29.41
C LEU I 226 2.04 14.43 -29.01
N LEU I 227 1.32 13.34 -29.21
CA LEU I 227 1.80 12.01 -28.82
C LEU I 227 2.94 11.51 -29.69
N ASN I 228 4.01 11.06 -29.04
CA ASN I 228 5.11 10.37 -29.73
C ASN I 228 4.59 9.19 -30.55
N GLY I 229 5.05 9.08 -31.78
CA GLY I 229 4.67 7.97 -32.64
C GLY I 229 3.33 8.15 -33.32
N ALA I 230 2.61 9.20 -32.94
CA ALA I 230 1.30 9.48 -33.53
C ALA I 230 1.44 10.25 -34.84
N ILE I 231 0.38 10.25 -35.64
CA ILE I 231 0.44 10.88 -36.96
C ILE I 231 -0.57 12.02 -37.07
N TYR I 232 -0.12 13.15 -37.62
CA TYR I 232 -0.94 14.35 -37.68
C TYR I 232 -0.90 15.01 -39.06
N ILE I 233 -1.98 15.71 -39.38
CA ILE I 233 -2.04 16.50 -40.62
C ILE I 233 -2.42 17.95 -40.32
N LEU I 234 -1.57 18.87 -40.72
CA LEU I 234 -1.85 20.30 -40.59
C LEU I 234 -2.31 20.85 -41.93
N LYS I 235 -3.55 21.32 -42.00
CA LYS I 235 -4.07 21.95 -43.21
C LYS I 235 -3.93 23.47 -43.13
N VAL I 236 -3.23 24.05 -44.09
CA VAL I 236 -3.00 25.48 -44.08
C VAL I 236 -3.76 26.19 -45.19
N GLU I 237 -4.62 27.13 -44.80
CA GLU I 237 -5.28 28.02 -45.75
C GLU I 237 -4.55 29.36 -45.75
N VAL I 238 -3.94 29.71 -46.88
CA VAL I 238 -3.20 30.97 -47.00
C VAL I 238 -4.15 32.16 -46.94
N THR I 239 -3.77 33.19 -46.19
CA THR I 239 -4.58 34.39 -46.07
C THR I 239 -3.81 35.66 -46.42
N GLU I 240 -2.48 35.60 -46.34
CA GLU I 240 -1.62 36.71 -46.75
C GLU I 240 -0.47 36.22 -47.63
N LEU I 241 -0.49 36.62 -48.89
CA LEU I 241 0.56 36.24 -49.82
C LEU I 241 1.68 37.28 -49.81
N ASN I 242 2.58 37.17 -48.84
CA ASN I 242 3.67 38.12 -48.70
C ASN I 242 4.97 37.60 -49.31
N ASN I 243 4.95 36.35 -49.75
CA ASN I 243 6.12 35.73 -50.37
C ASN I 243 5.71 34.65 -51.35
N TYR I 244 6.50 34.46 -52.40
CA TYR I 244 6.24 33.43 -53.40
C TYR I 244 6.27 32.03 -52.78
N ASN I 245 7.03 31.90 -51.70
CA ASN I 245 7.16 30.63 -51.00
C ASN I 245 6.63 30.68 -49.58
N ILE I 246 5.98 29.61 -49.15
CA ILE I 246 5.61 29.47 -47.75
C ILE I 246 6.57 28.49 -47.07
N ARG I 247 7.12 28.89 -45.93
CA ARG I 247 8.02 28.03 -45.19
C ARG I 247 7.39 27.62 -43.87
N LEU I 248 7.10 26.33 -43.73
CA LEU I 248 6.50 25.81 -42.51
C LEU I 248 7.55 25.34 -41.52
N HIS I 249 7.43 25.78 -40.28
CA HIS I 249 8.33 25.32 -39.22
C HIS I 249 7.67 24.31 -38.31
N ILE I 250 8.33 23.16 -38.14
CA ILE I 250 7.95 22.20 -37.12
C ILE I 250 9.09 22.09 -36.12
N ASP I 251 9.00 22.86 -35.03
CA ASP I 251 10.05 22.86 -34.01
C ASP I 251 9.66 21.98 -32.83
N ILE I 252 10.48 20.99 -32.54
CA ILE I 252 10.15 19.99 -31.53
C ILE I 252 11.02 20.13 -30.27
N THR I 253 10.36 20.40 -29.15
CA THR I 253 11.02 20.45 -27.86
C THR I 253 10.54 19.30 -26.97
N ASN I 254 11.25 19.07 -25.87
CA ASN I 254 10.90 17.99 -24.96
C ASN I 254 9.71 18.32 -24.09
N TRP J 2 -19.50 27.76 -56.68
CA TRP J 2 -19.46 26.78 -55.60
C TRP J 2 -18.45 25.68 -55.85
N VAL J 3 -17.66 25.35 -54.84
CA VAL J 3 -16.76 24.20 -54.88
C VAL J 3 -17.13 23.25 -53.76
N ILE J 4 -18.10 22.38 -54.03
CA ILE J 4 -18.61 21.48 -53.00
C ILE J 4 -18.60 20.03 -53.47
N PRO J 5 -17.91 19.15 -52.73
CA PRO J 5 -17.78 17.74 -53.05
C PRO J 5 -18.97 16.96 -52.48
N PRO J 6 -19.10 15.67 -52.86
CA PRO J 6 -20.12 14.84 -52.21
C PRO J 6 -19.87 14.76 -50.72
N ILE J 7 -20.88 15.07 -49.91
CA ILE J 7 -20.74 15.07 -48.46
C ILE J 7 -21.50 13.91 -47.83
N SER J 8 -20.85 13.20 -46.94
CA SER J 8 -21.49 12.10 -46.23
C SER J 8 -20.97 11.99 -44.80
N CYS J 9 -21.68 11.22 -43.97
CA CYS J 9 -21.25 10.99 -42.60
C CYS J 9 -21.84 9.68 -42.06
N PRO J 10 -20.98 8.82 -41.51
CA PRO J 10 -21.42 7.52 -40.98
C PRO J 10 -22.30 7.68 -39.75
N GLU J 11 -23.26 6.78 -39.59
CA GLU J 11 -24.09 6.78 -38.39
C GLU J 11 -23.28 6.26 -37.21
N ASN J 12 -23.76 6.57 -36.01
CA ASN J 12 -23.18 6.04 -34.77
C ASN J 12 -21.74 6.50 -34.49
N GLU J 13 -21.42 7.74 -34.86
CA GLU J 13 -20.15 8.34 -34.46
C GLU J 13 -20.04 8.37 -32.95
N LYS J 14 -18.91 7.95 -32.41
CA LYS J 14 -18.79 7.66 -30.98
C LYS J 14 -18.20 8.80 -30.15
N GLY J 15 -17.91 9.93 -30.79
CA GLY J 15 -17.35 11.06 -30.08
C GLY J 15 -16.63 12.04 -30.98
N GLU J 16 -15.73 12.82 -30.39
CA GLU J 16 -14.96 13.84 -31.12
C GLU J 16 -15.86 14.86 -31.81
N PHE J 17 -16.88 15.33 -31.10
CA PHE J 17 -17.79 16.34 -31.64
C PHE J 17 -17.40 17.74 -31.14
N PRO J 18 -17.62 18.77 -31.97
CA PRO J 18 -18.18 18.69 -33.33
C PRO J 18 -17.18 18.15 -34.34
N LYS J 19 -17.69 17.54 -35.41
CA LYS J 19 -16.83 16.87 -36.39
C LYS J 19 -16.83 17.60 -37.72
N ASN J 20 -15.64 17.85 -38.26
CA ASN J 20 -15.52 18.49 -39.57
C ASN J 20 -15.91 17.56 -40.71
N LEU J 21 -16.83 18.02 -41.55
CA LEU J 21 -17.26 17.24 -42.70
C LEU J 21 -16.56 17.72 -43.97
N VAL J 22 -16.54 19.03 -44.17
CA VAL J 22 -15.90 19.63 -45.34
C VAL J 22 -15.81 21.14 -45.17
N GLN J 23 -14.86 21.76 -45.86
CA GLN J 23 -14.78 23.22 -45.92
C GLN J 23 -15.24 23.69 -47.29
N ILE J 24 -16.49 24.15 -47.38
CA ILE J 24 -17.02 24.59 -48.66
C ILE J 24 -16.50 26.00 -49.00
N LYS J 25 -16.53 26.34 -50.27
CA LYS J 25 -16.13 27.68 -50.69
C LYS J 25 -16.76 28.10 -52.00
N SER J 26 -16.89 29.41 -52.16
CA SER J 26 -17.12 30.02 -53.45
C SER J 26 -15.74 30.38 -53.97
N ASN J 27 -15.48 30.13 -55.24
CA ASN J 27 -14.17 30.48 -55.81
C ASN J 27 -14.03 31.98 -56.02
N ARG J 28 -15.09 32.72 -55.74
CA ARG J 28 -15.07 34.18 -55.84
C ARG J 28 -14.57 34.81 -54.55
N ASP J 29 -14.07 33.97 -53.64
CA ASP J 29 -13.66 34.46 -52.32
C ASP J 29 -12.40 35.31 -52.35
N LYS J 30 -11.75 35.38 -53.51
CA LYS J 30 -10.62 36.27 -53.66
C LYS J 30 -11.07 37.66 -54.10
N GLU J 31 -12.24 37.73 -54.74
CA GLU J 31 -12.77 38.98 -55.26
C GLU J 31 -13.24 39.91 -54.13
N THR J 32 -13.94 39.33 -53.17
CA THR J 32 -14.43 40.08 -52.02
C THR J 32 -14.66 39.10 -50.88
N LYS J 33 -14.78 39.61 -49.65
CA LYS J 33 -14.95 38.76 -48.49
C LYS J 33 -16.32 38.07 -48.50
N VAL J 34 -16.30 36.74 -48.35
CA VAL J 34 -17.51 35.93 -48.46
C VAL J 34 -17.91 35.36 -47.10
N PHE J 35 -19.21 35.38 -46.81
CA PHE J 35 -19.74 34.82 -45.57
C PHE J 35 -20.69 33.68 -45.88
N TYR J 36 -20.51 32.55 -45.21
CA TYR J 36 -21.28 31.35 -45.50
C TYR J 36 -22.34 31.05 -44.44
N SER J 37 -23.45 30.47 -44.88
CA SER J 37 -24.50 30.03 -43.97
C SER J 37 -25.25 28.85 -44.61
N ILE J 38 -25.95 28.08 -43.78
CA ILE J 38 -26.73 26.96 -44.29
C ILE J 38 -28.17 26.99 -43.81
N THR J 39 -29.06 26.46 -44.64
CA THR J 39 -30.47 26.32 -44.28
C THR J 39 -30.96 24.92 -44.59
N GLY J 40 -32.14 24.57 -44.11
CA GLY J 40 -32.71 23.26 -44.38
C GLY J 40 -32.91 22.44 -43.12
N GLN J 41 -33.66 21.35 -43.25
CA GLN J 41 -33.89 20.45 -42.14
C GLN J 41 -32.60 19.72 -41.77
N GLY J 42 -32.06 20.06 -40.60
CA GLY J 42 -30.75 19.59 -40.20
C GLY J 42 -29.90 20.77 -39.79
N ALA J 43 -30.22 21.93 -40.36
CA ALA J 43 -29.53 23.17 -40.04
C ALA J 43 -30.40 24.07 -39.15
N ASP J 44 -31.26 24.87 -39.78
CA ASP J 44 -32.11 25.82 -39.05
C ASP J 44 -33.56 25.35 -38.96
N LYS J 45 -33.84 24.22 -39.61
CA LYS J 45 -35.16 23.60 -39.54
C LYS J 45 -35.03 22.24 -38.84
N PRO J 46 -36.12 21.78 -38.19
CA PRO J 46 -36.13 20.51 -37.44
C PRO J 46 -35.61 19.32 -38.25
N PRO J 47 -34.61 18.59 -37.71
CA PRO J 47 -33.98 18.86 -36.41
C PRO J 47 -32.92 19.97 -36.49
N VAL J 48 -32.97 20.89 -35.54
CA VAL J 48 -32.11 22.07 -35.59
C VAL J 48 -30.73 21.81 -34.96
N GLY J 49 -29.69 22.28 -35.64
CA GLY J 49 -28.35 22.29 -35.08
C GLY J 49 -27.55 21.01 -35.26
N VAL J 50 -28.05 20.08 -36.05
CA VAL J 50 -27.31 18.86 -36.34
C VAL J 50 -26.08 19.21 -37.17
N PHE J 51 -26.30 20.02 -38.21
CA PHE J 51 -25.20 20.53 -39.03
C PHE J 51 -25.08 22.04 -38.89
N ILE J 52 -23.87 22.49 -38.56
CA ILE J 52 -23.61 23.93 -38.48
C ILE J 52 -22.46 24.29 -39.41
N ILE J 53 -22.35 25.57 -39.75
CA ILE J 53 -21.25 26.04 -40.58
C ILE J 53 -20.56 27.25 -39.95
N GLU J 54 -19.24 27.31 -40.09
CA GLU J 54 -18.48 28.46 -39.65
C GLU J 54 -18.65 29.56 -40.69
N ARG J 55 -19.18 30.71 -40.26
CA ARG J 55 -19.56 31.78 -41.16
C ARG J 55 -18.41 32.33 -42.02
N GLU J 56 -17.22 32.46 -41.43
CA GLU J 56 -16.11 33.11 -42.13
C GLU J 56 -15.12 32.16 -42.80
N THR J 57 -15.19 30.87 -42.50
CA THR J 57 -14.23 29.92 -43.05
C THR J 57 -14.87 28.90 -44.00
N GLY J 58 -16.15 28.61 -43.78
CA GLY J 58 -16.86 27.65 -44.61
C GLY J 58 -16.77 26.23 -44.08
N TRP J 59 -16.30 26.11 -42.84
CA TRP J 59 -16.17 24.79 -42.23
C TRP J 59 -17.53 24.22 -41.82
N LEU J 60 -17.95 23.17 -42.52
CA LEU J 60 -19.22 22.53 -42.27
C LEU J 60 -19.02 21.37 -41.29
N LYS J 61 -19.80 21.35 -40.22
CA LYS J 61 -19.61 20.34 -39.19
C LYS J 61 -20.90 19.60 -38.84
N VAL J 62 -20.74 18.42 -38.24
CA VAL J 62 -21.86 17.69 -37.66
C VAL J 62 -21.66 17.66 -36.14
N THR J 63 -22.74 17.92 -35.40
CA THR J 63 -22.62 18.15 -33.95
C THR J 63 -22.98 16.95 -33.08
N GLN J 64 -23.67 15.97 -33.66
CA GLN J 64 -24.15 14.83 -32.88
C GLN J 64 -24.11 13.53 -33.70
N PRO J 65 -24.22 12.37 -33.02
CA PRO J 65 -24.30 11.10 -33.75
C PRO J 65 -25.57 11.02 -34.61
N LEU J 66 -25.47 10.39 -35.77
CA LEU J 66 -26.60 10.20 -36.67
C LEU J 66 -27.10 8.76 -36.66
N ASP J 67 -28.32 8.57 -37.17
CA ASP J 67 -28.89 7.23 -37.33
C ASP J 67 -29.61 7.14 -38.68
N ARG J 68 -29.08 6.31 -39.57
CA ARG J 68 -29.60 6.22 -40.94
C ARG J 68 -31.02 5.66 -40.97
N GLU J 69 -31.35 4.81 -40.01
CA GLU J 69 -32.66 4.18 -39.97
C GLU J 69 -33.76 5.15 -39.53
N ALA J 70 -33.35 6.32 -39.05
CA ALA J 70 -34.31 7.37 -38.70
C ALA J 70 -34.33 8.45 -39.77
N ILE J 71 -33.16 8.96 -40.11
CA ILE J 71 -33.00 9.92 -41.20
C ILE J 71 -31.81 9.53 -42.07
N ALA J 72 -32.08 9.15 -43.32
CA ALA J 72 -31.04 8.62 -44.20
C ALA J 72 -30.27 9.69 -44.95
N LYS J 73 -30.92 10.81 -45.21
CA LYS J 73 -30.28 11.92 -45.91
C LYS J 73 -30.85 13.27 -45.50
N TYR J 74 -29.99 14.28 -45.44
CA TYR J 74 -30.40 15.62 -45.08
C TYR J 74 -30.30 16.55 -46.29
N ILE J 75 -31.39 17.26 -46.59
CA ILE J 75 -31.40 18.19 -47.71
C ILE J 75 -31.10 19.60 -47.22
N LEU J 76 -29.90 20.08 -47.52
CA LEU J 76 -29.46 21.40 -47.06
C LEU J 76 -29.24 22.39 -48.20
N TYR J 77 -29.06 23.66 -47.84
CA TYR J 77 -28.79 24.70 -48.83
C TYR J 77 -27.72 25.68 -48.34
N SER J 78 -26.62 25.75 -49.09
CA SER J 78 -25.55 26.68 -48.75
C SER J 78 -25.81 28.07 -49.33
N HIS J 79 -25.34 29.09 -48.62
CA HIS J 79 -25.51 30.47 -49.06
C HIS J 79 -24.19 31.21 -48.92
N ALA J 80 -23.93 32.11 -49.87
CA ALA J 80 -22.70 32.89 -49.85
C ALA J 80 -23.00 34.35 -50.13
N VAL J 81 -22.76 35.20 -49.13
CA VAL J 81 -22.99 36.63 -49.30
C VAL J 81 -21.71 37.44 -49.06
N SER J 82 -21.76 38.72 -49.41
CA SER J 82 -20.61 39.60 -49.25
C SER J 82 -20.86 40.58 -48.11
N SER J 83 -20.02 41.61 -48.01
CA SER J 83 -20.12 42.58 -46.92
C SER J 83 -21.46 43.30 -46.91
N ASN J 84 -21.93 43.72 -48.08
CA ASN J 84 -23.16 44.49 -48.17
C ASN J 84 -24.43 43.64 -48.08
N GLY J 85 -24.26 42.34 -47.85
CA GLY J 85 -25.38 41.44 -47.72
C GLY J 85 -25.83 40.83 -49.03
N GLU J 86 -25.30 41.35 -50.13
CA GLU J 86 -25.60 40.83 -51.46
C GLU J 86 -24.94 39.48 -51.68
N ALA J 87 -25.62 38.59 -52.38
CA ALA J 87 -25.11 37.25 -52.64
C ALA J 87 -24.04 37.24 -53.74
N VAL J 88 -23.09 36.31 -53.63
CA VAL J 88 -22.07 36.13 -54.64
C VAL J 88 -22.27 34.80 -55.38
N GLU J 89 -23.23 34.02 -54.91
CA GLU J 89 -23.58 32.76 -55.55
C GLU J 89 -25.07 32.52 -55.43
N ASP J 90 -25.63 31.75 -56.38
CA ASP J 90 -26.96 31.21 -56.22
C ASP J 90 -26.90 30.15 -55.14
N PRO J 91 -27.95 30.07 -54.30
CA PRO J 91 -28.00 29.08 -53.22
C PRO J 91 -27.88 27.66 -53.78
N MET J 92 -26.93 26.89 -53.26
CA MET J 92 -26.66 25.55 -53.76
C MET J 92 -27.20 24.47 -52.83
N GLU J 93 -27.92 23.50 -53.39
CA GLU J 93 -28.46 22.39 -52.61
C GLU J 93 -27.35 21.40 -52.24
N ILE J 94 -27.33 21.00 -50.98
CA ILE J 94 -26.35 20.04 -50.49
C ILE J 94 -27.05 18.85 -49.84
N VAL J 95 -26.90 17.68 -50.44
CA VAL J 95 -27.48 16.46 -49.90
C VAL J 95 -26.45 15.67 -49.11
N ILE J 96 -26.57 15.69 -47.79
CA ILE J 96 -25.67 14.91 -46.94
C ILE J 96 -26.27 13.55 -46.63
N THR J 97 -25.72 12.51 -47.26
CA THR J 97 -26.19 11.15 -47.05
C THR J 97 -25.60 10.57 -45.77
N VAL J 98 -26.39 9.77 -45.06
CA VAL J 98 -25.90 9.12 -43.85
C VAL J 98 -25.39 7.72 -44.21
N THR J 99 -24.08 7.53 -44.03
CA THR J 99 -23.47 6.26 -44.40
C THR J 99 -23.90 5.15 -43.45
N ASP J 100 -24.30 4.01 -44.02
CA ASP J 100 -24.91 2.93 -43.24
C ASP J 100 -23.89 2.09 -42.47
N GLN J 101 -24.21 1.82 -41.22
CA GLN J 101 -23.53 0.79 -40.44
C GLN J 101 -24.45 -0.42 -40.35
N ASN J 102 -23.87 -1.61 -40.35
CA ASN J 102 -24.64 -2.82 -40.14
C ASN J 102 -25.00 -2.97 -38.67
N ASP J 103 -25.88 -2.12 -38.19
CA ASP J 103 -26.26 -2.11 -36.78
C ASP J 103 -27.64 -2.72 -36.54
N ASN J 104 -28.18 -3.36 -37.56
CA ASN J 104 -29.46 -4.03 -37.41
C ASN J 104 -29.39 -5.54 -37.68
N ARG J 105 -29.76 -6.31 -36.67
CA ARG J 105 -29.84 -7.76 -36.80
C ARG J 105 -31.07 -8.08 -37.63
N PRO J 106 -30.97 -9.10 -38.51
CA PRO J 106 -32.14 -9.59 -39.23
C PRO J 106 -33.21 -10.07 -38.25
N GLU J 107 -34.47 -9.93 -38.63
CA GLU J 107 -35.59 -10.33 -37.80
C GLU J 107 -36.58 -11.16 -38.60
N PHE J 108 -36.81 -12.41 -38.18
CA PHE J 108 -37.79 -13.26 -38.83
C PHE J 108 -39.19 -12.70 -38.67
N THR J 109 -40.01 -12.84 -39.71
CA THR J 109 -41.38 -12.33 -39.69
C THR J 109 -42.23 -13.05 -38.65
N GLN J 110 -42.08 -14.37 -38.59
CA GLN J 110 -42.78 -15.18 -37.58
C GLN J 110 -41.77 -15.90 -36.71
N GLU J 111 -42.12 -16.11 -35.44
CA GLU J 111 -41.22 -16.82 -34.52
C GLU J 111 -41.28 -18.32 -34.79
N VAL J 112 -42.42 -18.78 -35.28
CA VAL J 112 -42.59 -20.19 -35.65
C VAL J 112 -43.30 -20.31 -36.99
N PHE J 113 -42.62 -20.90 -37.97
CA PHE J 113 -43.22 -21.15 -39.28
C PHE J 113 -43.76 -22.57 -39.35
N GLU J 114 -45.01 -22.72 -39.78
CA GLU J 114 -45.61 -24.03 -39.97
C GLU J 114 -45.77 -24.36 -41.45
N GLY J 115 -45.42 -25.59 -41.83
CA GLY J 115 -45.55 -26.04 -43.20
C GLY J 115 -45.88 -27.51 -43.29
N SER J 116 -46.27 -27.96 -44.49
CA SER J 116 -46.65 -29.35 -44.72
C SER J 116 -46.01 -29.88 -46.00
N VAL J 117 -45.47 -31.09 -45.93
CA VAL J 117 -44.88 -31.78 -47.07
C VAL J 117 -45.73 -33.01 -47.39
N ALA J 118 -45.83 -33.37 -48.66
CA ALA J 118 -46.59 -34.56 -49.06
C ALA J 118 -45.97 -35.79 -48.40
N GLU J 119 -46.77 -36.84 -48.26
CA GLU J 119 -46.31 -38.08 -47.65
C GLU J 119 -44.91 -38.45 -48.14
N GLY J 120 -44.77 -38.54 -49.47
CA GLY J 120 -43.49 -38.88 -50.07
C GLY J 120 -43.29 -38.16 -51.39
N ALA J 121 -43.18 -36.84 -51.33
CA ALA J 121 -43.01 -36.03 -52.52
C ALA J 121 -41.57 -36.09 -53.04
N VAL J 122 -41.43 -36.05 -54.36
CA VAL J 122 -40.11 -36.08 -55.00
C VAL J 122 -39.26 -34.89 -54.55
N PRO J 123 -37.99 -35.15 -54.18
CA PRO J 123 -37.07 -34.09 -53.76
C PRO J 123 -37.04 -32.92 -54.76
N GLY J 124 -36.91 -31.70 -54.22
CA GLY J 124 -37.01 -30.51 -55.04
C GLY J 124 -38.39 -29.91 -54.89
N THR J 125 -39.22 -30.59 -54.11
CA THR J 125 -40.59 -30.16 -53.85
C THR J 125 -40.62 -29.00 -52.86
N SER J 126 -41.16 -27.87 -53.30
CA SER J 126 -41.27 -26.68 -52.44
C SER J 126 -42.23 -26.93 -51.28
N VAL J 127 -41.67 -27.05 -50.07
CA VAL J 127 -42.45 -27.34 -48.88
C VAL J 127 -43.03 -26.06 -48.27
N MET J 128 -42.16 -25.14 -47.90
CA MET J 128 -42.58 -23.88 -47.29
C MET J 128 -41.64 -22.74 -47.64
N LYS J 129 -41.81 -21.61 -46.95
CA LYS J 129 -40.96 -20.44 -47.15
C LYS J 129 -40.83 -19.62 -45.88
N VAL J 130 -39.61 -19.48 -45.38
CA VAL J 130 -39.33 -18.64 -44.23
C VAL J 130 -38.93 -17.24 -44.68
N SER J 131 -39.08 -16.25 -43.81
CA SER J 131 -38.84 -14.87 -44.19
C SER J 131 -38.30 -14.02 -43.04
N ALA J 132 -37.37 -13.13 -43.37
CA ALA J 132 -36.83 -12.19 -42.39
C ALA J 132 -36.60 -10.84 -43.05
N THR J 133 -36.56 -9.79 -42.22
CA THR J 133 -36.32 -8.44 -42.71
C THR J 133 -35.08 -7.86 -42.05
N ASP J 134 -34.46 -6.89 -42.70
CA ASP J 134 -33.28 -6.21 -42.16
C ASP J 134 -33.41 -4.72 -42.46
N ALA J 135 -33.41 -3.91 -41.42
CA ALA J 135 -33.69 -2.48 -41.53
C ALA J 135 -32.52 -1.67 -42.09
N ASP J 136 -31.38 -2.32 -42.30
CA ASP J 136 -30.20 -1.64 -42.84
C ASP J 136 -30.36 -1.31 -44.33
N ASP J 137 -29.36 -0.62 -44.87
CA ASP J 137 -29.41 -0.11 -46.23
C ASP J 137 -29.25 -1.21 -47.27
N ASP J 138 -30.38 -1.65 -47.83
CA ASP J 138 -30.39 -2.75 -48.80
C ASP J 138 -29.92 -2.29 -50.17
N VAL J 139 -29.87 -0.98 -50.38
CA VAL J 139 -29.52 -0.43 -51.69
C VAL J 139 -28.01 -0.33 -51.91
N ASN J 140 -27.32 0.36 -50.99
CA ASN J 140 -25.90 0.65 -51.17
C ASN J 140 -24.93 -0.36 -50.55
N THR J 141 -25.43 -1.18 -49.62
CA THR J 141 -24.57 -2.14 -48.94
C THR J 141 -25.16 -3.55 -48.94
N TYR J 142 -24.38 -4.50 -48.44
CA TYR J 142 -24.87 -5.86 -48.23
C TYR J 142 -25.33 -6.03 -46.79
N ASN J 143 -25.46 -4.92 -46.07
CA ASN J 143 -25.83 -4.94 -44.66
C ASN J 143 -27.24 -5.50 -44.40
N ALA J 144 -28.02 -5.62 -45.47
CA ALA J 144 -29.36 -6.18 -45.38
C ALA J 144 -29.51 -7.36 -46.35
N ALA J 145 -28.38 -7.91 -46.78
CA ALA J 145 -28.39 -9.06 -47.70
C ALA J 145 -28.51 -10.37 -46.93
N ILE J 146 -29.75 -10.80 -46.70
CA ILE J 146 -30.02 -11.97 -45.87
C ILE J 146 -29.80 -13.29 -46.59
N ALA J 147 -28.98 -14.15 -46.00
CA ALA J 147 -28.82 -15.52 -46.47
C ALA J 147 -29.48 -16.49 -45.47
N TYR J 148 -30.31 -17.39 -45.99
CA TYR J 148 -31.00 -18.36 -45.15
C TYR J 148 -30.29 -19.70 -45.11
N THR J 149 -30.15 -20.26 -43.92
CA THR J 149 -29.58 -21.60 -43.77
C THR J 149 -30.36 -22.42 -42.74
N ILE J 150 -30.19 -23.74 -42.81
CA ILE J 150 -30.73 -24.64 -41.80
C ILE J 150 -29.57 -25.06 -40.91
N VAL J 151 -29.75 -24.97 -39.60
CA VAL J 151 -28.66 -25.27 -38.66
C VAL J 151 -28.93 -26.51 -37.83
N SER J 152 -30.19 -26.96 -37.81
CA SER J 152 -30.58 -28.06 -36.94
C SER J 152 -31.88 -28.72 -37.39
N GLN J 153 -31.88 -30.05 -37.43
CA GLN J 153 -33.09 -30.82 -37.72
C GLN J 153 -33.38 -31.81 -36.60
N ASP J 154 -34.61 -31.79 -36.10
CA ASP J 154 -35.02 -32.73 -35.06
C ASP J 154 -36.34 -33.38 -35.45
N PRO J 155 -36.37 -34.72 -35.49
CA PRO J 155 -35.23 -35.59 -35.18
C PRO J 155 -34.31 -35.80 -36.38
N GLU J 156 -33.11 -36.30 -36.13
CA GLU J 156 -32.18 -36.64 -37.20
C GLU J 156 -32.51 -38.02 -37.77
N LEU J 157 -33.76 -38.18 -38.21
CA LEU J 157 -34.26 -39.46 -38.70
C LEU J 157 -35.16 -39.26 -39.92
N PRO J 158 -35.08 -40.18 -40.90
CA PRO J 158 -34.21 -41.36 -40.93
C PRO J 158 -32.76 -40.99 -41.22
N HIS J 159 -32.51 -39.73 -41.54
CA HIS J 159 -31.16 -39.21 -41.63
C HIS J 159 -31.10 -37.71 -41.34
N LYS J 160 -29.88 -37.18 -41.25
CA LYS J 160 -29.65 -35.83 -40.74
C LYS J 160 -30.29 -34.71 -41.57
N ASN J 161 -30.09 -34.74 -42.89
CA ASN J 161 -30.52 -33.63 -43.73
C ASN J 161 -31.64 -33.98 -44.71
N MET J 162 -32.89 -33.87 -44.24
CA MET J 162 -34.05 -34.21 -45.05
C MET J 162 -34.52 -33.05 -45.91
N PHE J 163 -34.18 -31.83 -45.50
CA PHE J 163 -34.60 -30.63 -46.21
C PHE J 163 -33.44 -29.69 -46.52
N THR J 164 -33.66 -28.78 -47.46
CA THR J 164 -32.72 -27.71 -47.75
C THR J 164 -33.46 -26.38 -47.90
N VAL J 165 -32.71 -25.29 -47.90
CA VAL J 165 -33.31 -23.97 -48.06
C VAL J 165 -32.55 -23.13 -49.09
N ASN J 166 -33.29 -22.47 -49.97
CA ASN J 166 -32.71 -21.51 -50.90
C ASN J 166 -32.21 -20.30 -50.11
N ARG J 167 -30.91 -20.05 -50.15
CA ARG J 167 -30.31 -19.00 -49.35
C ARG J 167 -30.72 -17.60 -49.78
N ASP J 168 -31.34 -17.50 -50.96
CA ASP J 168 -31.76 -16.20 -51.48
C ASP J 168 -33.24 -15.91 -51.23
N THR J 169 -34.09 -16.91 -51.45
CA THR J 169 -35.53 -16.72 -51.35
C THR J 169 -36.08 -17.08 -49.97
N GLY J 170 -35.55 -18.15 -49.39
CA GLY J 170 -36.01 -18.60 -48.08
C GLY J 170 -36.98 -19.76 -48.18
N VAL J 171 -37.22 -20.24 -49.40
CA VAL J 171 -38.09 -21.39 -49.59
C VAL J 171 -37.40 -22.66 -49.11
N ILE J 172 -38.15 -23.50 -48.40
CA ILE J 172 -37.62 -24.76 -47.89
C ILE J 172 -38.17 -25.92 -48.71
N SER J 173 -37.28 -26.77 -49.21
CA SER J 173 -37.68 -27.87 -50.07
C SER J 173 -37.13 -29.21 -49.59
N VAL J 174 -37.72 -30.29 -50.07
CA VAL J 174 -37.25 -31.63 -49.77
C VAL J 174 -35.90 -31.87 -50.45
N LEU J 175 -34.92 -32.31 -49.66
CA LEU J 175 -33.59 -32.61 -50.22
C LEU J 175 -33.50 -34.06 -50.65
N THR J 176 -33.92 -34.97 -49.78
CA THR J 176 -33.79 -36.40 -50.02
C THR J 176 -35.08 -37.16 -49.70
N SER J 177 -35.33 -38.24 -50.44
CA SER J 177 -36.50 -39.09 -50.21
C SER J 177 -36.34 -39.91 -48.93
N GLY J 178 -37.45 -40.50 -48.48
CA GLY J 178 -37.45 -41.34 -47.30
C GLY J 178 -38.41 -40.86 -46.24
N LEU J 179 -39.30 -39.94 -46.61
CA LEU J 179 -40.26 -39.39 -45.67
C LEU J 179 -41.38 -40.39 -45.34
N ASP J 180 -41.44 -40.77 -44.07
CA ASP J 180 -42.43 -41.74 -43.61
C ASP J 180 -43.31 -41.14 -42.51
N ARG J 181 -44.61 -41.09 -42.77
CA ARG J 181 -45.55 -40.42 -41.88
C ARG J 181 -45.70 -41.08 -40.52
N GLU J 182 -45.80 -42.41 -40.51
CA GLU J 182 -46.08 -43.16 -39.29
C GLU J 182 -44.94 -43.10 -38.26
N SER J 183 -43.70 -43.07 -38.73
CA SER J 183 -42.56 -43.03 -37.83
C SER J 183 -42.21 -41.60 -37.42
N TYR J 184 -42.05 -40.72 -38.39
CA TYR J 184 -41.65 -39.34 -38.12
C TYR J 184 -42.59 -38.35 -38.82
N PRO J 185 -43.70 -37.99 -38.15
CA PRO J 185 -44.72 -37.11 -38.71
C PRO J 185 -44.43 -35.64 -38.50
N THR J 186 -43.45 -35.32 -37.66
CA THR J 186 -43.15 -33.93 -37.35
C THR J 186 -41.65 -33.63 -37.29
N TYR J 187 -41.27 -32.52 -37.92
CA TYR J 187 -39.87 -32.09 -37.96
C TYR J 187 -39.72 -30.63 -37.57
N THR J 188 -38.89 -30.38 -36.56
CA THR J 188 -38.59 -29.01 -36.15
C THR J 188 -37.24 -28.57 -36.71
N LEU J 189 -37.26 -27.57 -37.58
CA LEU J 189 -36.04 -27.04 -38.16
C LEU J 189 -35.66 -25.72 -37.51
N VAL J 190 -34.45 -25.67 -36.94
CA VAL J 190 -33.91 -24.40 -36.50
C VAL J 190 -33.17 -23.77 -37.67
N VAL J 191 -33.77 -22.71 -38.23
CA VAL J 191 -33.20 -22.06 -39.41
C VAL J 191 -32.59 -20.71 -39.05
N GLN J 192 -31.62 -20.28 -39.85
CA GLN J 192 -30.88 -19.06 -39.57
C GLN J 192 -30.99 -18.06 -40.71
N ALA J 193 -30.92 -16.77 -40.36
CA ALA J 193 -30.89 -15.71 -41.34
C ALA J 193 -29.79 -14.73 -40.98
N ALA J 194 -28.80 -14.59 -41.85
CA ALA J 194 -27.67 -13.73 -41.58
C ALA J 194 -27.43 -12.72 -42.71
N ASP J 195 -27.23 -11.45 -42.33
CA ASP J 195 -26.89 -10.42 -43.31
C ASP J 195 -25.42 -10.52 -43.72
N LEU J 196 -24.97 -9.55 -44.51
CA LEU J 196 -23.65 -9.62 -45.13
C LEU J 196 -23.49 -10.93 -45.89
N GLN J 197 -24.58 -11.35 -46.53
CA GLN J 197 -24.62 -12.57 -47.32
C GLN J 197 -24.28 -13.83 -46.51
N GLY J 198 -24.62 -13.81 -45.23
CA GLY J 198 -24.45 -14.98 -44.37
C GLY J 198 -23.36 -14.86 -43.33
N GLU J 199 -22.44 -13.91 -43.52
CA GLU J 199 -21.28 -13.77 -42.64
C GLU J 199 -21.42 -12.63 -41.64
N GLY J 200 -22.62 -12.06 -41.53
CA GLY J 200 -22.83 -10.93 -40.65
C GLY J 200 -23.64 -11.26 -39.41
N LEU J 201 -24.53 -10.34 -39.05
CA LEU J 201 -25.42 -10.53 -37.91
C LEU J 201 -26.45 -11.59 -38.24
N SER J 202 -26.71 -12.49 -37.29
CA SER J 202 -27.62 -13.60 -37.53
C SER J 202 -28.72 -13.70 -36.49
N THR J 203 -29.82 -14.35 -36.88
CA THR J 203 -30.90 -14.68 -35.96
C THR J 203 -31.45 -16.06 -36.33
N THR J 204 -32.15 -16.70 -35.41
CA THR J 204 -32.70 -18.02 -35.68
C THR J 204 -34.22 -18.07 -35.51
N ALA J 205 -34.84 -19.09 -36.10
CA ALA J 205 -36.27 -19.33 -35.96
C ALA J 205 -36.58 -20.80 -36.17
N LYS J 206 -37.82 -21.18 -35.87
CA LYS J 206 -38.23 -22.57 -35.97
C LYS J 206 -39.21 -22.80 -37.11
N ALA J 207 -38.98 -23.86 -37.87
CA ALA J 207 -39.89 -24.28 -38.92
C ALA J 207 -40.37 -25.69 -38.64
N VAL J 208 -41.62 -25.82 -38.20
CA VAL J 208 -42.18 -27.12 -37.85
C VAL J 208 -42.92 -27.74 -39.03
N ILE J 209 -42.38 -28.85 -39.55
CA ILE J 209 -42.95 -29.51 -40.72
C ILE J 209 -43.72 -30.76 -40.34
N THR J 210 -45.00 -30.82 -40.72
CA THR J 210 -45.84 -31.95 -40.39
C THR J 210 -46.13 -32.84 -41.61
N VAL J 211 -45.58 -34.05 -41.59
CA VAL J 211 -45.85 -35.03 -42.63
C VAL J 211 -47.30 -35.50 -42.49
N LYS J 212 -47.99 -35.65 -43.61
CA LYS J 212 -49.44 -35.77 -43.59
C LYS J 212 -49.97 -37.05 -44.24
N ASP J 213 -51.28 -37.24 -44.12
CA ASP J 213 -51.97 -38.34 -44.78
C ASP J 213 -52.89 -37.81 -45.88
#